data_2DXP
# 
_entry.id   2DXP 
# 
_audit_conform.dict_name       mmcif_pdbx.dic 
_audit_conform.dict_version    5.397 
_audit_conform.dict_location   http://mmcif.pdb.org/dictionaries/ascii/mmcif_pdbx.dic 
# 
loop_
_database_2.database_id 
_database_2.database_code 
_database_2.pdbx_database_accession 
_database_2.pdbx_DOI 
PDB   2DXP         pdb_00002dxp 10.2210/pdb2dxp/pdb 
RCSB  RCSB025972   ?            ?                   
WWPDB D_1000025972 ?            ?                   
# 
loop_
_pdbx_audit_revision_history.ordinal 
_pdbx_audit_revision_history.data_content_type 
_pdbx_audit_revision_history.major_revision 
_pdbx_audit_revision_history.minor_revision 
_pdbx_audit_revision_history.revision_date 
1 'Structure model' 1 0 2007-03-13 
2 'Structure model' 1 1 2008-04-30 
3 'Structure model' 1 2 2011-07-13 
4 'Structure model' 1 3 2021-11-10 
5 'Structure model' 1 4 2023-10-25 
6 'Structure model' 1 5 2023-11-15 
7 'Structure model' 1 6 2024-10-16 
# 
_pdbx_audit_revision_details.ordinal             1 
_pdbx_audit_revision_details.revision_ordinal    1 
_pdbx_audit_revision_details.data_content_type   'Structure model' 
_pdbx_audit_revision_details.provider            repository 
_pdbx_audit_revision_details.type                'Initial release' 
_pdbx_audit_revision_details.description         ? 
_pdbx_audit_revision_details.details             ? 
# 
loop_
_pdbx_audit_revision_group.ordinal 
_pdbx_audit_revision_group.revision_ordinal 
_pdbx_audit_revision_group.data_content_type 
_pdbx_audit_revision_group.group 
1 2 'Structure model' 'Version format compliance' 
2 3 'Structure model' 'Version format compliance' 
3 4 'Structure model' 'Database references'       
4 4 'Structure model' 'Derived calculations'      
5 5 'Structure model' 'Data collection'           
6 5 'Structure model' 'Refinement description'    
7 6 'Structure model' 'Data collection'           
8 7 'Structure model' 'Structure summary'         
# 
loop_
_pdbx_audit_revision_category.ordinal 
_pdbx_audit_revision_category.revision_ordinal 
_pdbx_audit_revision_category.data_content_type 
_pdbx_audit_revision_category.category 
1  4 'Structure model' database_2                    
2  4 'Structure model' struct_conn                   
3  4 'Structure model' struct_ref_seq_dif            
4  5 'Structure model' chem_comp_atom                
5  5 'Structure model' chem_comp_bond                
6  5 'Structure model' pdbx_initial_refinement_model 
7  6 'Structure model' chem_comp_atom                
8  6 'Structure model' chem_comp_bond                
9  7 'Structure model' pdbx_entry_details            
10 7 'Structure model' pdbx_modification_feature     
# 
loop_
_pdbx_audit_revision_item.ordinal 
_pdbx_audit_revision_item.revision_ordinal 
_pdbx_audit_revision_item.data_content_type 
_pdbx_audit_revision_item.item 
1 4 'Structure model' '_database_2.pdbx_DOI'                
2 4 'Structure model' '_database_2.pdbx_database_accession' 
3 4 'Structure model' '_struct_conn.pdbx_leaving_atom_flag' 
4 4 'Structure model' '_struct_ref_seq_dif.details'         
5 6 'Structure model' '_chem_comp_atom.atom_id'             
6 6 'Structure model' '_chem_comp_bond.atom_id_2'           
# 
_pdbx_database_status.status_code                     REL 
_pdbx_database_status.entry_id                        2DXP 
_pdbx_database_status.recvd_initial_deposition_date   2006-08-29 
_pdbx_database_status.deposit_site                    PDBJ 
_pdbx_database_status.process_site                    PDBJ 
_pdbx_database_status.status_code_sf                  REL 
_pdbx_database_status.status_code_mr                  ? 
_pdbx_database_status.SG_entry                        ? 
_pdbx_database_status.pdb_format_compatible           Y 
_pdbx_database_status.status_code_cs                  ? 
_pdbx_database_status.status_code_nmr_data            ? 
_pdbx_database_status.methods_development_category    ? 
# 
loop_
_pdbx_database_related.db_name 
_pdbx_database_related.db_id 
_pdbx_database_related.details 
_pdbx_database_related.content_type 
PDB 2I6I 'the same protein'                                   unspecified 
PDB 2I6J 'the same protein with phosphate ion'                unspecified 
PDB 2I6M 'the same protein with Tungstate'                    unspecified 
PDB 2I6O 'the same protein with phosphopeptides N-G-(p)Y-K-N' unspecified 
PDB 2I6P 'the same protein with pNPP'                         unspecified 
# 
loop_
_audit_author.name 
_audit_author.pdbx_ordinal 
'Chu, H.M.'    1 
'Wang, A.H.J.' 2 
# 
_citation.id                        primary 
_citation.title                     
;Enzyme-substrate interactions revealed by the crystal structures of the archaeal Sulfolobus PTP-fold phosphatase and its phosphopeptide complexes
;
_citation.journal_abbrev            Proteins 
_citation.journal_volume            66 
_citation.page_first                996 
_citation.page_last                 1003 
_citation.year                      2006 
_citation.journal_id_ASTM           PSFGEY 
_citation.country                   US 
_citation.journal_id_ISSN           0887-3585 
_citation.journal_id_CSD            0867 
_citation.book_publisher            ? 
_citation.pdbx_database_id_PubMed   17173287 
_citation.pdbx_database_id_DOI      10.1002/prot.21262 
# 
loop_
_citation_author.citation_id 
_citation_author.name 
_citation_author.ordinal 
_citation_author.identifier_ORCID 
primary 'Chu, H.M.'    1 ? 
primary 'Wang, A.H.J.' 2 ? 
# 
loop_
_entity.id 
_entity.type 
_entity.src_method 
_entity.pdbx_description 
_entity.formula_weight 
_entity.pdbx_number_of_molecules 
_entity.pdbx_ec 
_entity.pdbx_mutation 
_entity.pdbx_fragment 
_entity.details 
1 polymer man 'Sulfolobus solfataricus protein tyrosine phosphatase' 18417.100 1  3.1.3.48 C96S ? ? 
2 polymer syn 'A(PTR)R'                                              489.440   1  ?        ?    ? ? 
3 water   nat water                                                  18.015    88 ?        ?    ? ? 
# 
_entity_name_com.entity_id   1 
_entity_name_com.name        SsoPTP 
# 
loop_
_entity_poly.entity_id 
_entity_poly.type 
_entity_poly.nstd_linkage 
_entity_poly.nstd_monomer 
_entity_poly.pdbx_seq_one_letter_code 
_entity_poly.pdbx_seq_one_letter_code_can 
_entity_poly.pdbx_strand_id 
_entity_poly.pdbx_target_identifier 
1 'polypeptide(L)' no no  
;MYWVRRKTIGGSGLPYTENEILEWRKEGVKRVLVLPEDWEIEESWGDKDYYLSILKKNGLQPLHIPIPDGGVPSDSQFLT
IMKWLLSEKEGNLVHSVGGIGRTGTILASYLILTEGLEVESAIDEVRLVRPGAVQTYEQEMFLLRVEGMRKSWLKNIYSN
S
;
;MYWVRRKTIGGSGLPYTENEILEWRKEGVKRVLVLPEDWEIEESWGDKDYYLSILKKNGLQPLHIPIPDGGVPSDSQFLT
IMKWLLSEKEGNLVHSVGGIGRTGTILASYLILTEGLEVESAIDEVRLVRPGAVQTYEQEMFLLRVEGMRKSWLKNIYSN
S
;
A ? 
2 'polypeptide(L)' no yes 'A(PTR)R' AYR B ? 
# 
_pdbx_entity_nonpoly.entity_id   3 
_pdbx_entity_nonpoly.name        water 
_pdbx_entity_nonpoly.comp_id     HOH 
# 
loop_
_entity_poly_seq.entity_id 
_entity_poly_seq.num 
_entity_poly_seq.mon_id 
_entity_poly_seq.hetero 
1 1   MET n 
1 2   TYR n 
1 3   TRP n 
1 4   VAL n 
1 5   ARG n 
1 6   ARG n 
1 7   LYS n 
1 8   THR n 
1 9   ILE n 
1 10  GLY n 
1 11  GLY n 
1 12  SER n 
1 13  GLY n 
1 14  LEU n 
1 15  PRO n 
1 16  TYR n 
1 17  THR n 
1 18  GLU n 
1 19  ASN n 
1 20  GLU n 
1 21  ILE n 
1 22  LEU n 
1 23  GLU n 
1 24  TRP n 
1 25  ARG n 
1 26  LYS n 
1 27  GLU n 
1 28  GLY n 
1 29  VAL n 
1 30  LYS n 
1 31  ARG n 
1 32  VAL n 
1 33  LEU n 
1 34  VAL n 
1 35  LEU n 
1 36  PRO n 
1 37  GLU n 
1 38  ASP n 
1 39  TRP n 
1 40  GLU n 
1 41  ILE n 
1 42  GLU n 
1 43  GLU n 
1 44  SER n 
1 45  TRP n 
1 46  GLY n 
1 47  ASP n 
1 48  LYS n 
1 49  ASP n 
1 50  TYR n 
1 51  TYR n 
1 52  LEU n 
1 53  SER n 
1 54  ILE n 
1 55  LEU n 
1 56  LYS n 
1 57  LYS n 
1 58  ASN n 
1 59  GLY n 
1 60  LEU n 
1 61  GLN n 
1 62  PRO n 
1 63  LEU n 
1 64  HIS n 
1 65  ILE n 
1 66  PRO n 
1 67  ILE n 
1 68  PRO n 
1 69  ASP n 
1 70  GLY n 
1 71  GLY n 
1 72  VAL n 
1 73  PRO n 
1 74  SER n 
1 75  ASP n 
1 76  SER n 
1 77  GLN n 
1 78  PHE n 
1 79  LEU n 
1 80  THR n 
1 81  ILE n 
1 82  MET n 
1 83  LYS n 
1 84  TRP n 
1 85  LEU n 
1 86  LEU n 
1 87  SER n 
1 88  GLU n 
1 89  LYS n 
1 90  GLU n 
1 91  GLY n 
1 92  ASN n 
1 93  LEU n 
1 94  VAL n 
1 95  HIS n 
1 96  SER n 
1 97  VAL n 
1 98  GLY n 
1 99  GLY n 
1 100 ILE n 
1 101 GLY n 
1 102 ARG n 
1 103 THR n 
1 104 GLY n 
1 105 THR n 
1 106 ILE n 
1 107 LEU n 
1 108 ALA n 
1 109 SER n 
1 110 TYR n 
1 111 LEU n 
1 112 ILE n 
1 113 LEU n 
1 114 THR n 
1 115 GLU n 
1 116 GLY n 
1 117 LEU n 
1 118 GLU n 
1 119 VAL n 
1 120 GLU n 
1 121 SER n 
1 122 ALA n 
1 123 ILE n 
1 124 ASP n 
1 125 GLU n 
1 126 VAL n 
1 127 ARG n 
1 128 LEU n 
1 129 VAL n 
1 130 ARG n 
1 131 PRO n 
1 132 GLY n 
1 133 ALA n 
1 134 VAL n 
1 135 GLN n 
1 136 THR n 
1 137 TYR n 
1 138 GLU n 
1 139 GLN n 
1 140 GLU n 
1 141 MET n 
1 142 PHE n 
1 143 LEU n 
1 144 LEU n 
1 145 ARG n 
1 146 VAL n 
1 147 GLU n 
1 148 GLY n 
1 149 MET n 
1 150 ARG n 
1 151 LYS n 
1 152 SER n 
1 153 TRP n 
1 154 LEU n 
1 155 LYS n 
1 156 ASN n 
1 157 ILE n 
1 158 TYR n 
1 159 SER n 
1 160 ASN n 
1 161 SER n 
2 1   ALA n 
2 2   PTR n 
2 3   ARG n 
# 
_entity_src_gen.entity_id                          1 
_entity_src_gen.pdbx_src_id                        1 
_entity_src_gen.pdbx_alt_source_flag               sample 
_entity_src_gen.pdbx_seq_type                      ? 
_entity_src_gen.pdbx_beg_seq_num                   ? 
_entity_src_gen.pdbx_end_seq_num                   ? 
_entity_src_gen.gene_src_common_name               ? 
_entity_src_gen.gene_src_genus                     Sulfolobus 
_entity_src_gen.pdbx_gene_src_gene                 ? 
_entity_src_gen.gene_src_species                   ? 
_entity_src_gen.gene_src_strain                    ? 
_entity_src_gen.gene_src_tissue                    ? 
_entity_src_gen.gene_src_tissue_fraction           ? 
_entity_src_gen.gene_src_details                   ? 
_entity_src_gen.pdbx_gene_src_fragment             ? 
_entity_src_gen.pdbx_gene_src_scientific_name      'Sulfolobus solfataricus' 
_entity_src_gen.pdbx_gene_src_ncbi_taxonomy_id     2287 
_entity_src_gen.pdbx_gene_src_variant              ? 
_entity_src_gen.pdbx_gene_src_cell_line            ? 
_entity_src_gen.pdbx_gene_src_atcc                 ? 
_entity_src_gen.pdbx_gene_src_organ                ? 
_entity_src_gen.pdbx_gene_src_organelle            ? 
_entity_src_gen.pdbx_gene_src_cell                 ? 
_entity_src_gen.pdbx_gene_src_cellular_location    ? 
_entity_src_gen.host_org_common_name               ? 
_entity_src_gen.pdbx_host_org_scientific_name      'Escherichia coli BL21' 
_entity_src_gen.pdbx_host_org_ncbi_taxonomy_id     511693 
_entity_src_gen.host_org_genus                     Escherichia 
_entity_src_gen.pdbx_host_org_gene                 ? 
_entity_src_gen.pdbx_host_org_organ                ? 
_entity_src_gen.host_org_species                   'Escherichia coli' 
_entity_src_gen.pdbx_host_org_tissue               ? 
_entity_src_gen.pdbx_host_org_tissue_fraction      ? 
_entity_src_gen.pdbx_host_org_strain               BL21 
_entity_src_gen.pdbx_host_org_variant              ? 
_entity_src_gen.pdbx_host_org_cell_line            ? 
_entity_src_gen.pdbx_host_org_atcc                 ? 
_entity_src_gen.pdbx_host_org_culture_collection   ? 
_entity_src_gen.pdbx_host_org_cell                 ? 
_entity_src_gen.pdbx_host_org_organelle            ? 
_entity_src_gen.pdbx_host_org_cellular_location    ? 
_entity_src_gen.pdbx_host_org_vector_type          plasmid 
_entity_src_gen.pdbx_host_org_vector               ? 
_entity_src_gen.host_org_details                   ? 
_entity_src_gen.expression_system_id               ? 
_entity_src_gen.plasmid_name                       pET21 
_entity_src_gen.plasmid_details                    ? 
_entity_src_gen.pdbx_description                   ? 
# 
_pdbx_entity_src_syn.entity_id              2 
_pdbx_entity_src_syn.pdbx_src_id            1 
_pdbx_entity_src_syn.pdbx_alt_source_flag   sample 
_pdbx_entity_src_syn.pdbx_beg_seq_num       ? 
_pdbx_entity_src_syn.pdbx_end_seq_num       ? 
_pdbx_entity_src_syn.organism_scientific    ? 
_pdbx_entity_src_syn.organism_common_name   ? 
_pdbx_entity_src_syn.ncbi_taxonomy_id       ? 
_pdbx_entity_src_syn.details                'synthetic peptide' 
# 
loop_
_chem_comp.id 
_chem_comp.type 
_chem_comp.mon_nstd_flag 
_chem_comp.name 
_chem_comp.pdbx_synonyms 
_chem_comp.formula 
_chem_comp.formula_weight 
ALA 'L-peptide linking' y ALANINE           ?                 'C3 H7 N O2'     89.093  
ARG 'L-peptide linking' y ARGININE          ?                 'C6 H15 N4 O2 1' 175.209 
ASN 'L-peptide linking' y ASPARAGINE        ?                 'C4 H8 N2 O3'    132.118 
ASP 'L-peptide linking' y 'ASPARTIC ACID'   ?                 'C4 H7 N O4'     133.103 
CYS 'L-peptide linking' y CYSTEINE          ?                 'C3 H7 N O2 S'   121.158 
GLN 'L-peptide linking' y GLUTAMINE         ?                 'C5 H10 N2 O3'   146.144 
GLU 'L-peptide linking' y 'GLUTAMIC ACID'   ?                 'C5 H9 N O4'     147.129 
GLY 'peptide linking'   y GLYCINE           ?                 'C2 H5 N O2'     75.067  
HIS 'L-peptide linking' y HISTIDINE         ?                 'C6 H10 N3 O2 1' 156.162 
HOH non-polymer         . WATER             ?                 'H2 O'           18.015  
ILE 'L-peptide linking' y ISOLEUCINE        ?                 'C6 H13 N O2'    131.173 
LEU 'L-peptide linking' y LEUCINE           ?                 'C6 H13 N O2'    131.173 
LYS 'L-peptide linking' y LYSINE            ?                 'C6 H15 N2 O2 1' 147.195 
MET 'L-peptide linking' y METHIONINE        ?                 'C5 H11 N O2 S'  149.211 
PHE 'L-peptide linking' y PHENYLALANINE     ?                 'C9 H11 N O2'    165.189 
PRO 'L-peptide linking' y PROLINE           ?                 'C5 H9 N O2'     115.130 
PTR 'L-peptide linking' n O-PHOSPHOTYROSINE PHOSPHONOTYROSINE 'C9 H12 N O6 P'  261.168 
SER 'L-peptide linking' y SERINE            ?                 'C3 H7 N O3'     105.093 
THR 'L-peptide linking' y THREONINE         ?                 'C4 H9 N O3'     119.119 
TRP 'L-peptide linking' y TRYPTOPHAN        ?                 'C11 H12 N2 O2'  204.225 
TYR 'L-peptide linking' y TYROSINE          ?                 'C9 H11 N O3'    181.189 
VAL 'L-peptide linking' y VALINE            ?                 'C5 H11 N O2'    117.146 
# 
loop_
_pdbx_poly_seq_scheme.asym_id 
_pdbx_poly_seq_scheme.entity_id 
_pdbx_poly_seq_scheme.seq_id 
_pdbx_poly_seq_scheme.mon_id 
_pdbx_poly_seq_scheme.ndb_seq_num 
_pdbx_poly_seq_scheme.pdb_seq_num 
_pdbx_poly_seq_scheme.auth_seq_num 
_pdbx_poly_seq_scheme.pdb_mon_id 
_pdbx_poly_seq_scheme.auth_mon_id 
_pdbx_poly_seq_scheme.pdb_strand_id 
_pdbx_poly_seq_scheme.pdb_ins_code 
_pdbx_poly_seq_scheme.hetero 
A 1 1   MET 1   1   1   MET MET A . n 
A 1 2   TYR 2   2   2   TYR TYR A . n 
A 1 3   TRP 3   3   3   TRP TRP A . n 
A 1 4   VAL 4   4   4   VAL VAL A . n 
A 1 5   ARG 5   5   5   ARG ARG A . n 
A 1 6   ARG 6   6   6   ARG ARG A . n 
A 1 7   LYS 7   7   7   LYS LYS A . n 
A 1 8   THR 8   8   8   THR THR A . n 
A 1 9   ILE 9   9   9   ILE ILE A . n 
A 1 10  GLY 10  10  10  GLY GLY A . n 
A 1 11  GLY 11  11  11  GLY GLY A . n 
A 1 12  SER 12  12  12  SER SER A . n 
A 1 13  GLY 13  13  13  GLY GLY A . n 
A 1 14  LEU 14  14  14  LEU LEU A . n 
A 1 15  PRO 15  15  15  PRO PRO A . n 
A 1 16  TYR 16  16  16  TYR TYR A . n 
A 1 17  THR 17  17  17  THR THR A . n 
A 1 18  GLU 18  18  18  GLU GLU A . n 
A 1 19  ASN 19  19  19  ASN ASN A . n 
A 1 20  GLU 20  20  20  GLU GLU A . n 
A 1 21  ILE 21  21  21  ILE ILE A . n 
A 1 22  LEU 22  22  22  LEU LEU A . n 
A 1 23  GLU 23  23  23  GLU GLU A . n 
A 1 24  TRP 24  24  24  TRP TRP A . n 
A 1 25  ARG 25  25  25  ARG ARG A . n 
A 1 26  LYS 26  26  26  LYS LYS A . n 
A 1 27  GLU 27  27  27  GLU GLU A . n 
A 1 28  GLY 28  28  28  GLY GLY A . n 
A 1 29  VAL 29  29  29  VAL VAL A . n 
A 1 30  LYS 30  30  30  LYS LYS A . n 
A 1 31  ARG 31  31  31  ARG ARG A . n 
A 1 32  VAL 32  32  32  VAL VAL A . n 
A 1 33  LEU 33  33  33  LEU LEU A . n 
A 1 34  VAL 34  34  34  VAL VAL A . n 
A 1 35  LEU 35  35  35  LEU LEU A . n 
A 1 36  PRO 36  36  36  PRO PRO A . n 
A 1 37  GLU 37  37  37  GLU GLU A . n 
A 1 38  ASP 38  38  38  ASP ASP A . n 
A 1 39  TRP 39  39  39  TRP TRP A . n 
A 1 40  GLU 40  40  40  GLU GLU A . n 
A 1 41  ILE 41  41  41  ILE ILE A . n 
A 1 42  GLU 42  42  42  GLU GLU A . n 
A 1 43  GLU 43  43  43  GLU GLU A . n 
A 1 44  SER 44  44  44  SER SER A . n 
A 1 45  TRP 45  45  45  TRP TRP A . n 
A 1 46  GLY 46  46  46  GLY GLY A . n 
A 1 47  ASP 47  47  47  ASP ASP A . n 
A 1 48  LYS 48  48  48  LYS LYS A . n 
A 1 49  ASP 49  49  49  ASP ASP A . n 
A 1 50  TYR 50  50  50  TYR TYR A . n 
A 1 51  TYR 51  51  51  TYR TYR A . n 
A 1 52  LEU 52  52  52  LEU LEU A . n 
A 1 53  SER 53  53  53  SER SER A . n 
A 1 54  ILE 54  54  54  ILE ILE A . n 
A 1 55  LEU 55  55  55  LEU LEU A . n 
A 1 56  LYS 56  56  56  LYS LYS A . n 
A 1 57  LYS 57  57  57  LYS LYS A . n 
A 1 58  ASN 58  58  58  ASN ASN A . n 
A 1 59  GLY 59  59  59  GLY GLY A . n 
A 1 60  LEU 60  60  60  LEU LEU A . n 
A 1 61  GLN 61  61  61  GLN GLN A . n 
A 1 62  PRO 62  62  62  PRO PRO A . n 
A 1 63  LEU 63  63  63  LEU LEU A . n 
A 1 64  HIS 64  64  64  HIS HIS A . n 
A 1 65  ILE 65  65  65  ILE ILE A . n 
A 1 66  PRO 66  66  66  PRO PRO A . n 
A 1 67  ILE 67  67  67  ILE ILE A . n 
A 1 68  PRO 68  68  68  PRO PRO A . n 
A 1 69  ASP 69  69  69  ASP ASP A . n 
A 1 70  GLY 70  70  70  GLY GLY A . n 
A 1 71  GLY 71  71  71  GLY GLY A . n 
A 1 72  VAL 72  72  72  VAL VAL A . n 
A 1 73  PRO 73  73  73  PRO PRO A . n 
A 1 74  SER 74  74  74  SER SER A . n 
A 1 75  ASP 75  75  75  ASP ASP A . n 
A 1 76  SER 76  76  76  SER SER A . n 
A 1 77  GLN 77  77  77  GLN GLN A . n 
A 1 78  PHE 78  78  78  PHE PHE A . n 
A 1 79  LEU 79  79  79  LEU LEU A . n 
A 1 80  THR 80  80  80  THR THR A . n 
A 1 81  ILE 81  81  81  ILE ILE A . n 
A 1 82  MET 82  82  82  MET MET A . n 
A 1 83  LYS 83  83  83  LYS LYS A . n 
A 1 84  TRP 84  84  84  TRP TRP A . n 
A 1 85  LEU 85  85  85  LEU LEU A . n 
A 1 86  LEU 86  86  86  LEU LEU A . n 
A 1 87  SER 87  87  87  SER SER A . n 
A 1 88  GLU 88  88  88  GLU GLU A . n 
A 1 89  LYS 89  89  89  LYS LYS A . n 
A 1 90  GLU 90  90  90  GLU GLU A . n 
A 1 91  GLY 91  91  91  GLY GLY A . n 
A 1 92  ASN 92  92  92  ASN ASN A . n 
A 1 93  LEU 93  93  93  LEU LEU A . n 
A 1 94  VAL 94  94  94  VAL VAL A . n 
A 1 95  HIS 95  95  95  HIS HIS A . n 
A 1 96  SER 96  96  96  SER SER A . n 
A 1 97  VAL 97  97  97  VAL VAL A . n 
A 1 98  GLY 98  98  98  GLY GLY A . n 
A 1 99  GLY 99  99  99  GLY GLY A . n 
A 1 100 ILE 100 100 100 ILE ILE A . n 
A 1 101 GLY 101 101 101 GLY GLY A . n 
A 1 102 ARG 102 102 102 ARG ARG A . n 
A 1 103 THR 103 103 103 THR THR A . n 
A 1 104 GLY 104 104 104 GLY GLY A . n 
A 1 105 THR 105 105 105 THR THR A . n 
A 1 106 ILE 106 106 106 ILE ILE A . n 
A 1 107 LEU 107 107 107 LEU LEU A . n 
A 1 108 ALA 108 108 108 ALA ALA A . n 
A 1 109 SER 109 109 109 SER SER A . n 
A 1 110 TYR 110 110 110 TYR TYR A . n 
A 1 111 LEU 111 111 111 LEU LEU A . n 
A 1 112 ILE 112 112 112 ILE ILE A . n 
A 1 113 LEU 113 113 113 LEU LEU A . n 
A 1 114 THR 114 114 114 THR THR A . n 
A 1 115 GLU 115 115 115 GLU GLU A . n 
A 1 116 GLY 116 116 116 GLY GLY A . n 
A 1 117 LEU 117 117 117 LEU LEU A . n 
A 1 118 GLU 118 118 118 GLU GLU A . n 
A 1 119 VAL 119 119 119 VAL VAL A . n 
A 1 120 GLU 120 120 120 GLU GLU A . n 
A 1 121 SER 121 121 121 SER SER A . n 
A 1 122 ALA 122 122 122 ALA ALA A . n 
A 1 123 ILE 123 123 123 ILE ILE A . n 
A 1 124 ASP 124 124 124 ASP ASP A . n 
A 1 125 GLU 125 125 125 GLU GLU A . n 
A 1 126 VAL 126 126 126 VAL VAL A . n 
A 1 127 ARG 127 127 127 ARG ARG A . n 
A 1 128 LEU 128 128 128 LEU LEU A . n 
A 1 129 VAL 129 129 129 VAL VAL A . n 
A 1 130 ARG 130 130 130 ARG ARG A . n 
A 1 131 PRO 131 131 131 PRO PRO A . n 
A 1 132 GLY 132 132 132 GLY GLY A . n 
A 1 133 ALA 133 133 133 ALA ALA A . n 
A 1 134 VAL 134 134 134 VAL VAL A . n 
A 1 135 GLN 135 135 135 GLN GLN A . n 
A 1 136 THR 136 136 136 THR THR A . n 
A 1 137 TYR 137 137 137 TYR TYR A . n 
A 1 138 GLU 138 138 138 GLU GLU A . n 
A 1 139 GLN 139 139 139 GLN GLN A . n 
A 1 140 GLU 140 140 140 GLU GLU A . n 
A 1 141 MET 141 141 141 MET MET A . n 
A 1 142 PHE 142 142 142 PHE PHE A . n 
A 1 143 LEU 143 143 143 LEU LEU A . n 
A 1 144 LEU 144 144 144 LEU LEU A . n 
A 1 145 ARG 145 145 145 ARG ARG A . n 
A 1 146 VAL 146 146 146 VAL VAL A . n 
A 1 147 GLU 147 147 147 GLU GLU A . n 
A 1 148 GLY 148 148 148 GLY GLY A . n 
A 1 149 MET 149 149 149 MET MET A . n 
A 1 150 ARG 150 150 150 ARG ARG A . n 
A 1 151 LYS 151 151 151 LYS LYS A . n 
A 1 152 SER 152 152 152 SER SER A . n 
A 1 153 TRP 153 153 153 TRP TRP A . n 
A 1 154 LEU 154 154 154 LEU LEU A . n 
A 1 155 LYS 155 155 155 LYS LYS A . n 
A 1 156 ASN 156 156 156 ASN ASN A . n 
A 1 157 ILE 157 157 157 ILE ILE A . n 
A 1 158 TYR 158 158 158 TYR TYR A . n 
A 1 159 SER 159 159 ?   ?   ?   A . n 
A 1 160 ASN 160 160 ?   ?   ?   A . n 
A 1 161 SER 161 161 ?   ?   ?   A . n 
B 2 1   ALA 1   170 170 ALA ALA B . n 
B 2 2   PTR 2   171 171 PTR TYR B . n 
B 2 3   ARG 3   172 172 ARG ARG B . n 
# 
loop_
_pdbx_nonpoly_scheme.asym_id 
_pdbx_nonpoly_scheme.entity_id 
_pdbx_nonpoly_scheme.mon_id 
_pdbx_nonpoly_scheme.ndb_seq_num 
_pdbx_nonpoly_scheme.pdb_seq_num 
_pdbx_nonpoly_scheme.auth_seq_num 
_pdbx_nonpoly_scheme.pdb_mon_id 
_pdbx_nonpoly_scheme.auth_mon_id 
_pdbx_nonpoly_scheme.pdb_strand_id 
_pdbx_nonpoly_scheme.pdb_ins_code 
C 3 HOH 1  5201 5201 HOH TIP A . 
C 3 HOH 2  5202 5202 HOH TIP A . 
C 3 HOH 3  5203 5203 HOH TIP A . 
C 3 HOH 4  5204 5204 HOH TIP A . 
C 3 HOH 5  5205 5205 HOH TIP A . 
C 3 HOH 6  5206 5206 HOH TIP A . 
C 3 HOH 7  5207 5207 HOH TIP A . 
C 3 HOH 8  5208 5208 HOH TIP A . 
C 3 HOH 9  5209 5209 HOH TIP A . 
C 3 HOH 10 5210 5210 HOH TIP A . 
C 3 HOH 11 5211 5211 HOH TIP A . 
C 3 HOH 12 5212 5212 HOH TIP A . 
C 3 HOH 13 5213 5213 HOH TIP A . 
C 3 HOH 14 5214 5214 HOH TIP A . 
C 3 HOH 15 5216 5216 HOH TIP A . 
C 3 HOH 16 5219 5219 HOH TIP A . 
C 3 HOH 17 5221 5221 HOH TIP A . 
C 3 HOH 18 5222 5222 HOH TIP A . 
C 3 HOH 19 5224 5224 HOH TIP A . 
C 3 HOH 20 5225 5225 HOH TIP A . 
C 3 HOH 21 5226 5226 HOH TIP A . 
C 3 HOH 22 5227 5227 HOH TIP A . 
C 3 HOH 23 5228 5228 HOH TIP A . 
C 3 HOH 24 5230 5230 HOH TIP A . 
C 3 HOH 25 5231 5231 HOH TIP A . 
C 3 HOH 26 5232 5232 HOH TIP A . 
C 3 HOH 27 5233 5233 HOH TIP A . 
C 3 HOH 28 5234 5234 HOH TIP A . 
C 3 HOH 29 5237 5237 HOH TIP A . 
C 3 HOH 30 5238 5238 HOH TIP A . 
C 3 HOH 31 5239 5239 HOH TIP A . 
C 3 HOH 32 5240 5240 HOH TIP A . 
C 3 HOH 33 5241 5241 HOH TIP A . 
C 3 HOH 34 5242 5242 HOH TIP A . 
C 3 HOH 35 5243 5243 HOH TIP A . 
C 3 HOH 36 5244 5244 HOH TIP A . 
C 3 HOH 37 5245 5245 HOH TIP A . 
C 3 HOH 38 5246 5246 HOH TIP A . 
C 3 HOH 39 5247 5247 HOH TIP A . 
C 3 HOH 40 5248 5248 HOH TIP A . 
C 3 HOH 41 5249 5249 HOH TIP A . 
C 3 HOH 42 5250 5250 HOH TIP A . 
C 3 HOH 43 5251 5251 HOH TIP A . 
C 3 HOH 44 5252 5252 HOH TIP A . 
C 3 HOH 45 5253 5253 HOH TIP A . 
C 3 HOH 46 5254 5254 HOH TIP A . 
C 3 HOH 47 5255 5255 HOH TIP A . 
C 3 HOH 48 5256 5256 HOH TIP A . 
C 3 HOH 49 5257 5257 HOH TIP A . 
C 3 HOH 50 5259 5259 HOH TIP A . 
C 3 HOH 51 5260 5260 HOH TIP A . 
C 3 HOH 52 5261 5261 HOH TIP A . 
C 3 HOH 53 5262 5262 HOH TIP A . 
C 3 HOH 54 5263 5263 HOH TIP A . 
C 3 HOH 55 5264 5264 HOH TIP A . 
C 3 HOH 56 5265 5265 HOH TIP A . 
C 3 HOH 57 5266 5266 HOH TIP A . 
C 3 HOH 58 5267 5267 HOH TIP A . 
C 3 HOH 59 5268 5268 HOH TIP A . 
C 3 HOH 60 5269 5269 HOH TIP A . 
C 3 HOH 61 5270 5270 HOH TIP A . 
C 3 HOH 62 5271 5271 HOH TIP A . 
C 3 HOH 63 5272 5272 HOH TIP A . 
C 3 HOH 64 5273 5273 HOH TIP A . 
C 3 HOH 65 5274 5274 HOH TIP A . 
C 3 HOH 66 5275 5275 HOH TIP A . 
C 3 HOH 67 5277 5277 HOH TIP A . 
C 3 HOH 68 5280 5280 HOH TIP A . 
C 3 HOH 69 5281 5281 HOH TIP A . 
C 3 HOH 70 5284 5284 HOH TIP A . 
C 3 HOH 71 5285 5285 HOH TIP A . 
C 3 HOH 72 5286 5286 HOH TIP A . 
C 3 HOH 73 5287 5287 HOH TIP A . 
C 3 HOH 74 5288 5288 HOH TIP A . 
D 3 HOH 1  5215 5215 HOH TIP B . 
D 3 HOH 2  5217 5217 HOH TIP B . 
D 3 HOH 3  5218 5218 HOH TIP B . 
D 3 HOH 4  5220 5220 HOH TIP B . 
D 3 HOH 5  5223 5223 HOH TIP B . 
D 3 HOH 6  5229 5229 HOH TIP B . 
D 3 HOH 7  5235 5235 HOH TIP B . 
D 3 HOH 8  5236 5236 HOH TIP B . 
D 3 HOH 9  5258 5258 HOH TIP B . 
D 3 HOH 10 5276 5276 HOH TIP B . 
D 3 HOH 11 5278 5278 HOH TIP B . 
D 3 HOH 12 5279 5279 HOH TIP B . 
D 3 HOH 13 5282 5282 HOH TIP B . 
D 3 HOH 14 5283 5283 HOH TIP B . 
# 
loop_
_software.name 
_software.classification 
_software.version 
_software.citation_id 
_software.pdbx_ordinal 
CrystalClear 'data collection' '(MSC/RIGAKU)' ? 1 
AMoRE        phasing           .              ? 2 
CNS          refinement        1.1            ? 3 
DENZO        'data reduction'  .              ? 4 
SCALEPACK    'data scaling'    .              ? 5 
# 
_cell.entry_id           2DXP 
_cell.length_a           81.539 
_cell.length_b           58.232 
_cell.length_c           36.475 
_cell.angle_alpha        90.00 
_cell.angle_beta         90.00 
_cell.angle_gamma        90.00 
_cell.Z_PDB              4 
_cell.pdbx_unique_axis   ? 
_cell.length_a_esd       ? 
_cell.length_b_esd       ? 
_cell.length_c_esd       ? 
_cell.angle_alpha_esd    ? 
_cell.angle_beta_esd     ? 
_cell.angle_gamma_esd    ? 
# 
_symmetry.entry_id                         2DXP 
_symmetry.space_group_name_H-M             'P 21 21 2' 
_symmetry.pdbx_full_space_group_name_H-M   ? 
_symmetry.cell_setting                     ? 
_symmetry.Int_Tables_number                18 
_symmetry.space_group_name_Hall            ? 
# 
_exptl.entry_id          2DXP 
_exptl.method            'X-RAY DIFFRACTION' 
_exptl.crystals_number   1 
# 
_exptl_crystal.id                    1 
_exptl_crystal.density_meas          ? 
_exptl_crystal.density_Matthews      2.29 
_exptl_crystal.density_percent_sol   46.27 
_exptl_crystal.description           ? 
_exptl_crystal.F_000                 ? 
_exptl_crystal.preparation           ? 
# 
_exptl_crystal_grow.crystal_id      1 
_exptl_crystal_grow.method          'VAPOR DIFFUSION, HANGING DROP' 
_exptl_crystal_grow.temp            298 
_exptl_crystal_grow.temp_details    ? 
_exptl_crystal_grow.pH              6.5 
_exptl_crystal_grow.pdbx_details    'pH 6.5, VAPOR DIFFUSION, HANGING DROP, temperature 298K' 
_exptl_crystal_grow.pdbx_pH_range   . 
# 
_diffrn.id                     1 
_diffrn.ambient_temp           298 
_diffrn.ambient_temp_details   ? 
_diffrn.crystal_id             1 
# 
_diffrn_detector.diffrn_id              1 
_diffrn_detector.detector               'IMAGE PLATE' 
_diffrn_detector.type                   'RIGAKU RAXIS IV' 
_diffrn_detector.pdbx_collection_date   2005-07-20 
_diffrn_detector.details                ? 
# 
_diffrn_radiation.diffrn_id                        1 
_diffrn_radiation.wavelength_id                    1 
_diffrn_radiation.pdbx_monochromatic_or_laue_m_l   M 
_diffrn_radiation.monochromator                    ? 
_diffrn_radiation.pdbx_diffrn_protocol             'SINGLE WAVELENGTH' 
_diffrn_radiation.pdbx_scattering_type             x-ray 
# 
_diffrn_radiation_wavelength.id           1 
_diffrn_radiation_wavelength.wavelength   1.54 
_diffrn_radiation_wavelength.wt           1.0 
# 
_diffrn_source.diffrn_id                   1 
_diffrn_source.source                      'ROTATING ANODE' 
_diffrn_source.type                        RIGAKU 
_diffrn_source.pdbx_synchrotron_site       ? 
_diffrn_source.pdbx_synchrotron_beamline   ? 
_diffrn_source.pdbx_wavelength             ? 
_diffrn_source.pdbx_wavelength_list        1.54 
# 
_reflns.entry_id                     2DXP 
_reflns.observed_criterion_sigma_F   0.0 
_reflns.observed_criterion_sigma_I   ? 
_reflns.d_resolution_high            1.99 
_reflns.d_resolution_low             100 
_reflns.number_all                   10656 
_reflns.number_obs                   9678 
_reflns.percent_possible_obs         90.8 
_reflns.pdbx_Rmerge_I_obs            0.083 
_reflns.pdbx_Rsym_value              0.055 
_reflns.pdbx_netI_over_sigmaI        15.3 
_reflns.B_iso_Wilson_estimate        ? 
_reflns.pdbx_redundancy              4.1 
_reflns.R_free_details               ? 
_reflns.limit_h_max                  ? 
_reflns.limit_h_min                  ? 
_reflns.limit_k_max                  ? 
_reflns.limit_k_min                  ? 
_reflns.limit_l_max                  ? 
_reflns.limit_l_min                  ? 
_reflns.observed_criterion_F_max     ? 
_reflns.observed_criterion_F_min     ? 
_reflns.pdbx_chi_squared             ? 
_reflns.pdbx_scaling_rejects         ? 
_reflns.pdbx_diffrn_id               1 
_reflns.pdbx_ordinal                 1 
# 
_reflns_shell.d_res_high             1.99 
_reflns_shell.d_res_low              2.06 
_reflns_shell.percent_possible_all   ? 
_reflns_shell.Rmerge_I_obs           0.676 
_reflns_shell.pdbx_Rsym_value        0.578 
_reflns_shell.meanI_over_sigI_obs    1.67 
_reflns_shell.pdbx_redundancy        3.7 
_reflns_shell.percent_possible_obs   ? 
_reflns_shell.number_unique_all      ? 
_reflns_shell.number_measured_all    ? 
_reflns_shell.number_measured_obs    ? 
_reflns_shell.number_unique_obs      ? 
_reflns_shell.pdbx_chi_squared       ? 
_reflns_shell.pdbx_diffrn_id         ? 
_reflns_shell.pdbx_ordinal           1 
# 
_refine.entry_id                                 2DXP 
_refine.ls_d_res_high                            2.1 
_refine.ls_d_res_low                             50 
_refine.pdbx_ls_sigma_F                          0 
_refine.pdbx_ls_sigma_I                          ? 
_refine.ls_number_reflns_all                     10656 
_refine.ls_number_reflns_obs                     9678 
_refine.ls_number_reflns_R_free                  ? 
_refine.ls_percent_reflns_obs                    90.8 
_refine.ls_R_factor_all                          ? 
_refine.ls_R_factor_obs                          ? 
_refine.ls_R_factor_R_work                       0.211 
_refine.ls_R_factor_R_free                       0.252 
_refine.ls_redundancy_reflns_obs                 ? 
_refine.pdbx_data_cutoff_high_absF               ? 
_refine.pdbx_data_cutoff_low_absF                ? 
_refine.ls_number_parameters                     ? 
_refine.ls_number_restraints                     ? 
_refine.ls_percent_reflns_R_free                 ? 
_refine.ls_R_factor_R_free_error                 ? 
_refine.ls_R_factor_R_free_error_details         ? 
_refine.pdbx_method_to_determine_struct          'MOLECULAR REPLACEMENT' 
_refine.pdbx_starting_model                      1OHE 
_refine.pdbx_ls_cross_valid_method               ? 
_refine.pdbx_R_Free_selection_details            ? 
_refine.pdbx_stereochem_target_val_spec_case     ? 
_refine.pdbx_stereochemistry_target_values       ? 
_refine.solvent_model_details                    ? 
_refine.solvent_model_param_bsol                 ? 
_refine.solvent_model_param_ksol                 ? 
_refine.occupancy_max                            ? 
_refine.occupancy_min                            ? 
_refine.pdbx_isotropic_thermal_model             ? 
_refine.B_iso_mean                               ? 
_refine.aniso_B[1][1]                            ? 
_refine.aniso_B[1][2]                            ? 
_refine.aniso_B[1][3]                            ? 
_refine.aniso_B[2][2]                            ? 
_refine.aniso_B[2][3]                            ? 
_refine.aniso_B[3][3]                            ? 
_refine.details                                  ? 
_refine.B_iso_min                                ? 
_refine.B_iso_max                                ? 
_refine.correlation_coeff_Fo_to_Fc               ? 
_refine.correlation_coeff_Fo_to_Fc_free          ? 
_refine.pdbx_solvent_vdw_probe_radii             ? 
_refine.pdbx_solvent_ion_probe_radii             ? 
_refine.pdbx_solvent_shrinkage_radii             ? 
_refine.overall_SU_R_Cruickshank_DPI             ? 
_refine.overall_SU_R_free                        ? 
_refine.overall_SU_ML                            ? 
_refine.overall_SU_B                             ? 
_refine.pdbx_overall_ESU_R_Free                  ? 
_refine.pdbx_data_cutoff_high_rms_absF           ? 
_refine.pdbx_overall_ESU_R                       ? 
_refine.ls_wR_factor_R_free                      ? 
_refine.ls_wR_factor_R_work                      ? 
_refine.overall_FOM_free_R_set                   ? 
_refine.overall_FOM_work_R_set                   ? 
_refine.pdbx_refine_id                           'X-RAY DIFFRACTION' 
_refine.pdbx_diffrn_id                           1 
_refine.pdbx_TLS_residual_ADP_flag               ? 
_refine.pdbx_overall_phase_error                 ? 
_refine.pdbx_overall_SU_R_free_Cruickshank_DPI   ? 
_refine.pdbx_overall_SU_R_Blow_DPI               ? 
_refine.pdbx_overall_SU_R_free_Blow_DPI          ? 
# 
_refine_hist.pdbx_refine_id                   'X-RAY DIFFRACTION' 
_refine_hist.cycle_id                         LAST 
_refine_hist.pdbx_number_atoms_protein        1310 
_refine_hist.pdbx_number_atoms_nucleic_acid   0 
_refine_hist.pdbx_number_atoms_ligand         0 
_refine_hist.number_atoms_solvent             88 
_refine_hist.number_atoms_total               1398 
_refine_hist.d_res_high                       2.1 
_refine_hist.d_res_low                        50 
# 
loop_
_refine_ls_restr.type 
_refine_ls_restr.dev_ideal 
_refine_ls_restr.dev_ideal_target 
_refine_ls_restr.weight 
_refine_ls_restr.number 
_refine_ls_restr.pdbx_refine_id 
_refine_ls_restr.pdbx_restraint_function 
c_angle_deg 1.3042  ? ? ? 'X-RAY DIFFRACTION' ? 
c_bond_d    0.00617 ? ? ? 'X-RAY DIFFRACTION' ? 
# 
_struct.entry_id                  2DXP 
_struct.title                     
'Crystal structure of the complex of the archaeal sulfolobus PTP-fold phosphatase with phosphopeptides A-(p)Y-R' 
_struct.pdbx_model_details        ? 
_struct.pdbx_CASP_flag            ? 
_struct.pdbx_model_type_details   ? 
# 
_struct_keywords.entry_id        2DXP 
_struct_keywords.pdbx_keywords   HYDROLASE 
_struct_keywords.text            'PTP domain, Hydrolase' 
# 
loop_
_struct_asym.id 
_struct_asym.pdbx_blank_PDB_chainid_flag 
_struct_asym.pdbx_modified 
_struct_asym.entity_id 
_struct_asym.details 
A N N 1 ? 
B N N 2 ? 
C N N 3 ? 
D N N 3 ? 
# 
loop_
_struct_ref.id 
_struct_ref.db_name 
_struct_ref.db_code 
_struct_ref.pdbx_db_accession 
_struct_ref.entity_id 
_struct_ref.pdbx_seq_one_letter_code 
_struct_ref.pdbx_align_begin 
_struct_ref.pdbx_db_isoform 
1 UNP Q97VZ7_SULSO Q97VZ7 1 
;MYWVRRKTIGGSGLPYTENEILEWRKEGVKRVLVLPEDWEIEESWGDKDYYLSILKKNGLQPLHIPIPDGGVPSDSQFLT
IMKWLLSEKEGNLVHCVGGIGRTGTILASYLILTEGLEVESAIDEVRLVRPGAVQTYEQEMFLLRVEGMRKSWLKNIYSN
S
;
1 ? 
2 PDB 2DXP         2DXP   2 ? ? ? 
# 
loop_
_struct_ref_seq.align_id 
_struct_ref_seq.ref_id 
_struct_ref_seq.pdbx_PDB_id_code 
_struct_ref_seq.pdbx_strand_id 
_struct_ref_seq.seq_align_beg 
_struct_ref_seq.pdbx_seq_align_beg_ins_code 
_struct_ref_seq.seq_align_end 
_struct_ref_seq.pdbx_seq_align_end_ins_code 
_struct_ref_seq.pdbx_db_accession 
_struct_ref_seq.db_align_beg 
_struct_ref_seq.pdbx_db_align_beg_ins_code 
_struct_ref_seq.db_align_end 
_struct_ref_seq.pdbx_db_align_end_ins_code 
_struct_ref_seq.pdbx_auth_seq_align_beg 
_struct_ref_seq.pdbx_auth_seq_align_end 
1 1 2DXP A 1 ? 161 ? Q97VZ7 1   ? 161 ? 1   161 
2 2 2DXP B 1 ? 3   ? 2DXP   170 ? 172 ? 170 172 
# 
_struct_ref_seq_dif.align_id                     1 
_struct_ref_seq_dif.pdbx_pdb_id_code             2DXP 
_struct_ref_seq_dif.mon_id                       SER 
_struct_ref_seq_dif.pdbx_pdb_strand_id           A 
_struct_ref_seq_dif.seq_num                      96 
_struct_ref_seq_dif.pdbx_pdb_ins_code            ? 
_struct_ref_seq_dif.pdbx_seq_db_name             UNP 
_struct_ref_seq_dif.pdbx_seq_db_accession_code   Q97VZ7 
_struct_ref_seq_dif.db_mon_id                    CYS 
_struct_ref_seq_dif.pdbx_seq_db_seq_num          96 
_struct_ref_seq_dif.details                      'engineered mutation' 
_struct_ref_seq_dif.pdbx_auth_seq_num            96 
_struct_ref_seq_dif.pdbx_ordinal                 1 
# 
_pdbx_struct_assembly.id                   1 
_pdbx_struct_assembly.details              author_and_software_defined_assembly 
_pdbx_struct_assembly.method_details       PISA 
_pdbx_struct_assembly.oligomeric_details   dimeric 
_pdbx_struct_assembly.oligomeric_count     2 
# 
loop_
_pdbx_struct_assembly_prop.biol_id 
_pdbx_struct_assembly_prop.type 
_pdbx_struct_assembly_prop.value 
_pdbx_struct_assembly_prop.details 
1 'ABSA (A^2)' 420  ? 
1 MORE         -5   ? 
1 'SSA (A^2)'  7860 ? 
# 
_pdbx_struct_assembly_gen.assembly_id       1 
_pdbx_struct_assembly_gen.oper_expression   1 
_pdbx_struct_assembly_gen.asym_id_list      A,B,C,D 
# 
_pdbx_struct_oper_list.id                   1 
_pdbx_struct_oper_list.type                 'identity operation' 
_pdbx_struct_oper_list.name                 1_555 
_pdbx_struct_oper_list.symmetry_operation   x,y,z 
_pdbx_struct_oper_list.matrix[1][1]         1.0000000000 
_pdbx_struct_oper_list.matrix[1][2]         0.0000000000 
_pdbx_struct_oper_list.matrix[1][3]         0.0000000000 
_pdbx_struct_oper_list.vector[1]            0.0000000000 
_pdbx_struct_oper_list.matrix[2][1]         0.0000000000 
_pdbx_struct_oper_list.matrix[2][2]         1.0000000000 
_pdbx_struct_oper_list.matrix[2][3]         0.0000000000 
_pdbx_struct_oper_list.vector[2]            0.0000000000 
_pdbx_struct_oper_list.matrix[3][1]         0.0000000000 
_pdbx_struct_oper_list.matrix[3][2]         0.0000000000 
_pdbx_struct_oper_list.matrix[3][3]         1.0000000000 
_pdbx_struct_oper_list.vector[3]            0.0000000000 
# 
loop_
_struct_conf.conf_type_id 
_struct_conf.id 
_struct_conf.pdbx_PDB_helix_id 
_struct_conf.beg_label_comp_id 
_struct_conf.beg_label_asym_id 
_struct_conf.beg_label_seq_id 
_struct_conf.pdbx_beg_PDB_ins_code 
_struct_conf.end_label_comp_id 
_struct_conf.end_label_asym_id 
_struct_conf.end_label_seq_id 
_struct_conf.pdbx_end_PDB_ins_code 
_struct_conf.beg_auth_comp_id 
_struct_conf.beg_auth_asym_id 
_struct_conf.beg_auth_seq_id 
_struct_conf.end_auth_comp_id 
_struct_conf.end_auth_asym_id 
_struct_conf.end_auth_seq_id 
_struct_conf.pdbx_PDB_helix_class 
_struct_conf.details 
_struct_conf.pdbx_PDB_helix_length 
HELX_P HELX_P1 1 THR A 17  ? GLY A 28  ? THR A 17  GLY A 28  1 ? 12 
HELX_P HELX_P2 2 GLU A 37  ? GLY A 46  ? GLU A 37  GLY A 46  1 ? 10 
HELX_P HELX_P3 3 ASP A 47  ? ASN A 58  ? ASP A 47  ASN A 58  1 ? 12 
HELX_P HELX_P4 4 SER A 74  ? GLU A 88  ? SER A 74  GLU A 88  1 ? 15 
HELX_P HELX_P5 5 ILE A 100 ? GLU A 115 ? ILE A 100 GLU A 115 1 ? 16 
HELX_P HELX_P6 6 GLU A 118 ? LEU A 128 ? GLU A 118 LEU A 128 1 ? 11 
HELX_P HELX_P7 7 THR A 136 ? MET A 149 ? THR A 136 MET A 149 1 ? 14 
HELX_P HELX_P8 8 MET A 149 ? TYR A 158 ? MET A 149 TYR A 158 1 ? 10 
# 
_struct_conf_type.id          HELX_P 
_struct_conf_type.criteria    ? 
_struct_conf_type.reference   ? 
# 
loop_
_struct_conn.id 
_struct_conn.conn_type_id 
_struct_conn.pdbx_leaving_atom_flag 
_struct_conn.pdbx_PDB_id 
_struct_conn.ptnr1_label_asym_id 
_struct_conn.ptnr1_label_comp_id 
_struct_conn.ptnr1_label_seq_id 
_struct_conn.ptnr1_label_atom_id 
_struct_conn.pdbx_ptnr1_label_alt_id 
_struct_conn.pdbx_ptnr1_PDB_ins_code 
_struct_conn.pdbx_ptnr1_standard_comp_id 
_struct_conn.ptnr1_symmetry 
_struct_conn.ptnr2_label_asym_id 
_struct_conn.ptnr2_label_comp_id 
_struct_conn.ptnr2_label_seq_id 
_struct_conn.ptnr2_label_atom_id 
_struct_conn.pdbx_ptnr2_label_alt_id 
_struct_conn.pdbx_ptnr2_PDB_ins_code 
_struct_conn.ptnr1_auth_asym_id 
_struct_conn.ptnr1_auth_comp_id 
_struct_conn.ptnr1_auth_seq_id 
_struct_conn.ptnr2_auth_asym_id 
_struct_conn.ptnr2_auth_comp_id 
_struct_conn.ptnr2_auth_seq_id 
_struct_conn.ptnr2_symmetry 
_struct_conn.pdbx_ptnr3_label_atom_id 
_struct_conn.pdbx_ptnr3_label_seq_id 
_struct_conn.pdbx_ptnr3_label_comp_id 
_struct_conn.pdbx_ptnr3_label_asym_id 
_struct_conn.pdbx_ptnr3_label_alt_id 
_struct_conn.pdbx_ptnr3_PDB_ins_code 
_struct_conn.details 
_struct_conn.pdbx_dist_value 
_struct_conn.pdbx_value_order 
_struct_conn.pdbx_role 
covale1 covale both ? B ALA 1 C ? ? ? 1_555 B PTR 2 N ? ? B ALA 170 B PTR 171 1_555 ? ? ? ? ? ? ? 1.326 ? ? 
covale2 covale both ? B PTR 2 C ? ? ? 1_555 B ARG 3 N ? ? B PTR 171 B ARG 172 1_555 ? ? ? ? ? ? ? 1.325 ? ? 
# 
_struct_conn_type.id          covale 
_struct_conn_type.criteria    ? 
_struct_conn_type.reference   ? 
# 
_pdbx_modification_feature.ordinal                            1 
_pdbx_modification_feature.label_comp_id                      PTR 
_pdbx_modification_feature.label_asym_id                      B 
_pdbx_modification_feature.label_seq_id                       2 
_pdbx_modification_feature.label_alt_id                       ? 
_pdbx_modification_feature.modified_residue_label_comp_id     . 
_pdbx_modification_feature.modified_residue_label_asym_id     . 
_pdbx_modification_feature.modified_residue_label_seq_id      . 
_pdbx_modification_feature.modified_residue_label_alt_id      . 
_pdbx_modification_feature.auth_comp_id                       PTR 
_pdbx_modification_feature.auth_asym_id                       B 
_pdbx_modification_feature.auth_seq_id                        171 
_pdbx_modification_feature.PDB_ins_code                       ? 
_pdbx_modification_feature.symmetry                           1_555 
_pdbx_modification_feature.modified_residue_auth_comp_id      . 
_pdbx_modification_feature.modified_residue_auth_asym_id      . 
_pdbx_modification_feature.modified_residue_auth_seq_id       . 
_pdbx_modification_feature.modified_residue_PDB_ins_code      . 
_pdbx_modification_feature.modified_residue_symmetry          . 
_pdbx_modification_feature.comp_id_linking_atom               . 
_pdbx_modification_feature.modified_residue_id_linking_atom   . 
_pdbx_modification_feature.modified_residue_id                TYR 
_pdbx_modification_feature.ref_pcm_id                         1 
_pdbx_modification_feature.ref_comp_id                        PTR 
_pdbx_modification_feature.type                               Phosphorylation 
_pdbx_modification_feature.category                           'Named protein modification' 
# 
_struct_sheet.id               A 
_struct_sheet.type             ? 
_struct_sheet.number_strands   5 
_struct_sheet.details          ? 
# 
loop_
_struct_sheet_order.sheet_id 
_struct_sheet_order.range_id_1 
_struct_sheet_order.range_id_2 
_struct_sheet_order.offset 
_struct_sheet_order.sense 
A 1 2 ? anti-parallel 
A 2 3 ? parallel      
A 3 4 ? parallel      
A 4 5 ? parallel      
# 
loop_
_struct_sheet_range.sheet_id 
_struct_sheet_range.id 
_struct_sheet_range.beg_label_comp_id 
_struct_sheet_range.beg_label_asym_id 
_struct_sheet_range.beg_label_seq_id 
_struct_sheet_range.pdbx_beg_PDB_ins_code 
_struct_sheet_range.end_label_comp_id 
_struct_sheet_range.end_label_asym_id 
_struct_sheet_range.end_label_seq_id 
_struct_sheet_range.pdbx_end_PDB_ins_code 
_struct_sheet_range.beg_auth_comp_id 
_struct_sheet_range.beg_auth_asym_id 
_struct_sheet_range.beg_auth_seq_id 
_struct_sheet_range.end_auth_comp_id 
_struct_sheet_range.end_auth_asym_id 
_struct_sheet_range.end_auth_seq_id 
A 1 TYR A 2  ? ARG A 5  ? TYR A 2  ARG A 5  
A 2 ILE A 9  ? SER A 12 ? ILE A 9  SER A 12 
A 3 ASN A 92 ? HIS A 95 ? ASN A 92 HIS A 95 
A 4 ARG A 31 ? VAL A 34 ? ARG A 31 VAL A 34 
A 5 GLN A 61 ? HIS A 64 ? GLN A 61 HIS A 64 
# 
loop_
_pdbx_struct_sheet_hbond.sheet_id 
_pdbx_struct_sheet_hbond.range_id_1 
_pdbx_struct_sheet_hbond.range_id_2 
_pdbx_struct_sheet_hbond.range_1_label_atom_id 
_pdbx_struct_sheet_hbond.range_1_label_comp_id 
_pdbx_struct_sheet_hbond.range_1_label_asym_id 
_pdbx_struct_sheet_hbond.range_1_label_seq_id 
_pdbx_struct_sheet_hbond.range_1_PDB_ins_code 
_pdbx_struct_sheet_hbond.range_1_auth_atom_id 
_pdbx_struct_sheet_hbond.range_1_auth_comp_id 
_pdbx_struct_sheet_hbond.range_1_auth_asym_id 
_pdbx_struct_sheet_hbond.range_1_auth_seq_id 
_pdbx_struct_sheet_hbond.range_2_label_atom_id 
_pdbx_struct_sheet_hbond.range_2_label_comp_id 
_pdbx_struct_sheet_hbond.range_2_label_asym_id 
_pdbx_struct_sheet_hbond.range_2_label_seq_id 
_pdbx_struct_sheet_hbond.range_2_PDB_ins_code 
_pdbx_struct_sheet_hbond.range_2_auth_atom_id 
_pdbx_struct_sheet_hbond.range_2_auth_comp_id 
_pdbx_struct_sheet_hbond.range_2_auth_asym_id 
_pdbx_struct_sheet_hbond.range_2_auth_seq_id 
A 1 2 N VAL A 4  ? N VAL A 4  O ILE A 9  ? O ILE A 9  
A 2 3 N GLY A 10 ? N GLY A 10 O ASN A 92 ? O ASN A 92 
A 3 4 O LEU A 93 ? O LEU A 93 N LEU A 33 ? N LEU A 33 
A 4 5 N VAL A 34 ? N VAL A 34 O LEU A 63 ? O LEU A 63 
# 
_pdbx_entry_details.entry_id                   2DXP 
_pdbx_entry_details.compound_details           ? 
_pdbx_entry_details.source_details             ? 
_pdbx_entry_details.nonpolymer_details         ? 
_pdbx_entry_details.sequence_details           ? 
_pdbx_entry_details.has_ligand_of_interest     ? 
_pdbx_entry_details.has_protein_modification   Y 
# 
loop_
_pdbx_validate_torsion.id 
_pdbx_validate_torsion.PDB_model_num 
_pdbx_validate_torsion.auth_comp_id 
_pdbx_validate_torsion.auth_asym_id 
_pdbx_validate_torsion.auth_seq_id 
_pdbx_validate_torsion.PDB_ins_code 
_pdbx_validate_torsion.label_alt_id 
_pdbx_validate_torsion.phi 
_pdbx_validate_torsion.psi 
1 1 ARG A 6   ? ? -19.65  102.98  
2 1 SER A 96  ? ? -119.31 -138.74 
3 1 VAL A 134 ? ? 80.12   104.20  
# 
_pdbx_struct_mod_residue.id               1 
_pdbx_struct_mod_residue.label_asym_id    B 
_pdbx_struct_mod_residue.label_comp_id    PTR 
_pdbx_struct_mod_residue.label_seq_id     2 
_pdbx_struct_mod_residue.auth_asym_id     B 
_pdbx_struct_mod_residue.auth_comp_id     PTR 
_pdbx_struct_mod_residue.auth_seq_id      171 
_pdbx_struct_mod_residue.PDB_ins_code     ? 
_pdbx_struct_mod_residue.parent_comp_id   TYR 
_pdbx_struct_mod_residue.details          O-PHOSPHOTYROSINE 
# 
_pdbx_struct_special_symmetry.id              1 
_pdbx_struct_special_symmetry.PDB_model_num   1 
_pdbx_struct_special_symmetry.auth_asym_id    A 
_pdbx_struct_special_symmetry.auth_comp_id    HOH 
_pdbx_struct_special_symmetry.auth_seq_id     5288 
_pdbx_struct_special_symmetry.PDB_ins_code    ? 
_pdbx_struct_special_symmetry.label_asym_id   C 
_pdbx_struct_special_symmetry.label_comp_id   HOH 
_pdbx_struct_special_symmetry.label_seq_id    . 
# 
loop_
_pdbx_unobs_or_zero_occ_residues.id 
_pdbx_unobs_or_zero_occ_residues.PDB_model_num 
_pdbx_unobs_or_zero_occ_residues.polymer_flag 
_pdbx_unobs_or_zero_occ_residues.occupancy_flag 
_pdbx_unobs_or_zero_occ_residues.auth_asym_id 
_pdbx_unobs_or_zero_occ_residues.auth_comp_id 
_pdbx_unobs_or_zero_occ_residues.auth_seq_id 
_pdbx_unobs_or_zero_occ_residues.PDB_ins_code 
_pdbx_unobs_or_zero_occ_residues.label_asym_id 
_pdbx_unobs_or_zero_occ_residues.label_comp_id 
_pdbx_unobs_or_zero_occ_residues.label_seq_id 
1 1 Y 1 A SER 159  ? A SER 159 
2 1 Y 1 A ASN 160  ? A ASN 160 
3 1 Y 1 A SER 161  ? A SER 161 
4 1 N 0 A HOH 5288 ? C HOH ?   
# 
loop_
_chem_comp_atom.comp_id 
_chem_comp_atom.atom_id 
_chem_comp_atom.type_symbol 
_chem_comp_atom.pdbx_aromatic_flag 
_chem_comp_atom.pdbx_stereo_config 
_chem_comp_atom.pdbx_ordinal 
ALA N    N N N 1   
ALA CA   C N S 2   
ALA C    C N N 3   
ALA O    O N N 4   
ALA CB   C N N 5   
ALA OXT  O N N 6   
ALA H    H N N 7   
ALA H2   H N N 8   
ALA HA   H N N 9   
ALA HB1  H N N 10  
ALA HB2  H N N 11  
ALA HB3  H N N 12  
ALA HXT  H N N 13  
ARG N    N N N 14  
ARG CA   C N S 15  
ARG C    C N N 16  
ARG O    O N N 17  
ARG CB   C N N 18  
ARG CG   C N N 19  
ARG CD   C N N 20  
ARG NE   N N N 21  
ARG CZ   C N N 22  
ARG NH1  N N N 23  
ARG NH2  N N N 24  
ARG OXT  O N N 25  
ARG H    H N N 26  
ARG H2   H N N 27  
ARG HA   H N N 28  
ARG HB2  H N N 29  
ARG HB3  H N N 30  
ARG HG2  H N N 31  
ARG HG3  H N N 32  
ARG HD2  H N N 33  
ARG HD3  H N N 34  
ARG HE   H N N 35  
ARG HH11 H N N 36  
ARG HH12 H N N 37  
ARG HH21 H N N 38  
ARG HH22 H N N 39  
ARG HXT  H N N 40  
ASN N    N N N 41  
ASN CA   C N S 42  
ASN C    C N N 43  
ASN O    O N N 44  
ASN CB   C N N 45  
ASN CG   C N N 46  
ASN OD1  O N N 47  
ASN ND2  N N N 48  
ASN OXT  O N N 49  
ASN H    H N N 50  
ASN H2   H N N 51  
ASN HA   H N N 52  
ASN HB2  H N N 53  
ASN HB3  H N N 54  
ASN HD21 H N N 55  
ASN HD22 H N N 56  
ASN HXT  H N N 57  
ASP N    N N N 58  
ASP CA   C N S 59  
ASP C    C N N 60  
ASP O    O N N 61  
ASP CB   C N N 62  
ASP CG   C N N 63  
ASP OD1  O N N 64  
ASP OD2  O N N 65  
ASP OXT  O N N 66  
ASP H    H N N 67  
ASP H2   H N N 68  
ASP HA   H N N 69  
ASP HB2  H N N 70  
ASP HB3  H N N 71  
ASP HD2  H N N 72  
ASP HXT  H N N 73  
CYS N    N N N 74  
CYS CA   C N R 75  
CYS C    C N N 76  
CYS O    O N N 77  
CYS CB   C N N 78  
CYS SG   S N N 79  
CYS OXT  O N N 80  
CYS H    H N N 81  
CYS H2   H N N 82  
CYS HA   H N N 83  
CYS HB2  H N N 84  
CYS HB3  H N N 85  
CYS HG   H N N 86  
CYS HXT  H N N 87  
GLN N    N N N 88  
GLN CA   C N S 89  
GLN C    C N N 90  
GLN O    O N N 91  
GLN CB   C N N 92  
GLN CG   C N N 93  
GLN CD   C N N 94  
GLN OE1  O N N 95  
GLN NE2  N N N 96  
GLN OXT  O N N 97  
GLN H    H N N 98  
GLN H2   H N N 99  
GLN HA   H N N 100 
GLN HB2  H N N 101 
GLN HB3  H N N 102 
GLN HG2  H N N 103 
GLN HG3  H N N 104 
GLN HE21 H N N 105 
GLN HE22 H N N 106 
GLN HXT  H N N 107 
GLU N    N N N 108 
GLU CA   C N S 109 
GLU C    C N N 110 
GLU O    O N N 111 
GLU CB   C N N 112 
GLU CG   C N N 113 
GLU CD   C N N 114 
GLU OE1  O N N 115 
GLU OE2  O N N 116 
GLU OXT  O N N 117 
GLU H    H N N 118 
GLU H2   H N N 119 
GLU HA   H N N 120 
GLU HB2  H N N 121 
GLU HB3  H N N 122 
GLU HG2  H N N 123 
GLU HG3  H N N 124 
GLU HE2  H N N 125 
GLU HXT  H N N 126 
GLY N    N N N 127 
GLY CA   C N N 128 
GLY C    C N N 129 
GLY O    O N N 130 
GLY OXT  O N N 131 
GLY H    H N N 132 
GLY H2   H N N 133 
GLY HA2  H N N 134 
GLY HA3  H N N 135 
GLY HXT  H N N 136 
HIS N    N N N 137 
HIS CA   C N S 138 
HIS C    C N N 139 
HIS O    O N N 140 
HIS CB   C N N 141 
HIS CG   C Y N 142 
HIS ND1  N Y N 143 
HIS CD2  C Y N 144 
HIS CE1  C Y N 145 
HIS NE2  N Y N 146 
HIS OXT  O N N 147 
HIS H    H N N 148 
HIS H2   H N N 149 
HIS HA   H N N 150 
HIS HB2  H N N 151 
HIS HB3  H N N 152 
HIS HD1  H N N 153 
HIS HD2  H N N 154 
HIS HE1  H N N 155 
HIS HE2  H N N 156 
HIS HXT  H N N 157 
HOH O    O N N 158 
HOH H1   H N N 159 
HOH H2   H N N 160 
ILE N    N N N 161 
ILE CA   C N S 162 
ILE C    C N N 163 
ILE O    O N N 164 
ILE CB   C N S 165 
ILE CG1  C N N 166 
ILE CG2  C N N 167 
ILE CD1  C N N 168 
ILE OXT  O N N 169 
ILE H    H N N 170 
ILE H2   H N N 171 
ILE HA   H N N 172 
ILE HB   H N N 173 
ILE HG12 H N N 174 
ILE HG13 H N N 175 
ILE HG21 H N N 176 
ILE HG22 H N N 177 
ILE HG23 H N N 178 
ILE HD11 H N N 179 
ILE HD12 H N N 180 
ILE HD13 H N N 181 
ILE HXT  H N N 182 
LEU N    N N N 183 
LEU CA   C N S 184 
LEU C    C N N 185 
LEU O    O N N 186 
LEU CB   C N N 187 
LEU CG   C N N 188 
LEU CD1  C N N 189 
LEU CD2  C N N 190 
LEU OXT  O N N 191 
LEU H    H N N 192 
LEU H2   H N N 193 
LEU HA   H N N 194 
LEU HB2  H N N 195 
LEU HB3  H N N 196 
LEU HG   H N N 197 
LEU HD11 H N N 198 
LEU HD12 H N N 199 
LEU HD13 H N N 200 
LEU HD21 H N N 201 
LEU HD22 H N N 202 
LEU HD23 H N N 203 
LEU HXT  H N N 204 
LYS N    N N N 205 
LYS CA   C N S 206 
LYS C    C N N 207 
LYS O    O N N 208 
LYS CB   C N N 209 
LYS CG   C N N 210 
LYS CD   C N N 211 
LYS CE   C N N 212 
LYS NZ   N N N 213 
LYS OXT  O N N 214 
LYS H    H N N 215 
LYS H2   H N N 216 
LYS HA   H N N 217 
LYS HB2  H N N 218 
LYS HB3  H N N 219 
LYS HG2  H N N 220 
LYS HG3  H N N 221 
LYS HD2  H N N 222 
LYS HD3  H N N 223 
LYS HE2  H N N 224 
LYS HE3  H N N 225 
LYS HZ1  H N N 226 
LYS HZ2  H N N 227 
LYS HZ3  H N N 228 
LYS HXT  H N N 229 
MET N    N N N 230 
MET CA   C N S 231 
MET C    C N N 232 
MET O    O N N 233 
MET CB   C N N 234 
MET CG   C N N 235 
MET SD   S N N 236 
MET CE   C N N 237 
MET OXT  O N N 238 
MET H    H N N 239 
MET H2   H N N 240 
MET HA   H N N 241 
MET HB2  H N N 242 
MET HB3  H N N 243 
MET HG2  H N N 244 
MET HG3  H N N 245 
MET HE1  H N N 246 
MET HE2  H N N 247 
MET HE3  H N N 248 
MET HXT  H N N 249 
PHE N    N N N 250 
PHE CA   C N S 251 
PHE C    C N N 252 
PHE O    O N N 253 
PHE CB   C N N 254 
PHE CG   C Y N 255 
PHE CD1  C Y N 256 
PHE CD2  C Y N 257 
PHE CE1  C Y N 258 
PHE CE2  C Y N 259 
PHE CZ   C Y N 260 
PHE OXT  O N N 261 
PHE H    H N N 262 
PHE H2   H N N 263 
PHE HA   H N N 264 
PHE HB2  H N N 265 
PHE HB3  H N N 266 
PHE HD1  H N N 267 
PHE HD2  H N N 268 
PHE HE1  H N N 269 
PHE HE2  H N N 270 
PHE HZ   H N N 271 
PHE HXT  H N N 272 
PRO N    N N N 273 
PRO CA   C N S 274 
PRO C    C N N 275 
PRO O    O N N 276 
PRO CB   C N N 277 
PRO CG   C N N 278 
PRO CD   C N N 279 
PRO OXT  O N N 280 
PRO H    H N N 281 
PRO HA   H N N 282 
PRO HB2  H N N 283 
PRO HB3  H N N 284 
PRO HG2  H N N 285 
PRO HG3  H N N 286 
PRO HD2  H N N 287 
PRO HD3  H N N 288 
PRO HXT  H N N 289 
PTR N    N N N 290 
PTR CA   C N S 291 
PTR C    C N N 292 
PTR O    O N N 293 
PTR OXT  O N N 294 
PTR CB   C N N 295 
PTR CG   C Y N 296 
PTR CD1  C Y N 297 
PTR CD2  C Y N 298 
PTR CE1  C Y N 299 
PTR CE2  C Y N 300 
PTR CZ   C Y N 301 
PTR OH   O N N 302 
PTR P    P N N 303 
PTR O1P  O N N 304 
PTR O2P  O N N 305 
PTR O3P  O N N 306 
PTR H    H N N 307 
PTR H2   H N N 308 
PTR HA   H N N 309 
PTR HXT  H N N 310 
PTR HB2  H N N 311 
PTR HB3  H N N 312 
PTR HD1  H N N 313 
PTR HD2  H N N 314 
PTR HE1  H N N 315 
PTR HE2  H N N 316 
PTR HO2P H N N 317 
PTR HO3P H N N 318 
SER N    N N N 319 
SER CA   C N S 320 
SER C    C N N 321 
SER O    O N N 322 
SER CB   C N N 323 
SER OG   O N N 324 
SER OXT  O N N 325 
SER H    H N N 326 
SER H2   H N N 327 
SER HA   H N N 328 
SER HB2  H N N 329 
SER HB3  H N N 330 
SER HG   H N N 331 
SER HXT  H N N 332 
THR N    N N N 333 
THR CA   C N S 334 
THR C    C N N 335 
THR O    O N N 336 
THR CB   C N R 337 
THR OG1  O N N 338 
THR CG2  C N N 339 
THR OXT  O N N 340 
THR H    H N N 341 
THR H2   H N N 342 
THR HA   H N N 343 
THR HB   H N N 344 
THR HG1  H N N 345 
THR HG21 H N N 346 
THR HG22 H N N 347 
THR HG23 H N N 348 
THR HXT  H N N 349 
TRP N    N N N 350 
TRP CA   C N S 351 
TRP C    C N N 352 
TRP O    O N N 353 
TRP CB   C N N 354 
TRP CG   C Y N 355 
TRP CD1  C Y N 356 
TRP CD2  C Y N 357 
TRP NE1  N Y N 358 
TRP CE2  C Y N 359 
TRP CE3  C Y N 360 
TRP CZ2  C Y N 361 
TRP CZ3  C Y N 362 
TRP CH2  C Y N 363 
TRP OXT  O N N 364 
TRP H    H N N 365 
TRP H2   H N N 366 
TRP HA   H N N 367 
TRP HB2  H N N 368 
TRP HB3  H N N 369 
TRP HD1  H N N 370 
TRP HE1  H N N 371 
TRP HE3  H N N 372 
TRP HZ2  H N N 373 
TRP HZ3  H N N 374 
TRP HH2  H N N 375 
TRP HXT  H N N 376 
TYR N    N N N 377 
TYR CA   C N S 378 
TYR C    C N N 379 
TYR O    O N N 380 
TYR CB   C N N 381 
TYR CG   C Y N 382 
TYR CD1  C Y N 383 
TYR CD2  C Y N 384 
TYR CE1  C Y N 385 
TYR CE2  C Y N 386 
TYR CZ   C Y N 387 
TYR OH   O N N 388 
TYR OXT  O N N 389 
TYR H    H N N 390 
TYR H2   H N N 391 
TYR HA   H N N 392 
TYR HB2  H N N 393 
TYR HB3  H N N 394 
TYR HD1  H N N 395 
TYR HD2  H N N 396 
TYR HE1  H N N 397 
TYR HE2  H N N 398 
TYR HH   H N N 399 
TYR HXT  H N N 400 
VAL N    N N N 401 
VAL CA   C N S 402 
VAL C    C N N 403 
VAL O    O N N 404 
VAL CB   C N N 405 
VAL CG1  C N N 406 
VAL CG2  C N N 407 
VAL OXT  O N N 408 
VAL H    H N N 409 
VAL H2   H N N 410 
VAL HA   H N N 411 
VAL HB   H N N 412 
VAL HG11 H N N 413 
VAL HG12 H N N 414 
VAL HG13 H N N 415 
VAL HG21 H N N 416 
VAL HG22 H N N 417 
VAL HG23 H N N 418 
VAL HXT  H N N 419 
# 
loop_
_chem_comp_bond.comp_id 
_chem_comp_bond.atom_id_1 
_chem_comp_bond.atom_id_2 
_chem_comp_bond.value_order 
_chem_comp_bond.pdbx_aromatic_flag 
_chem_comp_bond.pdbx_stereo_config 
_chem_comp_bond.pdbx_ordinal 
ALA N   CA   sing N N 1   
ALA N   H    sing N N 2   
ALA N   H2   sing N N 3   
ALA CA  C    sing N N 4   
ALA CA  CB   sing N N 5   
ALA CA  HA   sing N N 6   
ALA C   O    doub N N 7   
ALA C   OXT  sing N N 8   
ALA CB  HB1  sing N N 9   
ALA CB  HB2  sing N N 10  
ALA CB  HB3  sing N N 11  
ALA OXT HXT  sing N N 12  
ARG N   CA   sing N N 13  
ARG N   H    sing N N 14  
ARG N   H2   sing N N 15  
ARG CA  C    sing N N 16  
ARG CA  CB   sing N N 17  
ARG CA  HA   sing N N 18  
ARG C   O    doub N N 19  
ARG C   OXT  sing N N 20  
ARG CB  CG   sing N N 21  
ARG CB  HB2  sing N N 22  
ARG CB  HB3  sing N N 23  
ARG CG  CD   sing N N 24  
ARG CG  HG2  sing N N 25  
ARG CG  HG3  sing N N 26  
ARG CD  NE   sing N N 27  
ARG CD  HD2  sing N N 28  
ARG CD  HD3  sing N N 29  
ARG NE  CZ   sing N N 30  
ARG NE  HE   sing N N 31  
ARG CZ  NH1  sing N N 32  
ARG CZ  NH2  doub N N 33  
ARG NH1 HH11 sing N N 34  
ARG NH1 HH12 sing N N 35  
ARG NH2 HH21 sing N N 36  
ARG NH2 HH22 sing N N 37  
ARG OXT HXT  sing N N 38  
ASN N   CA   sing N N 39  
ASN N   H    sing N N 40  
ASN N   H2   sing N N 41  
ASN CA  C    sing N N 42  
ASN CA  CB   sing N N 43  
ASN CA  HA   sing N N 44  
ASN C   O    doub N N 45  
ASN C   OXT  sing N N 46  
ASN CB  CG   sing N N 47  
ASN CB  HB2  sing N N 48  
ASN CB  HB3  sing N N 49  
ASN CG  OD1  doub N N 50  
ASN CG  ND2  sing N N 51  
ASN ND2 HD21 sing N N 52  
ASN ND2 HD22 sing N N 53  
ASN OXT HXT  sing N N 54  
ASP N   CA   sing N N 55  
ASP N   H    sing N N 56  
ASP N   H2   sing N N 57  
ASP CA  C    sing N N 58  
ASP CA  CB   sing N N 59  
ASP CA  HA   sing N N 60  
ASP C   O    doub N N 61  
ASP C   OXT  sing N N 62  
ASP CB  CG   sing N N 63  
ASP CB  HB2  sing N N 64  
ASP CB  HB3  sing N N 65  
ASP CG  OD1  doub N N 66  
ASP CG  OD2  sing N N 67  
ASP OD2 HD2  sing N N 68  
ASP OXT HXT  sing N N 69  
CYS N   CA   sing N N 70  
CYS N   H    sing N N 71  
CYS N   H2   sing N N 72  
CYS CA  C    sing N N 73  
CYS CA  CB   sing N N 74  
CYS CA  HA   sing N N 75  
CYS C   O    doub N N 76  
CYS C   OXT  sing N N 77  
CYS CB  SG   sing N N 78  
CYS CB  HB2  sing N N 79  
CYS CB  HB3  sing N N 80  
CYS SG  HG   sing N N 81  
CYS OXT HXT  sing N N 82  
GLN N   CA   sing N N 83  
GLN N   H    sing N N 84  
GLN N   H2   sing N N 85  
GLN CA  C    sing N N 86  
GLN CA  CB   sing N N 87  
GLN CA  HA   sing N N 88  
GLN C   O    doub N N 89  
GLN C   OXT  sing N N 90  
GLN CB  CG   sing N N 91  
GLN CB  HB2  sing N N 92  
GLN CB  HB3  sing N N 93  
GLN CG  CD   sing N N 94  
GLN CG  HG2  sing N N 95  
GLN CG  HG3  sing N N 96  
GLN CD  OE1  doub N N 97  
GLN CD  NE2  sing N N 98  
GLN NE2 HE21 sing N N 99  
GLN NE2 HE22 sing N N 100 
GLN OXT HXT  sing N N 101 
GLU N   CA   sing N N 102 
GLU N   H    sing N N 103 
GLU N   H2   sing N N 104 
GLU CA  C    sing N N 105 
GLU CA  CB   sing N N 106 
GLU CA  HA   sing N N 107 
GLU C   O    doub N N 108 
GLU C   OXT  sing N N 109 
GLU CB  CG   sing N N 110 
GLU CB  HB2  sing N N 111 
GLU CB  HB3  sing N N 112 
GLU CG  CD   sing N N 113 
GLU CG  HG2  sing N N 114 
GLU CG  HG3  sing N N 115 
GLU CD  OE1  doub N N 116 
GLU CD  OE2  sing N N 117 
GLU OE2 HE2  sing N N 118 
GLU OXT HXT  sing N N 119 
GLY N   CA   sing N N 120 
GLY N   H    sing N N 121 
GLY N   H2   sing N N 122 
GLY CA  C    sing N N 123 
GLY CA  HA2  sing N N 124 
GLY CA  HA3  sing N N 125 
GLY C   O    doub N N 126 
GLY C   OXT  sing N N 127 
GLY OXT HXT  sing N N 128 
HIS N   CA   sing N N 129 
HIS N   H    sing N N 130 
HIS N   H2   sing N N 131 
HIS CA  C    sing N N 132 
HIS CA  CB   sing N N 133 
HIS CA  HA   sing N N 134 
HIS C   O    doub N N 135 
HIS C   OXT  sing N N 136 
HIS CB  CG   sing N N 137 
HIS CB  HB2  sing N N 138 
HIS CB  HB3  sing N N 139 
HIS CG  ND1  sing Y N 140 
HIS CG  CD2  doub Y N 141 
HIS ND1 CE1  doub Y N 142 
HIS ND1 HD1  sing N N 143 
HIS CD2 NE2  sing Y N 144 
HIS CD2 HD2  sing N N 145 
HIS CE1 NE2  sing Y N 146 
HIS CE1 HE1  sing N N 147 
HIS NE2 HE2  sing N N 148 
HIS OXT HXT  sing N N 149 
HOH O   H1   sing N N 150 
HOH O   H2   sing N N 151 
ILE N   CA   sing N N 152 
ILE N   H    sing N N 153 
ILE N   H2   sing N N 154 
ILE CA  C    sing N N 155 
ILE CA  CB   sing N N 156 
ILE CA  HA   sing N N 157 
ILE C   O    doub N N 158 
ILE C   OXT  sing N N 159 
ILE CB  CG1  sing N N 160 
ILE CB  CG2  sing N N 161 
ILE CB  HB   sing N N 162 
ILE CG1 CD1  sing N N 163 
ILE CG1 HG12 sing N N 164 
ILE CG1 HG13 sing N N 165 
ILE CG2 HG21 sing N N 166 
ILE CG2 HG22 sing N N 167 
ILE CG2 HG23 sing N N 168 
ILE CD1 HD11 sing N N 169 
ILE CD1 HD12 sing N N 170 
ILE CD1 HD13 sing N N 171 
ILE OXT HXT  sing N N 172 
LEU N   CA   sing N N 173 
LEU N   H    sing N N 174 
LEU N   H2   sing N N 175 
LEU CA  C    sing N N 176 
LEU CA  CB   sing N N 177 
LEU CA  HA   sing N N 178 
LEU C   O    doub N N 179 
LEU C   OXT  sing N N 180 
LEU CB  CG   sing N N 181 
LEU CB  HB2  sing N N 182 
LEU CB  HB3  sing N N 183 
LEU CG  CD1  sing N N 184 
LEU CG  CD2  sing N N 185 
LEU CG  HG   sing N N 186 
LEU CD1 HD11 sing N N 187 
LEU CD1 HD12 sing N N 188 
LEU CD1 HD13 sing N N 189 
LEU CD2 HD21 sing N N 190 
LEU CD2 HD22 sing N N 191 
LEU CD2 HD23 sing N N 192 
LEU OXT HXT  sing N N 193 
LYS N   CA   sing N N 194 
LYS N   H    sing N N 195 
LYS N   H2   sing N N 196 
LYS CA  C    sing N N 197 
LYS CA  CB   sing N N 198 
LYS CA  HA   sing N N 199 
LYS C   O    doub N N 200 
LYS C   OXT  sing N N 201 
LYS CB  CG   sing N N 202 
LYS CB  HB2  sing N N 203 
LYS CB  HB3  sing N N 204 
LYS CG  CD   sing N N 205 
LYS CG  HG2  sing N N 206 
LYS CG  HG3  sing N N 207 
LYS CD  CE   sing N N 208 
LYS CD  HD2  sing N N 209 
LYS CD  HD3  sing N N 210 
LYS CE  NZ   sing N N 211 
LYS CE  HE2  sing N N 212 
LYS CE  HE3  sing N N 213 
LYS NZ  HZ1  sing N N 214 
LYS NZ  HZ2  sing N N 215 
LYS NZ  HZ3  sing N N 216 
LYS OXT HXT  sing N N 217 
MET N   CA   sing N N 218 
MET N   H    sing N N 219 
MET N   H2   sing N N 220 
MET CA  C    sing N N 221 
MET CA  CB   sing N N 222 
MET CA  HA   sing N N 223 
MET C   O    doub N N 224 
MET C   OXT  sing N N 225 
MET CB  CG   sing N N 226 
MET CB  HB2  sing N N 227 
MET CB  HB3  sing N N 228 
MET CG  SD   sing N N 229 
MET CG  HG2  sing N N 230 
MET CG  HG3  sing N N 231 
MET SD  CE   sing N N 232 
MET CE  HE1  sing N N 233 
MET CE  HE2  sing N N 234 
MET CE  HE3  sing N N 235 
MET OXT HXT  sing N N 236 
PHE N   CA   sing N N 237 
PHE N   H    sing N N 238 
PHE N   H2   sing N N 239 
PHE CA  C    sing N N 240 
PHE CA  CB   sing N N 241 
PHE CA  HA   sing N N 242 
PHE C   O    doub N N 243 
PHE C   OXT  sing N N 244 
PHE CB  CG   sing N N 245 
PHE CB  HB2  sing N N 246 
PHE CB  HB3  sing N N 247 
PHE CG  CD1  doub Y N 248 
PHE CG  CD2  sing Y N 249 
PHE CD1 CE1  sing Y N 250 
PHE CD1 HD1  sing N N 251 
PHE CD2 CE2  doub Y N 252 
PHE CD2 HD2  sing N N 253 
PHE CE1 CZ   doub Y N 254 
PHE CE1 HE1  sing N N 255 
PHE CE2 CZ   sing Y N 256 
PHE CE2 HE2  sing N N 257 
PHE CZ  HZ   sing N N 258 
PHE OXT HXT  sing N N 259 
PRO N   CA   sing N N 260 
PRO N   CD   sing N N 261 
PRO N   H    sing N N 262 
PRO CA  C    sing N N 263 
PRO CA  CB   sing N N 264 
PRO CA  HA   sing N N 265 
PRO C   O    doub N N 266 
PRO C   OXT  sing N N 267 
PRO CB  CG   sing N N 268 
PRO CB  HB2  sing N N 269 
PRO CB  HB3  sing N N 270 
PRO CG  CD   sing N N 271 
PRO CG  HG2  sing N N 272 
PRO CG  HG3  sing N N 273 
PRO CD  HD2  sing N N 274 
PRO CD  HD3  sing N N 275 
PRO OXT HXT  sing N N 276 
PTR N   CA   sing N N 277 
PTR N   H    sing N N 278 
PTR N   H2   sing N N 279 
PTR CA  C    sing N N 280 
PTR CA  CB   sing N N 281 
PTR CA  HA   sing N N 282 
PTR C   O    doub N N 283 
PTR C   OXT  sing N N 284 
PTR OXT HXT  sing N N 285 
PTR CB  CG   sing N N 286 
PTR CB  HB2  sing N N 287 
PTR CB  HB3  sing N N 288 
PTR CG  CD1  doub Y N 289 
PTR CG  CD2  sing Y N 290 
PTR CD1 CE1  sing Y N 291 
PTR CD1 HD1  sing N N 292 
PTR CD2 CE2  doub Y N 293 
PTR CD2 HD2  sing N N 294 
PTR CE1 CZ   doub Y N 295 
PTR CE1 HE1  sing N N 296 
PTR CE2 CZ   sing Y N 297 
PTR CE2 HE2  sing N N 298 
PTR CZ  OH   sing N N 299 
PTR OH  P    sing N N 300 
PTR P   O1P  doub N N 301 
PTR P   O2P  sing N N 302 
PTR P   O3P  sing N N 303 
PTR O2P HO2P sing N N 304 
PTR O3P HO3P sing N N 305 
SER N   CA   sing N N 306 
SER N   H    sing N N 307 
SER N   H2   sing N N 308 
SER CA  C    sing N N 309 
SER CA  CB   sing N N 310 
SER CA  HA   sing N N 311 
SER C   O    doub N N 312 
SER C   OXT  sing N N 313 
SER CB  OG   sing N N 314 
SER CB  HB2  sing N N 315 
SER CB  HB3  sing N N 316 
SER OG  HG   sing N N 317 
SER OXT HXT  sing N N 318 
THR N   CA   sing N N 319 
THR N   H    sing N N 320 
THR N   H2   sing N N 321 
THR CA  C    sing N N 322 
THR CA  CB   sing N N 323 
THR CA  HA   sing N N 324 
THR C   O    doub N N 325 
THR C   OXT  sing N N 326 
THR CB  OG1  sing N N 327 
THR CB  CG2  sing N N 328 
THR CB  HB   sing N N 329 
THR OG1 HG1  sing N N 330 
THR CG2 HG21 sing N N 331 
THR CG2 HG22 sing N N 332 
THR CG2 HG23 sing N N 333 
THR OXT HXT  sing N N 334 
TRP N   CA   sing N N 335 
TRP N   H    sing N N 336 
TRP N   H2   sing N N 337 
TRP CA  C    sing N N 338 
TRP CA  CB   sing N N 339 
TRP CA  HA   sing N N 340 
TRP C   O    doub N N 341 
TRP C   OXT  sing N N 342 
TRP CB  CG   sing N N 343 
TRP CB  HB2  sing N N 344 
TRP CB  HB3  sing N N 345 
TRP CG  CD1  doub Y N 346 
TRP CG  CD2  sing Y N 347 
TRP CD1 NE1  sing Y N 348 
TRP CD1 HD1  sing N N 349 
TRP CD2 CE2  doub Y N 350 
TRP CD2 CE3  sing Y N 351 
TRP NE1 CE2  sing Y N 352 
TRP NE1 HE1  sing N N 353 
TRP CE2 CZ2  sing Y N 354 
TRP CE3 CZ3  doub Y N 355 
TRP CE3 HE3  sing N N 356 
TRP CZ2 CH2  doub Y N 357 
TRP CZ2 HZ2  sing N N 358 
TRP CZ3 CH2  sing Y N 359 
TRP CZ3 HZ3  sing N N 360 
TRP CH2 HH2  sing N N 361 
TRP OXT HXT  sing N N 362 
TYR N   CA   sing N N 363 
TYR N   H    sing N N 364 
TYR N   H2   sing N N 365 
TYR CA  C    sing N N 366 
TYR CA  CB   sing N N 367 
TYR CA  HA   sing N N 368 
TYR C   O    doub N N 369 
TYR C   OXT  sing N N 370 
TYR CB  CG   sing N N 371 
TYR CB  HB2  sing N N 372 
TYR CB  HB3  sing N N 373 
TYR CG  CD1  doub Y N 374 
TYR CG  CD2  sing Y N 375 
TYR CD1 CE1  sing Y N 376 
TYR CD1 HD1  sing N N 377 
TYR CD2 CE2  doub Y N 378 
TYR CD2 HD2  sing N N 379 
TYR CE1 CZ   doub Y N 380 
TYR CE1 HE1  sing N N 381 
TYR CE2 CZ   sing Y N 382 
TYR CE2 HE2  sing N N 383 
TYR CZ  OH   sing N N 384 
TYR OH  HH   sing N N 385 
TYR OXT HXT  sing N N 386 
VAL N   CA   sing N N 387 
VAL N   H    sing N N 388 
VAL N   H2   sing N N 389 
VAL CA  C    sing N N 390 
VAL CA  CB   sing N N 391 
VAL CA  HA   sing N N 392 
VAL C   O    doub N N 393 
VAL C   OXT  sing N N 394 
VAL CB  CG1  sing N N 395 
VAL CB  CG2  sing N N 396 
VAL CB  HB   sing N N 397 
VAL CG1 HG11 sing N N 398 
VAL CG1 HG12 sing N N 399 
VAL CG1 HG13 sing N N 400 
VAL CG2 HG21 sing N N 401 
VAL CG2 HG22 sing N N 402 
VAL CG2 HG23 sing N N 403 
VAL OXT HXT  sing N N 404 
# 
_pdbx_initial_refinement_model.id               1 
_pdbx_initial_refinement_model.entity_id_list   ? 
_pdbx_initial_refinement_model.type             'experimental model' 
_pdbx_initial_refinement_model.source_name      PDB 
_pdbx_initial_refinement_model.accession_code   1OHE 
_pdbx_initial_refinement_model.details          ? 
# 
_atom_sites.entry_id                    2DXP 
_atom_sites.fract_transf_matrix[1][1]   -0.00913184 
_atom_sites.fract_transf_matrix[1][2]   0.00663127 
_atom_sites.fract_transf_matrix[1][3]   -0.00480014 
_atom_sites.fract_transf_matrix[2][1]   0.00677152 
_atom_sites.fract_transf_matrix[2][2]   0.01424374 
_atom_sites.fract_transf_matrix[2][3]   0.00679516 
_atom_sites.fract_transf_matrix[3][1]   0.01476602 
_atom_sites.fract_transf_matrix[3][2]   0.00384641 
_atom_sites.fract_transf_matrix[3][3]   -0.02277733 
_atom_sites.fract_transf_vector[1]      0.152814 
_atom_sites.fract_transf_vector[2]      0.095906 
_atom_sites.fract_transf_vector[3]      0.217390 
# 
loop_
_atom_type.symbol 
C 
N 
O 
P 
S 
# 
loop_
_atom_site.group_PDB 
_atom_site.id 
_atom_site.type_symbol 
_atom_site.label_atom_id 
_atom_site.label_alt_id 
_atom_site.label_comp_id 
_atom_site.label_asym_id 
_atom_site.label_entity_id 
_atom_site.label_seq_id 
_atom_site.pdbx_PDB_ins_code 
_atom_site.Cartn_x 
_atom_site.Cartn_y 
_atom_site.Cartn_z 
_atom_site.occupancy 
_atom_site.B_iso_or_equiv 
_atom_site.pdbx_formal_charge 
_atom_site.auth_seq_id 
_atom_site.auth_comp_id 
_atom_site.auth_asym_id 
_atom_site.auth_atom_id 
_atom_site.pdbx_PDB_model_num 
ATOM   1    N N   . MET A 1 1   ? -10.319 4.909   -5.535  1.00 26.49 ? 1    MET A N   1 
ATOM   2    C CA  . MET A 1 1   ? -8.930  4.521   -5.942  1.00 26.99 ? 1    MET A CA  1 
ATOM   3    C C   . MET A 1 1   ? -8.207  5.738   -6.509  1.00 25.02 ? 1    MET A C   1 
ATOM   4    O O   . MET A 1 1   ? -8.771  6.488   -7.301  1.00 23.01 ? 1    MET A O   1 
ATOM   5    C CB  . MET A 1 1   ? -8.962  3.429   -7.012  1.00 29.65 ? 1    MET A CB  1 
ATOM   6    C CG  . MET A 1 1   ? -7.601  2.834   -7.306  1.00 30.98 ? 1    MET A CG  1 
ATOM   7    S SD  . MET A 1 1   ? -7.278  2.477   -9.061  1.00 34.44 ? 1    MET A SD  1 
ATOM   8    C CE  . MET A 1 1   ? -5.804  3.428   -9.291  1.00 27.66 ? 1    MET A CE  1 
ATOM   9    N N   . TYR A 1 2   ? -6.952  5.917   -6.123  1.00 22.98 ? 2    TYR A N   1 
ATOM   10   C CA  . TYR A 1 2   ? -6.179  7.057   -6.587  1.00 21.83 ? 2    TYR A CA  1 
ATOM   11   C C   . TYR A 1 2   ? -4.777  6.651   -7.007  1.00 22.30 ? 2    TYR A C   1 
ATOM   12   O O   . TYR A 1 2   ? -4.215  5.691   -6.480  1.00 21.26 ? 2    TYR A O   1 
ATOM   13   C CB  . TYR A 1 2   ? -6.082  8.108   -5.470  1.00 20.59 ? 2    TYR A CB  1 
ATOM   14   C CG  . TYR A 1 2   ? -5.615  7.533   -4.146  1.00 20.67 ? 2    TYR A CG  1 
ATOM   15   C CD1 . TYR A 1 2   ? -6.529  6.992   -3.237  1.00 21.42 ? 2    TYR A CD1 1 
ATOM   16   C CD2 . TYR A 1 2   ? -4.257  7.472   -3.828  1.00 21.03 ? 2    TYR A CD2 1 
ATOM   17   C CE1 . TYR A 1 2   ? -6.102  6.403   -2.042  1.00 19.51 ? 2    TYR A CE1 1 
ATOM   18   C CE2 . TYR A 1 2   ? -3.818  6.878   -2.633  1.00 20.00 ? 2    TYR A CE2 1 
ATOM   19   C CZ  . TYR A 1 2   ? -4.750  6.349   -1.752  1.00 19.69 ? 2    TYR A CZ  1 
ATOM   20   O OH  . TYR A 1 2   ? -4.339  5.762   -0.581  1.00 19.92 ? 2    TYR A OH  1 
ATOM   21   N N   . TRP A 1 3   ? -4.216  7.392   -7.959  1.00 21.30 ? 3    TRP A N   1 
ATOM   22   C CA  . TRP A 1 3   ? -2.860  7.139   -8.421  1.00 23.03 ? 3    TRP A CA  1 
ATOM   23   C C   . TRP A 1 3   ? -1.953  8.164   -7.753  1.00 24.17 ? 3    TRP A C   1 
ATOM   24   O O   . TRP A 1 3   ? -2.282  9.346   -7.722  1.00 24.52 ? 3    TRP A O   1 
ATOM   25   C CB  . TRP A 1 3   ? -2.750  7.318   -9.942  1.00 23.15 ? 3    TRP A CB  1 
ATOM   26   C CG  . TRP A 1 3   ? -3.347  6.213   -10.744 1.00 23.73 ? 3    TRP A CG  1 
ATOM   27   C CD1 . TRP A 1 3   ? -4.447  6.284   -11.546 1.00 24.24 ? 3    TRP A CD1 1 
ATOM   28   C CD2 . TRP A 1 3   ? -2.881  4.859   -10.817 1.00 23.37 ? 3    TRP A CD2 1 
ATOM   29   N NE1 . TRP A 1 3   ? -4.698  5.057   -12.113 1.00 23.88 ? 3    TRP A NE1 1 
ATOM   30   C CE2 . TRP A 1 3   ? -3.752  4.164   -11.684 1.00 22.71 ? 3    TRP A CE2 1 
ATOM   31   C CE3 . TRP A 1 3   ? -1.812  4.165   -10.230 1.00 22.50 ? 3    TRP A CE3 1 
ATOM   32   C CZ2 . TRP A 1 3   ? -3.587  2.805   -11.983 1.00 22.29 ? 3    TRP A CZ2 1 
ATOM   33   C CZ3 . TRP A 1 3   ? -1.648  2.815   -10.528 1.00 22.01 ? 3    TRP A CZ3 1 
ATOM   34   C CH2 . TRP A 1 3   ? -2.532  2.150   -11.396 1.00 20.92 ? 3    TRP A CH2 1 
ATOM   35   N N   . VAL A 1 4   ? -0.831  7.724   -7.193  1.00 24.04 ? 4    VAL A N   1 
ATOM   36   C CA  . VAL A 1 4   ? 0.098   8.676   -6.597  1.00 26.28 ? 4    VAL A CA  1 
ATOM   37   C C   . VAL A 1 4   ? 1.042   9.074   -7.739  1.00 27.17 ? 4    VAL A C   1 
ATOM   38   O O   . VAL A 1 4   ? 1.442   10.235  -7.865  1.00 26.44 ? 4    VAL A O   1 
ATOM   39   C CB  . VAL A 1 4   ? 0.906   8.053   -5.431  1.00 28.00 ? 4    VAL A CB  1 
ATOM   40   C CG1 . VAL A 1 4   ? 1.996   9.021   -4.976  1.00 29.24 ? 4    VAL A CG1 1 
ATOM   41   C CG2 . VAL A 1 4   ? -0.019  7.751   -4.262  1.00 27.27 ? 4    VAL A CG2 1 
ATOM   42   N N   . ARG A 1 5   ? 1.374   8.093   -8.572  1.00 27.37 ? 5    ARG A N   1 
ATOM   43   C CA  . ARG A 1 5   ? 2.229   8.289   -9.739  1.00 29.95 ? 5    ARG A CA  1 
ATOM   44   C C   . ARG A 1 5   ? 1.538   7.585   -10.908 1.00 30.79 ? 5    ARG A C   1 
ATOM   45   O O   . ARG A 1 5   ? 1.572   6.361   -11.018 1.00 28.84 ? 5    ARG A O   1 
ATOM   46   C CB  . ARG A 1 5   ? 3.623   7.695   -9.495  1.00 30.25 ? 5    ARG A CB  1 
ATOM   47   C CG  . ARG A 1 5   ? 4.465   8.471   -8.484  1.00 29.98 ? 5    ARG A CG  1 
ATOM   48   C CD  . ARG A 1 5   ? 4.875   9.835   -9.034  1.00 29.79 ? 5    ARG A CD  1 
ATOM   49   N NE  . ARG A 1 5   ? 5.658   10.623  -8.078  1.00 29.83 ? 5    ARG A NE  1 
ATOM   50   C CZ  . ARG A 1 5   ? 5.141   11.488  -7.211  1.00 28.32 ? 5    ARG A CZ  1 
ATOM   51   N NH1 . ARG A 1 5   ? 3.829   11.686  -7.169  1.00 25.17 ? 5    ARG A NH1 1 
ATOM   52   N NH2 . ARG A 1 5   ? 5.937   12.171  -6.396  1.00 27.56 ? 5    ARG A NH2 1 
ATOM   53   N N   . ARG A 1 6   ? 0.899   8.385   -11.759 1.00 33.28 ? 6    ARG A N   1 
ATOM   54   C CA  . ARG A 1 6   ? 0.142   7.928   -12.931 1.00 34.82 ? 6    ARG A CA  1 
ATOM   55   C C   . ARG A 1 6   ? 0.433   6.530   -13.474 1.00 34.56 ? 6    ARG A C   1 
ATOM   56   O O   . ARG A 1 6   ? 1.435   6.307   -14.160 1.00 34.40 ? 6    ARG A O   1 
ATOM   57   C CB  . ARG A 1 6   ? 0.297   8.942   -14.070 1.00 38.96 ? 6    ARG A CB  1 
ATOM   58   C CG  . ARG A 1 6   ? -0.615  8.689   -15.264 1.00 42.41 ? 6    ARG A CG  1 
ATOM   59   C CD  . ARG A 1 6   ? -2.070  8.970   -14.907 1.00 46.46 ? 6    ARG A CD  1 
ATOM   60   N NE  . ARG A 1 6   ? -2.978  8.717   -16.025 1.00 49.53 ? 6    ARG A NE  1 
ATOM   61   C CZ  . ARG A 1 6   ? -2.898  9.312   -17.211 1.00 51.12 ? 6    ARG A CZ  1 
ATOM   62   N NH1 . ARG A 1 6   ? -1.947  10.207  -17.452 1.00 52.61 ? 6    ARG A NH1 1 
ATOM   63   N NH2 . ARG A 1 6   ? -3.776  9.012   -18.159 1.00 52.17 ? 6    ARG A NH2 1 
ATOM   64   N N   . LYS A 1 7   ? -0.469  5.602   -13.162 1.00 33.77 ? 7    LYS A N   1 
ATOM   65   C CA  . LYS A 1 7   ? -0.402  4.213   -13.603 1.00 32.01 ? 7    LYS A CA  1 
ATOM   66   C C   . LYS A 1 7   ? 0.756   3.363   -13.079 1.00 31.09 ? 7    LYS A C   1 
ATOM   67   O O   . LYS A 1 7   ? 0.879   2.200   -13.463 1.00 29.49 ? 7    LYS A O   1 
ATOM   68   C CB  . LYS A 1 7   ? -0.411  4.154   -15.128 1.00 32.37 ? 7    LYS A CB  1 
ATOM   69   C CG  . LYS A 1 7   ? -1.493  5.001   -15.777 1.00 35.94 ? 7    LYS A CG  1 
ATOM   70   C CD  . LYS A 1 7   ? -2.899  4.516   -15.454 1.00 35.05 ? 7    LYS A CD  1 
ATOM   71   C CE  . LYS A 1 7   ? -3.935  5.404   -16.136 1.00 35.99 ? 7    LYS A CE  1 
ATOM   72   N NZ  . LYS A 1 7   ? -5.306  4.827   -16.085 1.00 36.04 ? 7    LYS A NZ  1 
ATOM   73   N N   . THR A 1 8   ? 1.609   3.919   -12.223 1.00 30.17 ? 8    THR A N   1 
ATOM   74   C CA  . THR A 1 8   ? 2.718   3.130   -11.688 1.00 29.37 ? 8    THR A CA  1 
ATOM   75   C C   . THR A 1 8   ? 2.412   2.657   -10.266 1.00 28.61 ? 8    THR A C   1 
ATOM   76   O O   . THR A 1 8   ? 2.611   1.486   -9.937  1.00 26.13 ? 8    THR A O   1 
ATOM   77   C CB  . THR A 1 8   ? 4.058   3.912   -11.697 1.00 31.29 ? 8    THR A CB  1 
ATOM   78   O OG1 . THR A 1 8   ? 3.935   5.106   -10.919 1.00 36.49 ? 8    THR A OG1 1 
ATOM   79   C CG2 . THR A 1 8   ? 4.453   4.278   -13.116 1.00 32.26 ? 8    THR A CG2 1 
ATOM   80   N N   . ILE A 1 9   ? 1.917   3.561   -9.422  1.00 26.66 ? 9    ILE A N   1 
ATOM   81   C CA  . ILE A 1 9   ? 1.581   3.187   -8.054  1.00 23.81 ? 9    ILE A CA  1 
ATOM   82   C C   . ILE A 1 9   ? 0.452   4.044   -7.489  1.00 23.87 ? 9    ILE A C   1 
ATOM   83   O O   . ILE A 1 9   ? 0.499   5.282   -7.523  1.00 22.07 ? 9    ILE A O   1 
ATOM   84   C CB  . ILE A 1 9   ? 2.812   3.273   -7.120  1.00 24.45 ? 9    ILE A CB  1 
ATOM   85   C CG1 . ILE A 1 9   ? 2.535   2.500   -5.829  1.00 25.80 ? 9    ILE A CG1 1 
ATOM   86   C CG2 . ILE A 1 9   ? 3.138   4.725   -6.789  1.00 22.54 ? 9    ILE A CG2 1 
ATOM   87   C CD1 . ILE A 1 9   ? 3.793   2.196   -5.020  1.00 27.07 ? 9    ILE A CD1 1 
ATOM   88   N N   . GLY A 1 10  ? -0.568  3.365   -6.980  1.00 20.77 ? 10   GLY A N   1 
ATOM   89   C CA  . GLY A 1 10  ? -1.708  4.044   -6.410  1.00 17.98 ? 10   GLY A CA  1 
ATOM   90   C C   . GLY A 1 10  ? -2.157  3.341   -5.145  1.00 19.44 ? 10   GLY A C   1 
ATOM   91   O O   . GLY A 1 10  ? -1.538  2.357   -4.706  1.00 16.30 ? 10   GLY A O   1 
ATOM   92   N N   . GLY A 1 11  ? -3.229  3.854   -4.551  1.00 17.35 ? 11   GLY A N   1 
ATOM   93   C CA  . GLY A 1 11  ? -3.747  3.268   -3.333  1.00 18.07 ? 11   GLY A CA  1 
ATOM   94   C C   . GLY A 1 11  ? -5.260  3.235   -3.337  1.00 19.44 ? 11   GLY A C   1 
ATOM   95   O O   . GLY A 1 11  ? -5.908  3.856   -4.188  1.00 18.03 ? 11   GLY A O   1 
ATOM   96   N N   . SER A 1 12  ? -5.827  2.520   -2.373  1.00 19.94 ? 12   SER A N   1 
ATOM   97   C CA  . SER A 1 12  ? -7.270  2.394   -2.268  1.00 19.84 ? 12   SER A CA  1 
ATOM   98   C C   . SER A 1 12  ? -7.661  1.759   -0.952  1.00 19.71 ? 12   SER A C   1 
ATOM   99   O O   . SER A 1 12  ? -6.806  1.280   -0.202  1.00 20.64 ? 12   SER A O   1 
ATOM   100  C CB  . SER A 1 12  ? -7.790  1.523   -3.415  1.00 21.53 ? 12   SER A CB  1 
ATOM   101  O OG  . SER A 1 12  ? -9.118  1.102   -3.180  1.00 24.49 ? 12   SER A OG  1 
ATOM   102  N N   . GLY A 1 13  ? -8.958  1.766   -0.670  1.00 16.67 ? 13   GLY A N   1 
ATOM   103  C CA  . GLY A 1 13  ? -9.451  1.133   0.534   1.00 16.33 ? 13   GLY A CA  1 
ATOM   104  C C   . GLY A 1 13  ? -9.780  -0.303  0.153   1.00 16.54 ? 13   GLY A C   1 
ATOM   105  O O   . GLY A 1 13  ? -9.443  -0.743  -0.952  1.00 16.41 ? 13   GLY A O   1 
ATOM   106  N N   . LEU A 1 14  ? -10.433 -1.036  1.047   1.00 16.38 ? 14   LEU A N   1 
ATOM   107  C CA  . LEU A 1 14  ? -10.799 -2.421  0.764   1.00 17.52 ? 14   LEU A CA  1 
ATOM   108  C C   . LEU A 1 14  ? -12.081 -2.459  -0.060  1.00 18.83 ? 14   LEU A C   1 
ATOM   109  O O   . LEU A 1 14  ? -13.093 -1.895  0.350   1.00 18.76 ? 14   LEU A O   1 
ATOM   110  C CB  . LEU A 1 14  ? -11.009 -3.180  2.072   1.00 17.86 ? 14   LEU A CB  1 
ATOM   111  C CG  . LEU A 1 14  ? -11.584 -4.606  2.017   1.00 20.21 ? 14   LEU A CG  1 
ATOM   112  C CD1 . LEU A 1 14  ? -10.640 -5.542  1.269   1.00 20.37 ? 14   LEU A CD1 1 
ATOM   113  C CD2 . LEU A 1 14  ? -11.796 -5.105  3.436   1.00 21.51 ? 14   LEU A CD2 1 
ATOM   114  N N   . PRO A 1 15  ? -12.057 -3.117  -1.237  1.00 20.05 ? 15   PRO A N   1 
ATOM   115  C CA  . PRO A 1 15  ? -13.274 -3.184  -2.064  1.00 21.73 ? 15   PRO A CA  1 
ATOM   116  C C   . PRO A 1 15  ? -14.335 -4.065  -1.402  1.00 22.83 ? 15   PRO A C   1 
ATOM   117  O O   . PRO A 1 15  ? -14.003 -5.006  -0.679  1.00 21.53 ? 15   PRO A O   1 
ATOM   118  C CB  . PRO A 1 15  ? -12.766 -3.756  -3.388  1.00 21.36 ? 15   PRO A CB  1 
ATOM   119  C CG  . PRO A 1 15  ? -11.607 -4.632  -2.962  1.00 20.31 ? 15   PRO A CG  1 
ATOM   120  C CD  . PRO A 1 15  ? -10.926 -3.797  -1.896  1.00 19.85 ? 15   PRO A CD  1 
ATOM   121  N N   . TYR A 1 16  ? -15.605 -3.749  -1.638  1.00 23.07 ? 16   TYR A N   1 
ATOM   122  C CA  . TYR A 1 16  ? -16.694 -4.512  -1.042  1.00 25.11 ? 16   TYR A CA  1 
ATOM   123  C C   . TYR A 1 16  ? -17.291 -5.554  -1.993  1.00 25.30 ? 16   TYR A C   1 
ATOM   124  O O   . TYR A 1 16  ? -17.807 -6.578  -1.551  1.00 23.94 ? 16   TYR A O   1 
ATOM   125  C CB  . TYR A 1 16  ? -17.802 -3.567  -0.567  1.00 27.01 ? 16   TYR A CB  1 
ATOM   126  C CG  . TYR A 1 16  ? -18.800 -4.232  0.357   1.00 28.77 ? 16   TYR A CG  1 
ATOM   127  C CD1 . TYR A 1 16  ? -20.171 -4.150  0.111   1.00 29.61 ? 16   TYR A CD1 1 
ATOM   128  C CD2 . TYR A 1 16  ? -18.372 -4.953  1.475   1.00 29.01 ? 16   TYR A CD2 1 
ATOM   129  C CE1 . TYR A 1 16  ? -21.095 -4.775  0.957   1.00 30.56 ? 16   TYR A CE1 1 
ATOM   130  C CE2 . TYR A 1 16  ? -19.285 -5.581  2.326   1.00 29.40 ? 16   TYR A CE2 1 
ATOM   131  C CZ  . TYR A 1 16  ? -20.644 -5.489  2.060   1.00 30.47 ? 16   TYR A CZ  1 
ATOM   132  O OH  . TYR A 1 16  ? -21.549 -6.118  2.887   1.00 31.25 ? 16   TYR A OH  1 
ATOM   133  N N   . THR A 1 17  ? -17.227 -5.287  -3.294  1.00 24.51 ? 17   THR A N   1 
ATOM   134  C CA  . THR A 1 17  ? -17.765 -6.212  -4.288  1.00 23.82 ? 17   THR A CA  1 
ATOM   135  C C   . THR A 1 17  ? -16.770 -6.412  -5.415  1.00 23.63 ? 17   THR A C   1 
ATOM   136  O O   . THR A 1 17  ? -15.811 -5.659  -5.551  1.00 24.07 ? 17   THR A O   1 
ATOM   137  C CB  . THR A 1 17  ? -19.083 -5.696  -4.901  1.00 22.18 ? 17   THR A CB  1 
ATOM   138  O OG1 . THR A 1 17  ? -18.825 -4.516  -5.668  1.00 24.76 ? 17   THR A OG1 1 
ATOM   139  C CG2 . THR A 1 17  ? -20.082 -5.359  -3.814  1.00 22.94 ? 17   THR A CG2 1 
ATOM   140  N N   . GLU A 1 18  ? -17.021 -7.425  -6.230  1.00 24.45 ? 18   GLU A N   1 
ATOM   141  C CA  . GLU A 1 18  ? -16.157 -7.758  -7.348  1.00 26.59 ? 18   GLU A CA  1 
ATOM   142  C C   . GLU A 1 18  ? -16.151 -6.668  -8.430  1.00 27.77 ? 18   GLU A C   1 
ATOM   143  O O   . GLU A 1 18  ? -15.222 -6.580  -9.241  1.00 25.57 ? 18   GLU A O   1 
ATOM   144  C CB  . GLU A 1 18  ? -16.602 -9.105  -7.916  1.00 26.50 ? 18   GLU A CB  1 
ATOM   145  C CG  . GLU A 1 18  ? -15.552 -9.861  -8.680  1.00 29.72 ? 18   GLU A CG  1 
ATOM   146  C CD  . GLU A 1 18  ? -15.827 -11.356 -8.713  1.00 28.72 ? 18   GLU A CD  1 
ATOM   147  O OE1 . GLU A 1 18  ? -15.267 -12.029 -9.596  1.00 30.90 ? 18   GLU A OE1 1 
ATOM   148  O OE2 . GLU A 1 18  ? -16.591 -11.859 -7.853  1.00 28.28 ? 18   GLU A OE2 1 
ATOM   149  N N   . ASN A 1 19  ? -17.184 -5.829  -8.436  1.00 29.56 ? 19   ASN A N   1 
ATOM   150  C CA  . ASN A 1 19  ? -17.270 -4.748  -9.409  1.00 29.97 ? 19   ASN A CA  1 
ATOM   151  C C   . ASN A 1 19  ? -16.212 -3.670  -9.167  1.00 28.58 ? 19   ASN A C   1 
ATOM   152  O O   . ASN A 1 19  ? -15.713 -3.063  -10.115 1.00 27.45 ? 19   ASN A O   1 
ATOM   153  C CB  . ASN A 1 19  ? -18.668 -4.127  -9.391  1.00 35.28 ? 19   ASN A CB  1 
ATOM   154  C CG  . ASN A 1 19  ? -19.624 -4.837  -10.332 1.00 40.51 ? 19   ASN A CG  1 
ATOM   155  O OD1 . ASN A 1 19  ? -19.704 -6.069  -10.339 1.00 45.58 ? 19   ASN A OD1 1 
ATOM   156  N ND2 . ASN A 1 19  ? -20.354 -4.065  -11.133 1.00 40.12 ? 19   ASN A ND2 1 
ATOM   157  N N   . GLU A 1 20  ? -15.867 -3.426  -7.906  1.00 25.43 ? 20   GLU A N   1 
ATOM   158  C CA  . GLU A 1 20  ? -14.854 -2.421  -7.611  1.00 26.28 ? 20   GLU A CA  1 
ATOM   159  C C   . GLU A 1 20  ? -13.510 -2.959  -8.085  1.00 24.16 ? 20   GLU A C   1 
ATOM   160  O O   . GLU A 1 20  ? -12.640 -2.206  -8.506  1.00 23.90 ? 20   GLU A O   1 
ATOM   161  C CB  . GLU A 1 20  ? -14.779 -2.140  -6.112  1.00 27.37 ? 20   GLU A CB  1 
ATOM   162  C CG  . GLU A 1 20  ? -16.119 -1.931  -5.443  1.00 33.87 ? 20   GLU A CG  1 
ATOM   163  C CD  . GLU A 1 20  ? -15.981 -1.552  -3.985  1.00 33.81 ? 20   GLU A CD  1 
ATOM   164  O OE1 . GLU A 1 20  ? -16.960 -1.724  -3.235  1.00 37.40 ? 20   GLU A OE1 1 
ATOM   165  O OE2 . GLU A 1 20  ? -14.896 -1.072  -3.593  1.00 38.60 ? 20   GLU A OE2 1 
ATOM   166  N N   . ILE A 1 21  ? -13.352 -4.273  -8.010  1.00 23.32 ? 21   ILE A N   1 
ATOM   167  C CA  . ILE A 1 21  ? -12.116 -4.905  -8.437  1.00 24.28 ? 21   ILE A CA  1 
ATOM   168  C C   . ILE A 1 21  ? -11.959 -4.763  -9.950  1.00 24.96 ? 21   ILE A C   1 
ATOM   169  O O   . ILE A 1 21  ? -10.874 -4.448  -10.444 1.00 23.57 ? 21   ILE A O   1 
ATOM   170  C CB  . ILE A 1 21  ? -12.096 -6.393  -8.018  1.00 22.47 ? 21   ILE A CB  1 
ATOM   171  C CG1 . ILE A 1 21  ? -12.084 -6.484  -6.483  1.00 22.96 ? 21   ILE A CG1 1 
ATOM   172  C CG2 . ILE A 1 21  ? -10.872 -7.090  -8.605  1.00 22.64 ? 21   ILE A CG2 1 
ATOM   173  C CD1 . ILE A 1 21  ? -12.160 -7.898  -5.922  1.00 19.80 ? 21   ILE A CD1 1 
ATOM   174  N N   . LEU A 1 22  ? -13.044 -4.977  -10.689 1.00 25.86 ? 22   LEU A N   1 
ATOM   175  C CA  . LEU A 1 22  ? -12.987 -4.846  -12.138 1.00 26.54 ? 22   LEU A CA  1 
ATOM   176  C C   . LEU A 1 22  ? -12.632 -3.413  -12.517 1.00 26.72 ? 22   LEU A C   1 
ATOM   177  O O   . LEU A 1 22  ? -11.930 -3.184  -13.505 1.00 26.06 ? 22   LEU A O   1 
ATOM   178  C CB  . LEU A 1 22  ? -14.324 -5.240  -12.770 1.00 27.44 ? 22   LEU A CB  1 
ATOM   179  C CG  . LEU A 1 22  ? -14.714 -6.716  -12.665 1.00 30.86 ? 22   LEU A CG  1 
ATOM   180  C CD1 . LEU A 1 22  ? -16.059 -6.943  -13.346 1.00 32.27 ? 22   LEU A CD1 1 
ATOM   181  C CD2 . LEU A 1 22  ? -13.641 -7.578  -13.312 1.00 31.68 ? 22   LEU A CD2 1 
ATOM   182  N N   . GLU A 1 23  ? -13.113 -2.450  -11.730 1.00 26.75 ? 23   GLU A N   1 
ATOM   183  C CA  . GLU A 1 23  ? -12.820 -1.041  -11.989 1.00 27.70 ? 23   GLU A CA  1 
ATOM   184  C C   . GLU A 1 23  ? -11.322 -0.790  -11.865 1.00 26.64 ? 23   GLU A C   1 
ATOM   185  O O   . GLU A 1 23  ? -10.762 -0.003  -12.622 1.00 25.97 ? 23   GLU A O   1 
ATOM   186  C CB  . GLU A 1 23  ? -13.580 -0.135  -11.016 1.00 32.21 ? 23   GLU A CB  1 
ATOM   187  C CG  . GLU A 1 23  ? -15.037 0.103   -11.393 1.00 39.51 ? 23   GLU A CG  1 
ATOM   188  C CD  . GLU A 1 23  ? -15.783 0.928   -10.355 1.00 44.22 ? 23   GLU A CD  1 
ATOM   189  O OE1 . GLU A 1 23  ? -16.943 1.307   -10.618 1.00 47.48 ? 23   GLU A OE1 1 
ATOM   190  O OE2 . GLU A 1 23  ? -15.213 1.195   -9.272  1.00 47.67 ? 23   GLU A OE2 1 
ATOM   191  N N   . TRP A 1 24  ? -10.682 -1.461  -10.908 1.00 25.17 ? 24   TRP A N   1 
ATOM   192  C CA  . TRP A 1 24  ? -9.236  -1.332  -10.707 1.00 24.08 ? 24   TRP A CA  1 
ATOM   193  C C   . TRP A 1 24  ? -8.522  -1.771  -11.982 1.00 23.60 ? 24   TRP A C   1 
ATOM   194  O O   . TRP A 1 24  ? -7.615  -1.105  -12.475 1.00 22.71 ? 24   TRP A O   1 
ATOM   195  C CB  . TRP A 1 24  ? -8.751  -2.240  -9.566  1.00 20.93 ? 24   TRP A CB  1 
ATOM   196  C CG  . TRP A 1 24  ? -9.133  -1.831  -8.171  1.00 20.22 ? 24   TRP A CG  1 
ATOM   197  C CD1 . TRP A 1 24  ? -9.737  -0.668  -7.784  1.00 21.23 ? 24   TRP A CD1 1 
ATOM   198  C CD2 . TRP A 1 24  ? -8.887  -2.574  -6.970  1.00 20.79 ? 24   TRP A CD2 1 
ATOM   199  N NE1 . TRP A 1 24  ? -9.881  -0.641  -6.416  1.00 21.06 ? 24   TRP A NE1 1 
ATOM   200  C CE2 . TRP A 1 24  ? -9.368  -1.799  -5.891  1.00 20.11 ? 24   TRP A CE2 1 
ATOM   201  C CE3 . TRP A 1 24  ? -8.305  -3.823  -6.701  1.00 19.43 ? 24   TRP A CE3 1 
ATOM   202  C CZ2 . TRP A 1 24  ? -9.285  -2.228  -4.565  1.00 17.21 ? 24   TRP A CZ2 1 
ATOM   203  C CZ3 . TRP A 1 24  ? -8.223  -4.250  -5.381  1.00 19.76 ? 24   TRP A CZ3 1 
ATOM   204  C CH2 . TRP A 1 24  ? -8.711  -3.451  -4.328  1.00 19.59 ? 24   TRP A CH2 1 
ATOM   205  N N   . ARG A 1 25  ? -8.930  -2.921  -12.496 1.00 24.57 ? 25   ARG A N   1 
ATOM   206  C CA  . ARG A 1 25  ? -8.325  -3.464  -13.696 1.00 27.61 ? 25   ARG A CA  1 
ATOM   207  C C   . ARG A 1 25  ? -8.536  -2.468  -14.839 1.00 28.44 ? 25   ARG A C   1 
ATOM   208  O O   . ARG A 1 25  ? -7.595  -2.087  -15.543 1.00 25.65 ? 25   ARG A O   1 
ATOM   209  C CB  . ARG A 1 25  ? -8.958  -4.824  -14.013 1.00 29.12 ? 25   ARG A CB  1 
ATOM   210  C CG  . ARG A 1 25  ? -8.168  -5.663  -15.004 1.00 36.60 ? 25   ARG A CG  1 
ATOM   211  C CD  . ARG A 1 25  ? -8.749  -7.055  -15.122 1.00 41.60 ? 25   ARG A CD  1 
ATOM   212  N NE  . ARG A 1 25  ? -8.331  -7.731  -16.348 1.00 46.63 ? 25   ARG A NE  1 
ATOM   213  C CZ  . ARG A 1 25  ? -7.076  -8.046  -16.645 1.00 48.90 ? 25   ARG A CZ  1 
ATOM   214  N NH1 . ARG A 1 25  ? -6.800  -8.662  -17.787 1.00 51.30 ? 25   ARG A NH1 1 
ATOM   215  N NH2 . ARG A 1 25  ? -6.096  -7.750  -15.802 1.00 51.33 ? 25   ARG A NH2 1 
ATOM   216  N N   . LYS A 1 26  ? -9.778  -2.028  -14.997 1.00 29.51 ? 26   LYS A N   1 
ATOM   217  C CA  . LYS A 1 26  ? -10.117 -1.067  -16.028 1.00 31.06 ? 26   LYS A CA  1 
ATOM   218  C C   . LYS A 1 26  ? -9.217  0.171   -15.900 1.00 31.54 ? 26   LYS A C   1 
ATOM   219  O O   . LYS A 1 26  ? -8.817  0.755   -16.902 1.00 31.86 ? 26   LYS A O   1 
ATOM   220  C CB  . LYS A 1 26  ? -11.590 -0.685  -15.892 1.00 33.58 ? 26   LYS A CB  1 
ATOM   221  C CG  . LYS A 1 26  ? -12.157 0.107   -17.048 1.00 37.81 ? 26   LYS A CG  1 
ATOM   222  C CD  . LYS A 1 26  ? -13.629 0.408   -16.801 1.00 41.15 ? 26   LYS A CD  1 
ATOM   223  C CE  . LYS A 1 26  ? -14.229 1.207   -17.941 1.00 44.78 ? 26   LYS A CE  1 
ATOM   224  N NZ  . LYS A 1 26  ? -13.449 2.452   -18.200 1.00 48.10 ? 26   LYS A NZ  1 
ATOM   225  N N   . GLU A 1 27  ? -8.887  0.557   -14.668 1.00 30.54 ? 27   GLU A N   1 
ATOM   226  C CA  . GLU A 1 27  ? -8.026  1.720   -14.426 1.00 30.27 ? 27   GLU A CA  1 
ATOM   227  C C   . GLU A 1 27  ? -6.550  1.478   -14.719 1.00 28.84 ? 27   GLU A C   1 
ATOM   228  O O   . GLU A 1 27  ? -5.766  2.426   -14.778 1.00 28.85 ? 27   GLU A O   1 
ATOM   229  C CB  . GLU A 1 27  ? -8.161  2.204   -12.979 1.00 33.12 ? 27   GLU A CB  1 
ATOM   230  C CG  . GLU A 1 27  ? -9.260  3.224   -12.767 1.00 39.40 ? 27   GLU A CG  1 
ATOM   231  C CD  . GLU A 1 27  ? -8.948  4.571   -13.409 1.00 42.37 ? 27   GLU A CD  1 
ATOM   232  O OE1 . GLU A 1 27  ? -9.882  5.394   -13.518 1.00 45.36 ? 27   GLU A OE1 1 
ATOM   233  O OE2 . GLU A 1 27  ? -7.777  4.811   -13.792 1.00 42.32 ? 27   GLU A OE2 1 
ATOM   234  N N   . GLY A 1 28  ? -6.157  0.220   -14.882 1.00 26.07 ? 28   GLY A N   1 
ATOM   235  C CA  . GLY A 1 28  ? -4.765  -0.061  -15.166 1.00 25.17 ? 28   GLY A CA  1 
ATOM   236  C C   . GLY A 1 28  ? -4.024  -0.783  -14.054 1.00 25.05 ? 28   GLY A C   1 
ATOM   237  O O   . GLY A 1 28  ? -2.808  -0.977  -14.137 1.00 25.55 ? 28   GLY A O   1 
ATOM   238  N N   . VAL A 1 29  ? -4.742  -1.175  -13.006 1.00 23.06 ? 29   VAL A N   1 
ATOM   239  C CA  . VAL A 1 29  ? -4.119  -1.897  -11.901 1.00 20.99 ? 29   VAL A CA  1 
ATOM   240  C C   . VAL A 1 29  ? -3.759  -3.296  -12.392 1.00 22.30 ? 29   VAL A C   1 
ATOM   241  O O   . VAL A 1 29  ? -4.566  -3.947  -13.056 1.00 19.64 ? 29   VAL A O   1 
ATOM   242  C CB  . VAL A 1 29  ? -5.079  -2.034  -10.692 1.00 18.51 ? 29   VAL A CB  1 
ATOM   243  C CG1 . VAL A 1 29  ? -4.447  -2.928  -9.631  1.00 15.12 ? 29   VAL A CG1 1 
ATOM   244  C CG2 . VAL A 1 29  ? -5.393  -0.653  -10.107 1.00 14.66 ? 29   VAL A CG2 1 
ATOM   245  N N   . LYS A 1 30  ? -2.553  -3.758  -12.068 1.00 23.38 ? 30   LYS A N   1 
ATOM   246  C CA  . LYS A 1 30  ? -2.117  -5.091  -12.484 1.00 25.53 ? 30   LYS A CA  1 
ATOM   247  C C   . LYS A 1 30  ? -1.648  -5.944  -11.309 1.00 25.59 ? 30   LYS A C   1 
ATOM   248  O O   . LYS A 1 30  ? -1.743  -7.165  -11.349 1.00 24.96 ? 30   LYS A O   1 
ATOM   249  C CB  . LYS A 1 30  ? -0.991  -4.985  -13.514 1.00 28.90 ? 30   LYS A CB  1 
ATOM   250  C CG  . LYS A 1 30  ? -1.380  -4.239  -14.789 1.00 32.56 ? 30   LYS A CG  1 
ATOM   251  C CD  . LYS A 1 30  ? -0.205  -4.149  -15.756 1.00 35.47 ? 30   LYS A CD  1 
ATOM   252  C CE  . LYS A 1 30  ? -0.567  -3.359  -17.014 1.00 37.61 ? 30   LYS A CE  1 
ATOM   253  N NZ  . LYS A 1 30  ? -0.947  -1.944  -16.707 1.00 38.60 ? 30   LYS A NZ  1 
ATOM   254  N N   . ARG A 1 31  ? -1.142  -5.294  -10.266 1.00 25.32 ? 31   ARG A N   1 
ATOM   255  C CA  . ARG A 1 31  ? -0.654  -6.000  -9.085  1.00 25.00 ? 31   ARG A CA  1 
ATOM   256  C C   . ARG A 1 31  ? -1.219  -5.344  -7.834  1.00 23.62 ? 31   ARG A C   1 
ATOM   257  O O   . ARG A 1 31  ? -1.284  -4.116  -7.742  1.00 23.19 ? 31   ARG A O   1 
ATOM   258  C CB  . ARG A 1 31  ? 0.873   -5.963  -9.053  1.00 24.53 ? 31   ARG A CB  1 
ATOM   259  C CG  . ARG A 1 31  ? 1.491   -6.480  -10.328 1.00 27.64 ? 31   ARG A CG  1 
ATOM   260  C CD  . ARG A 1 31  ? 2.974   -6.182  -10.398 1.00 27.03 ? 31   ARG A CD  1 
ATOM   261  N NE  . ARG A 1 31  ? 3.793   -7.121  -9.643  1.00 24.14 ? 31   ARG A NE  1 
ATOM   262  C CZ  . ARG A 1 31  ? 4.555   -6.784  -8.610  1.00 28.50 ? 31   ARG A CZ  1 
ATOM   263  N NH1 . ARG A 1 31  ? 4.594   -5.522  -8.192  1.00 27.49 ? 31   ARG A NH1 1 
ATOM   264  N NH2 . ARG A 1 31  ? 5.316   -7.701  -8.023  1.00 26.85 ? 31   ARG A NH2 1 
ATOM   265  N N   . VAL A 1 32  ? -1.617  -6.167  -6.869  1.00 21.67 ? 32   VAL A N   1 
ATOM   266  C CA  . VAL A 1 32  ? -2.212  -5.661  -5.641  1.00 18.95 ? 32   VAL A CA  1 
ATOM   267  C C   . VAL A 1 32  ? -1.517  -6.102  -4.356  1.00 19.06 ? 32   VAL A C   1 
ATOM   268  O O   . VAL A 1 32  ? -1.404  -7.290  -4.068  1.00 18.46 ? 32   VAL A O   1 
ATOM   269  C CB  . VAL A 1 32  ? -3.697  -6.096  -5.536  1.00 18.04 ? 32   VAL A CB  1 
ATOM   270  C CG1 . VAL A 1 32  ? -4.314  -5.538  -4.262  1.00 17.11 ? 32   VAL A CG1 1 
ATOM   271  C CG2 . VAL A 1 32  ? -4.474  -5.635  -6.771  1.00 16.99 ? 32   VAL A CG2 1 
ATOM   272  N N   . LEU A 1 33  ? -1.066  -5.128  -3.579  1.00 19.94 ? 33   LEU A N   1 
ATOM   273  C CA  . LEU A 1 33  ? -0.434  -5.394  -2.293  1.00 18.20 ? 33   LEU A CA  1 
ATOM   274  C C   . LEU A 1 33  ? -1.554  -5.249  -1.258  1.00 17.64 ? 33   LEU A C   1 
ATOM   275  O O   . LEU A 1 33  ? -2.064  -4.144  -1.033  1.00 15.13 ? 33   LEU A O   1 
ATOM   276  C CB  . LEU A 1 33  ? 0.670   -4.366  -2.034  1.00 18.66 ? 33   LEU A CB  1 
ATOM   277  C CG  . LEU A 1 33  ? 1.220   -4.290  -0.610  1.00 19.42 ? 33   LEU A CG  1 
ATOM   278  C CD1 . LEU A 1 33  ? 1.817   -5.643  -0.192  1.00 20.55 ? 33   LEU A CD1 1 
ATOM   279  C CD2 . LEU A 1 33  ? 2.268   -3.193  -0.548  1.00 18.29 ? 33   LEU A CD2 1 
ATOM   280  N N   . VAL A 1 34  ? -1.950  -6.368  -0.649  1.00 17.67 ? 34   VAL A N   1 
ATOM   281  C CA  . VAL A 1 34  ? -3.033  -6.381  0.339   1.00 16.29 ? 34   VAL A CA  1 
ATOM   282  C C   . VAL A 1 34  ? -2.488  -6.199  1.747   1.00 17.01 ? 34   VAL A C   1 
ATOM   283  O O   . VAL A 1 34  ? -1.808  -7.083  2.280   1.00 16.51 ? 34   VAL A O   1 
ATOM   284  C CB  . VAL A 1 34  ? -3.824  -7.705  0.263   1.00 16.57 ? 34   VAL A CB  1 
ATOM   285  C CG1 . VAL A 1 34  ? -5.062  -7.643  1.150   1.00 15.18 ? 34   VAL A CG1 1 
ATOM   286  C CG2 . VAL A 1 34  ? -4.220  -7.976  -1.171  1.00 18.66 ? 34   VAL A CG2 1 
ATOM   287  N N   . LEU A 1 35  ? -2.810  -5.062  2.358   1.00 14.23 ? 35   LEU A N   1 
ATOM   288  C CA  . LEU A 1 35  ? -2.311  -4.750  3.691   1.00 15.92 ? 35   LEU A CA  1 
ATOM   289  C C   . LEU A 1 35  ? -3.157  -5.056  4.933   1.00 17.73 ? 35   LEU A C   1 
ATOM   290  O O   . LEU A 1 35  ? -2.611  -5.163  6.034   1.00 19.04 ? 35   LEU A O   1 
ATOM   291  C CB  . LEU A 1 35  ? -1.902  -3.279  3.742   1.00 15.35 ? 35   LEU A CB  1 
ATOM   292  C CG  . LEU A 1 35  ? -0.797  -2.796  2.793   1.00 11.85 ? 35   LEU A CG  1 
ATOM   293  C CD1 . LEU A 1 35  ? -0.518  -1.334  3.113   1.00 12.11 ? 35   LEU A CD1 1 
ATOM   294  C CD2 . LEU A 1 35  ? 0.474   -3.620  2.964   1.00 13.27 ? 35   LEU A CD2 1 
ATOM   295  N N   . PRO A 1 36  ? -4.490  -5.168  4.799   1.00 19.25 ? 36   PRO A N   1 
ATOM   296  C CA  . PRO A 1 36  ? -5.255  -5.458  6.018   1.00 19.04 ? 36   PRO A CA  1 
ATOM   297  C C   . PRO A 1 36  ? -5.077  -6.863  6.586   1.00 20.46 ? 36   PRO A C   1 
ATOM   298  O O   . PRO A 1 36  ? -4.672  -7.791  5.890   1.00 19.71 ? 36   PRO A O   1 
ATOM   299  C CB  . PRO A 1 36  ? -6.702  -5.165  5.610   1.00 19.38 ? 36   PRO A CB  1 
ATOM   300  C CG  . PRO A 1 36  ? -6.699  -5.316  4.133   1.00 22.25 ? 36   PRO A CG  1 
ATOM   301  C CD  . PRO A 1 36  ? -5.381  -4.762  3.695   1.00 20.06 ? 36   PRO A CD  1 
ATOM   302  N N   . GLU A 1 37  ? -5.382  -7.013  7.866   1.00 19.52 ? 37   GLU A N   1 
ATOM   303  C CA  . GLU A 1 37  ? -5.252  -8.307  8.514   1.00 20.75 ? 37   GLU A CA  1 
ATOM   304  C C   . GLU A 1 37  ? -6.357  -9.270  8.104   1.00 19.82 ? 37   GLU A C   1 
ATOM   305  O O   . GLU A 1 37  ? -7.400  -8.855  7.591   1.00 18.37 ? 37   GLU A O   1 
ATOM   306  C CB  . GLU A 1 37  ? -5.259  -8.121  10.027  1.00 20.55 ? 37   GLU A CB  1 
ATOM   307  C CG  . GLU A 1 37  ? -4.114  -7.278  10.494  1.00 22.92 ? 37   GLU A CG  1 
ATOM   308  C CD  . GLU A 1 37  ? -3.807  -7.485  11.945  1.00 24.01 ? 37   GLU A CD  1 
ATOM   309  O OE1 . GLU A 1 37  ? -4.588  -7.012  12.791  1.00 23.46 ? 37   GLU A OE1 1 
ATOM   310  O OE2 . GLU A 1 37  ? -2.781  -8.130  12.236  1.00 29.72 ? 37   GLU A OE2 1 
ATOM   311  N N   . ASP A 1 38  ? -6.117  -10.555 8.339   1.00 16.89 ? 38   ASP A N   1 
ATOM   312  C CA  . ASP A 1 38  ? -7.084  -11.593 8.016   1.00 18.66 ? 38   ASP A CA  1 
ATOM   313  C C   . ASP A 1 38  ? -8.508  -11.231 8.436   1.00 20.89 ? 38   ASP A C   1 
ATOM   314  O O   . ASP A 1 38  ? -9.427  -11.226 7.603   1.00 20.38 ? 38   ASP A O   1 
ATOM   315  C CB  . ASP A 1 38  ? -6.703  -12.905 8.704   1.00 24.54 ? 38   ASP A CB  1 
ATOM   316  C CG  . ASP A 1 38  ? -5.589  -13.648 7.991   1.00 25.71 ? 38   ASP A CG  1 
ATOM   317  O OD1 . ASP A 1 38  ? -4.934  -13.070 7.098   1.00 28.68 ? 38   ASP A OD1 1 
ATOM   318  O OD2 . ASP A 1 38  ? -5.368  -14.823 8.338   1.00 30.00 ? 38   ASP A OD2 1 
ATOM   319  N N   . TRP A 1 39  ? -8.690  -10.918 9.720   1.00 18.28 ? 39   TRP A N   1 
ATOM   320  C CA  . TRP A 1 39  ? -10.021 -10.614 10.227  1.00 19.04 ? 39   TRP A CA  1 
ATOM   321  C C   . TRP A 1 39  ? -10.690 -9.445  9.524   1.00 18.84 ? 39   TRP A C   1 
ATOM   322  O O   . TRP A 1 39  ? -11.911 -9.416  9.392   1.00 17.66 ? 39   TRP A O   1 
ATOM   323  C CB  . TRP A 1 39  ? -9.997  -10.374 11.752  1.00 18.26 ? 39   TRP A CB  1 
ATOM   324  C CG  . TRP A 1 39  ? -9.358  -9.085  12.211  1.00 20.09 ? 39   TRP A CG  1 
ATOM   325  C CD1 . TRP A 1 39  ? -8.041  -8.879  12.514  1.00 20.39 ? 39   TRP A CD1 1 
ATOM   326  C CD2 . TRP A 1 39  ? -10.015 -7.827  12.411  1.00 20.64 ? 39   TRP A CD2 1 
ATOM   327  N NE1 . TRP A 1 39  ? -7.837  -7.571  12.894  1.00 22.55 ? 39   TRP A NE1 1 
ATOM   328  C CE2 . TRP A 1 39  ? -9.031  -6.903  12.838  1.00 21.62 ? 39   TRP A CE2 1 
ATOM   329  C CE3 . TRP A 1 39  ? -11.339 -7.388  12.271  1.00 20.95 ? 39   TRP A CE3 1 
ATOM   330  C CZ2 . TRP A 1 39  ? -9.331  -5.567  13.124  1.00 23.02 ? 39   TRP A CZ2 1 
ATOM   331  C CZ3 . TRP A 1 39  ? -11.638 -6.058  12.556  1.00 22.21 ? 39   TRP A CZ3 1 
ATOM   332  C CH2 . TRP A 1 39  ? -10.638 -5.165  12.977  1.00 23.91 ? 39   TRP A CH2 1 
ATOM   333  N N   . GLU A 1 40  ? -9.893  -8.484  9.069   1.00 20.65 ? 40   GLU A N   1 
ATOM   334  C CA  . GLU A 1 40  ? -10.439 -7.319  8.392   1.00 20.56 ? 40   GLU A CA  1 
ATOM   335  C C   . GLU A 1 40  ? -11.001 -7.682  7.027   1.00 22.58 ? 40   GLU A C   1 
ATOM   336  O O   . GLU A 1 40  ? -12.049 -7.164  6.624   1.00 22.38 ? 40   GLU A O   1 
ATOM   337  C CB  . GLU A 1 40  ? -9.372  -6.229  8.272   1.00 20.79 ? 40   GLU A CB  1 
ATOM   338  C CG  . GLU A 1 40  ? -9.076  -5.549  9.609   1.00 19.71 ? 40   GLU A CG  1 
ATOM   339  C CD  . GLU A 1 40  ? -7.927  -4.559  9.534   1.00 20.37 ? 40   GLU A CD  1 
ATOM   340  O OE1 . GLU A 1 40  ? -6.808  -4.980  9.187   1.00 20.03 ? 40   GLU A OE1 1 
ATOM   341  O OE2 . GLU A 1 40  ? -8.143  -3.362  9.828   1.00 21.90 ? 40   GLU A OE2 1 
ATOM   342  N N   . ILE A 1 41  ? -10.311 -8.571  6.319   1.00 22.73 ? 41   ILE A N   1 
ATOM   343  C CA  . ILE A 1 41  ? -10.778 -9.009  5.010   1.00 23.92 ? 41   ILE A CA  1 
ATOM   344  C C   . ILE A 1 41  ? -12.017 -9.858  5.250   1.00 24.85 ? 41   ILE A C   1 
ATOM   345  O O   . ILE A 1 41  ? -13.035 -9.695  4.573   1.00 24.26 ? 41   ILE A O   1 
ATOM   346  C CB  . ILE A 1 41  ? -9.710  -9.853  4.274   1.00 24.42 ? 41   ILE A CB  1 
ATOM   347  C CG1 . ILE A 1 41  ? -8.416  -9.051  4.149   1.00 25.24 ? 41   ILE A CG1 1 
ATOM   348  C CG2 . ILE A 1 41  ? -10.203 -10.242 2.890   1.00 21.93 ? 41   ILE A CG2 1 
ATOM   349  C CD1 . ILE A 1 41  ? -8.625  -7.686  3.552   1.00 28.01 ? 41   ILE A CD1 1 
ATOM   350  N N   . GLU A 1 42  ? -11.924 -10.750 6.235   1.00 24.65 ? 42   GLU A N   1 
ATOM   351  C CA  . GLU A 1 42  ? -13.030 -11.638 6.611   1.00 25.04 ? 42   GLU A CA  1 
ATOM   352  C C   . GLU A 1 42  ? -14.297 -10.873 6.958   1.00 23.00 ? 42   GLU A C   1 
ATOM   353  O O   . GLU A 1 42  ? -15.400 -11.267 6.582   1.00 21.15 ? 42   GLU A O   1 
ATOM   354  C CB  . GLU A 1 42  ? -12.645 -12.483 7.823   1.00 26.29 ? 42   GLU A CB  1 
ATOM   355  C CG  . GLU A 1 42  ? -11.653 -13.595 7.551   1.00 31.84 ? 42   GLU A CG  1 
ATOM   356  C CD  . GLU A 1 42  ? -11.088 -14.181 8.839   1.00 36.48 ? 42   GLU A CD  1 
ATOM   357  O OE1 . GLU A 1 42  ? -11.789 -14.137 9.876   1.00 36.34 ? 42   GLU A OE1 1 
ATOM   358  O OE2 . GLU A 1 42  ? -9.946  -14.691 8.809   1.00 38.24 ? 42   GLU A OE2 1 
ATOM   359  N N   . GLU A 1 43  ? -14.133 -9.781  7.688   1.00 23.50 ? 43   GLU A N   1 
ATOM   360  C CA  . GLU A 1 43  ? -15.274 -8.979  8.096   1.00 26.94 ? 43   GLU A CA  1 
ATOM   361  C C   . GLU A 1 43  ? -16.089 -8.475  6.908   1.00 26.92 ? 43   GLU A C   1 
ATOM   362  O O   . GLU A 1 43  ? -17.309 -8.335  7.002   1.00 27.42 ? 43   GLU A O   1 
ATOM   363  C CB  . GLU A 1 43  ? -14.807 -7.794  8.936   1.00 29.50 ? 43   GLU A CB  1 
ATOM   364  C CG  . GLU A 1 43  ? -15.940 -7.061  9.619   1.00 38.43 ? 43   GLU A CG  1 
ATOM   365  C CD  . GLU A 1 43  ? -15.453 -5.898  10.455  1.00 42.46 ? 43   GLU A CD  1 
ATOM   366  O OE1 . GLU A 1 43  ? -14.616 -6.125  11.355  1.00 46.73 ? 43   GLU A OE1 1 
ATOM   367  O OE2 . GLU A 1 43  ? -15.907 -4.759  10.212  1.00 45.28 ? 43   GLU A OE2 1 
ATOM   368  N N   . SER A 1 44  ? -15.424 -8.203  5.790   1.00 26.54 ? 44   SER A N   1 
ATOM   369  C CA  . SER A 1 44  ? -16.130 -7.709  4.612   1.00 26.85 ? 44   SER A CA  1 
ATOM   370  C C   . SER A 1 44  ? -16.428 -8.770  3.561   1.00 25.23 ? 44   SER A C   1 
ATOM   371  O O   . SER A 1 44  ? -17.477 -8.726  2.919   1.00 25.15 ? 44   SER A O   1 
ATOM   372  C CB  . SER A 1 44  ? -15.353 -6.562  3.959   1.00 27.99 ? 44   SER A CB  1 
ATOM   373  O OG  . SER A 1 44  ? -15.549 -5.353  4.670   1.00 32.31 ? 44   SER A OG  1 
ATOM   374  N N   . TRP A 1 45  ? -15.523 -9.727  3.391   1.00 22.95 ? 45   TRP A N   1 
ATOM   375  C CA  . TRP A 1 45  ? -15.721 -10.767 2.382   1.00 23.85 ? 45   TRP A CA  1 
ATOM   376  C C   . TRP A 1 45  ? -16.191 -12.135 2.852   1.00 23.23 ? 45   TRP A C   1 
ATOM   377  O O   . TRP A 1 45  ? -16.706 -12.916 2.051   1.00 23.83 ? 45   TRP A O   1 
ATOM   378  C CB  . TRP A 1 45  ? -14.448 -10.942 1.556   1.00 21.08 ? 45   TRP A CB  1 
ATOM   379  C CG  . TRP A 1 45  ? -14.199 -9.772  0.675   1.00 23.10 ? 45   TRP A CG  1 
ATOM   380  C CD1 . TRP A 1 45  ? -13.614 -8.590  1.023   1.00 22.54 ? 45   TRP A CD1 1 
ATOM   381  C CD2 . TRP A 1 45  ? -14.593 -9.641  -0.694  1.00 23.13 ? 45   TRP A CD2 1 
ATOM   382  N NE1 . TRP A 1 45  ? -13.620 -7.730  -0.048  1.00 23.77 ? 45   TRP A NE1 1 
ATOM   383  C CE2 . TRP A 1 45  ? -14.216 -8.350  -1.115  1.00 23.03 ? 45   TRP A CE2 1 
ATOM   384  C CE3 . TRP A 1 45  ? -15.235 -10.492 -1.605  1.00 23.37 ? 45   TRP A CE3 1 
ATOM   385  C CZ2 . TRP A 1 45  ? -14.458 -7.883  -2.414  1.00 25.38 ? 45   TRP A CZ2 1 
ATOM   386  C CZ3 . TRP A 1 45  ? -15.477 -10.030 -2.898  1.00 25.43 ? 45   TRP A CZ3 1 
ATOM   387  C CH2 . TRP A 1 45  ? -15.088 -8.735  -3.289  1.00 25.11 ? 45   TRP A CH2 1 
ATOM   388  N N   . GLY A 1 46  ? -16.013 -12.434 4.135   1.00 21.78 ? 46   GLY A N   1 
ATOM   389  C CA  . GLY A 1 46  ? -16.433 -13.730 4.634   1.00 23.77 ? 46   GLY A CA  1 
ATOM   390  C C   . GLY A 1 46  ? -15.286 -14.720 4.727   1.00 25.06 ? 46   GLY A C   1 
ATOM   391  O O   . GLY A 1 46  ? -15.355 -15.678 5.495   1.00 25.88 ? 46   GLY A O   1 
ATOM   392  N N   . ASP A 1 47  ? -14.228 -14.495 3.951   1.00 25.16 ? 47   ASP A N   1 
ATOM   393  C CA  . ASP A 1 47  ? -13.065 -15.384 3.965   1.00 24.64 ? 47   ASP A CA  1 
ATOM   394  C C   . ASP A 1 47  ? -11.866 -14.722 3.286   1.00 25.27 ? 47   ASP A C   1 
ATOM   395  O O   . ASP A 1 47  ? -11.957 -14.242 2.155   1.00 26.21 ? 47   ASP A O   1 
ATOM   396  C CB  . ASP A 1 47  ? -13.409 -16.709 3.273   1.00 24.59 ? 47   ASP A CB  1 
ATOM   397  C CG  . ASP A 1 47  ? -12.261 -17.717 3.322   1.00 25.61 ? 47   ASP A CG  1 
ATOM   398  O OD1 . ASP A 1 47  ? -11.459 -17.781 2.365   1.00 22.70 ? 47   ASP A OD1 1 
ATOM   399  O OD2 . ASP A 1 47  ? -12.158 -18.441 4.331   1.00 27.04 ? 47   ASP A OD2 1 
ATOM   400  N N   . LYS A 1 48  ? -10.741 -14.693 3.990   1.00 24.94 ? 48   LYS A N   1 
ATOM   401  C CA  . LYS A 1 48  ? -9.530  -14.075 3.469   1.00 23.33 ? 48   LYS A CA  1 
ATOM   402  C C   . LYS A 1 48  ? -9.019  -14.736 2.188   1.00 23.15 ? 48   LYS A C   1 
ATOM   403  O O   . LYS A 1 48  ? -8.726  -14.052 1.206   1.00 21.89 ? 48   LYS A O   1 
ATOM   404  C CB  . LYS A 1 48  ? -8.439  -14.092 4.545   1.00 23.98 ? 48   LYS A CB  1 
ATOM   405  C CG  . LYS A 1 48  ? -7.105  -13.521 4.085   1.00 22.36 ? 48   LYS A CG  1 
ATOM   406  C CD  . LYS A 1 48  ? -6.184  -14.609 3.576   1.00 21.86 ? 48   LYS A CD  1 
ATOM   407  C CE  . LYS A 1 48  ? -5.685  -15.498 4.716   1.00 21.43 ? 48   LYS A CE  1 
ATOM   408  N NZ  . LYS A 1 48  ? -4.599  -16.404 4.260   1.00 19.03 ? 48   LYS A NZ  1 
ATOM   409  N N   . ASP A 1 49  ? -8.914  -16.060 2.191   1.00 21.83 ? 49   ASP A N   1 
ATOM   410  C CA  . ASP A 1 49  ? -8.428  -16.761 1.007   1.00 21.12 ? 49   ASP A CA  1 
ATOM   411  C C   . ASP A 1 49  ? -9.349  -16.590 -0.193  1.00 18.96 ? 49   ASP A C   1 
ATOM   412  O O   . ASP A 1 49  ? -8.887  -16.468 -1.323  1.00 17.78 ? 49   ASP A O   1 
ATOM   413  C CB  . ASP A 1 49  ? -8.214  -18.238 1.323   1.00 24.00 ? 49   ASP A CB  1 
ATOM   414  C CG  . ASP A 1 49  ? -6.936  -18.474 2.112   1.00 26.28 ? 49   ASP A CG  1 
ATOM   415  O OD1 . ASP A 1 49  ? -6.739  -19.588 2.638   1.00 32.18 ? 49   ASP A OD1 1 
ATOM   416  O OD2 . ASP A 1 49  ? -6.120  -17.534 2.201   1.00 27.11 ? 49   ASP A OD2 1 
ATOM   417  N N   . TYR A 1 50  ? -10.653 -16.569 0.040   1.00 17.21 ? 50   TYR A N   1 
ATOM   418  C CA  . TYR A 1 50  ? -11.567 -16.380 -1.076  1.00 17.74 ? 50   TYR A CA  1 
ATOM   419  C C   . TYR A 1 50  ? -11.295 -15.020 -1.723  1.00 16.22 ? 50   TYR A C   1 
ATOM   420  O O   . TYR A 1 50  ? -11.251 -14.900 -2.945  1.00 17.36 ? 50   TYR A O   1 
ATOM   421  C CB  . TYR A 1 50  ? -13.019 -16.468 -0.603  1.00 17.44 ? 50   TYR A CB  1 
ATOM   422  C CG  . TYR A 1 50  ? -14.014 -16.114 -1.682  1.00 20.08 ? 50   TYR A CG  1 
ATOM   423  C CD1 . TYR A 1 50  ? -14.448 -14.801 -1.846  1.00 19.45 ? 50   TYR A CD1 1 
ATOM   424  C CD2 . TYR A 1 50  ? -14.486 -17.084 -2.575  1.00 20.27 ? 50   TYR A CD2 1 
ATOM   425  C CE1 . TYR A 1 50  ? -15.329 -14.454 -2.871  1.00 23.21 ? 50   TYR A CE1 1 
ATOM   426  C CE2 . TYR A 1 50  ? -15.362 -16.749 -3.608  1.00 21.69 ? 50   TYR A CE2 1 
ATOM   427  C CZ  . TYR A 1 50  ? -15.779 -15.428 -3.749  1.00 21.15 ? 50   TYR A CZ  1 
ATOM   428  O OH  . TYR A 1 50  ? -16.628 -15.075 -4.771  1.00 20.53 ? 50   TYR A OH  1 
ATOM   429  N N   . TYR A 1 51  ? -11.093 -13.997 -0.900  1.00 15.83 ? 51   TYR A N   1 
ATOM   430  C CA  . TYR A 1 51  ? -10.822 -12.658 -1.418  1.00 16.06 ? 51   TYR A CA  1 
ATOM   431  C C   . TYR A 1 51  ? -9.577  -12.613 -2.297  1.00 16.36 ? 51   TYR A C   1 
ATOM   432  O O   . TYR A 1 51  ? -9.590  -12.014 -3.377  1.00 15.52 ? 51   TYR A O   1 
ATOM   433  C CB  . TYR A 1 51  ? -10.654 -11.664 -0.271  1.00 14.52 ? 51   TYR A CB  1 
ATOM   434  C CG  . TYR A 1 51  ? -10.213 -10.297 -0.746  1.00 15.75 ? 51   TYR A CG  1 
ATOM   435  C CD1 . TYR A 1 51  ? -11.036 -9.525  -1.578  1.00 15.56 ? 51   TYR A CD1 1 
ATOM   436  C CD2 . TYR A 1 51  ? -8.966  -9.787  -0.391  1.00 12.99 ? 51   TYR A CD2 1 
ATOM   437  C CE1 . TYR A 1 51  ? -10.622 -8.277  -2.044  1.00 16.42 ? 51   TYR A CE1 1 
ATOM   438  C CE2 . TYR A 1 51  ? -8.540  -8.542  -0.849  1.00 16.92 ? 51   TYR A CE2 1 
ATOM   439  C CZ  . TYR A 1 51  ? -9.376  -7.794  -1.677  1.00 15.63 ? 51   TYR A CZ  1 
ATOM   440  O OH  . TYR A 1 51  ? -8.958  -6.576  -2.136  1.00 15.67 ? 51   TYR A OH  1 
ATOM   441  N N   . LEU A 1 52  ? -8.498  -13.232 -1.826  1.00 15.26 ? 52   LEU A N   1 
ATOM   442  C CA  . LEU A 1 52  ? -7.252  -13.256 -2.586  1.00 16.40 ? 52   LEU A CA  1 
ATOM   443  C C   . LEU A 1 52  ? -7.436  -14.004 -3.909  1.00 16.90 ? 52   LEU A C   1 
ATOM   444  O O   . LEU A 1 52  ? -6.952  -13.553 -4.954  1.00 16.08 ? 52   LEU A O   1 
ATOM   445  C CB  . LEU A 1 52  ? -6.122  -13.900 -1.753  1.00 15.80 ? 52   LEU A CB  1 
ATOM   446  C CG  . LEU A 1 52  ? -5.763  -13.168 -0.446  1.00 15.83 ? 52   LEU A CG  1 
ATOM   447  C CD1 . LEU A 1 52  ? -4.623  -13.887 0.283   1.00 19.04 ? 52   LEU A CD1 1 
ATOM   448  C CD2 . LEU A 1 52  ? -5.340  -11.738 -0.770  1.00 17.21 ? 52   LEU A CD2 1 
ATOM   449  N N   . SER A 1 53  ? -8.143  -15.132 -3.876  1.00 17.82 ? 53   SER A N   1 
ATOM   450  C CA  . SER A 1 53  ? -8.353  -15.890 -5.101  1.00 21.34 ? 53   SER A CA  1 
ATOM   451  C C   . SER A 1 53  ? -9.201  -15.066 -6.062  1.00 21.03 ? 53   SER A C   1 
ATOM   452  O O   . SER A 1 53  ? -9.013  -15.127 -7.273  1.00 23.51 ? 53   SER A O   1 
ATOM   453  C CB  . SER A 1 53  ? -9.035  -17.234 -4.817  1.00 22.90 ? 53   SER A CB  1 
ATOM   454  O OG  . SER A 1 53  ? -10.437 -17.088 -4.662  1.00 31.04 ? 53   SER A OG  1 
ATOM   455  N N   . ILE A 1 54  ? -10.124 -14.283 -5.519  1.00 20.51 ? 54   ILE A N   1 
ATOM   456  C CA  . ILE A 1 54  ? -10.971 -13.442 -6.356  1.00 22.72 ? 54   ILE A CA  1 
ATOM   457  C C   . ILE A 1 54  ? -10.161 -12.359 -7.067  1.00 21.84 ? 54   ILE A C   1 
ATOM   458  O O   . ILE A 1 54  ? -10.525 -11.921 -8.157  1.00 21.54 ? 54   ILE A O   1 
ATOM   459  C CB  . ILE A 1 54  ? -12.114 -12.811 -5.523  1.00 22.74 ? 54   ILE A CB  1 
ATOM   460  C CG1 . ILE A 1 54  ? -13.176 -13.872 -5.265  1.00 25.18 ? 54   ILE A CG1 1 
ATOM   461  C CG2 . ILE A 1 54  ? -12.731 -11.623 -6.243  1.00 28.06 ? 54   ILE A CG2 1 
ATOM   462  C CD1 . ILE A 1 54  ? -13.624 -14.596 -6.508  1.00 26.01 ? 54   ILE A CD1 1 
ATOM   463  N N   . LEU A 1 55  ? -9.066  -11.919 -6.458  1.00 21.34 ? 55   LEU A N   1 
ATOM   464  C CA  . LEU A 1 55  ? -8.239  -10.911 -7.105  1.00 22.49 ? 55   LEU A CA  1 
ATOM   465  C C   . LEU A 1 55  ? -7.606  -11.569 -8.336  1.00 22.60 ? 55   LEU A C   1 
ATOM   466  O O   . LEU A 1 55  ? -7.576  -10.983 -9.422  1.00 22.99 ? 55   LEU A O   1 
ATOM   467  C CB  . LEU A 1 55  ? -7.152  -10.394 -6.147  1.00 20.74 ? 55   LEU A CB  1 
ATOM   468  C CG  . LEU A 1 55  ? -7.684  -9.520  -5.004  1.00 19.73 ? 55   LEU A CG  1 
ATOM   469  C CD1 . LEU A 1 55  ? -6.550  -9.095  -4.096  1.00 18.78 ? 55   LEU A CD1 1 
ATOM   470  C CD2 . LEU A 1 55  ? -8.392  -8.290  -5.589  1.00 18.37 ? 55   LEU A CD2 1 
ATOM   471  N N   . LYS A 1 56  ? -7.132  -12.800 -8.159  1.00 21.45 ? 56   LYS A N   1 
ATOM   472  C CA  . LYS A 1 56  ? -6.508  -13.553 -9.241  1.00 21.76 ? 56   LYS A CA  1 
ATOM   473  C C   . LYS A 1 56  ? -7.497  -13.848 -10.369 1.00 22.06 ? 56   LYS A C   1 
ATOM   474  O O   . LYS A 1 56  ? -7.199  -13.625 -11.540 1.00 22.61 ? 56   LYS A O   1 
ATOM   475  C CB  . LYS A 1 56  ? -5.940  -14.871 -8.716  1.00 20.29 ? 56   LYS A CB  1 
ATOM   476  C CG  . LYS A 1 56  ? -4.774  -14.737 -7.748  1.00 23.44 ? 56   LYS A CG  1 
ATOM   477  C CD  . LYS A 1 56  ? -4.221  -16.116 -7.400  1.00 26.96 ? 56   LYS A CD  1 
ATOM   478  C CE  . LYS A 1 56  ? -3.084  -16.033 -6.395  1.00 30.33 ? 56   LYS A CE  1 
ATOM   479  N NZ  . LYS A 1 56  ? -1.994  -15.135 -6.866  1.00 35.09 ? 56   LYS A NZ  1 
ATOM   480  N N   . LYS A 1 57  ? -8.671  -14.356 -10.012 1.00 23.94 ? 57   LYS A N   1 
ATOM   481  C CA  . LYS A 1 57  ? -9.690  -14.668 -11.002 1.00 25.72 ? 57   LYS A CA  1 
ATOM   482  C C   . LYS A 1 57  ? -9.957  -13.440 -11.865 1.00 26.28 ? 57   LYS A C   1 
ATOM   483  O O   . LYS A 1 57  ? -10.215 -13.561 -13.058 1.00 26.34 ? 57   LYS A O   1 
ATOM   484  C CB  . LYS A 1 57  ? -10.991 -15.103 -10.318 1.00 27.94 ? 57   LYS A CB  1 
ATOM   485  C CG  . LYS A 1 57  ? -12.023 -15.691 -11.281 1.00 32.02 ? 57   LYS A CG  1 
ATOM   486  C CD  . LYS A 1 57  ? -13.389 -15.857 -10.635 1.00 36.04 ? 57   LYS A CD  1 
ATOM   487  C CE  . LYS A 1 57  ? -14.052 -14.512 -10.390 1.00 36.67 ? 57   LYS A CE  1 
ATOM   488  N NZ  . LYS A 1 57  ? -15.368 -14.652 -9.706  1.00 38.36 ? 57   LYS A NZ  1 
ATOM   489  N N   . ASN A 1 58  ? -9.891  -12.260 -11.255 1.00 26.37 ? 58   ASN A N   1 
ATOM   490  C CA  . ASN A 1 58  ? -10.126 -11.012 -11.975 1.00 28.32 ? 58   ASN A CA  1 
ATOM   491  C C   . ASN A 1 58  ? -8.873  -10.467 -12.672 1.00 27.54 ? 58   ASN A C   1 
ATOM   492  O O   . ASN A 1 58  ? -8.845  -9.317  -13.118 1.00 27.04 ? 58   ASN A O   1 
ATOM   493  C CB  . ASN A 1 58  ? -10.712 -9.962  -11.024 1.00 29.12 ? 58   ASN A CB  1 
ATOM   494  C CG  . ASN A 1 58  ? -12.161 -10.250 -10.670 1.00 31.97 ? 58   ASN A CG  1 
ATOM   495  O OD1 . ASN A 1 58  ? -12.562 -10.168 -9.507  1.00 33.56 ? 58   ASN A OD1 1 
ATOM   496  N ND2 . ASN A 1 58  ? -12.957 -10.585 -11.679 1.00 33.24 ? 58   ASN A ND2 1 
ATOM   497  N N   . GLY A 1 59  ? -7.838  -11.300 -12.755 1.00 27.22 ? 59   GLY A N   1 
ATOM   498  C CA  . GLY A 1 59  ? -6.613  -10.915 -13.437 1.00 25.39 ? 59   GLY A CA  1 
ATOM   499  C C   . GLY A 1 59  ? -5.588  -10.067 -12.705 1.00 25.10 ? 59   GLY A C   1 
ATOM   500  O O   . GLY A 1 59  ? -4.750  -9.427  -13.343 1.00 24.42 ? 59   GLY A O   1 
ATOM   501  N N   . LEU A 1 60  ? -5.640  -10.049 -11.381 1.00 23.30 ? 60   LEU A N   1 
ATOM   502  C CA  . LEU A 1 60  ? -4.682  -9.270  -10.614 1.00 23.05 ? 60   LEU A CA  1 
ATOM   503  C C   . LEU A 1 60  ? -3.749  -10.223 -9.871  1.00 23.01 ? 60   LEU A C   1 
ATOM   504  O O   . LEU A 1 60  ? -4.153  -11.319 -9.500  1.00 23.66 ? 60   LEU A O   1 
ATOM   505  C CB  . LEU A 1 60  ? -5.415  -8.365  -9.618  1.00 20.83 ? 60   LEU A CB  1 
ATOM   506  C CG  . LEU A 1 60  ? -6.453  -7.405  -10.216 1.00 23.27 ? 60   LEU A CG  1 
ATOM   507  C CD1 . LEU A 1 60  ? -7.068  -6.559  -9.109  1.00 19.55 ? 60   LEU A CD1 1 
ATOM   508  C CD2 . LEU A 1 60  ? -5.788  -6.516  -11.263 1.00 21.88 ? 60   LEU A CD2 1 
ATOM   509  N N   . GLN A 1 61  ? -2.500  -9.812  -9.685  1.00 23.25 ? 61   GLN A N   1 
ATOM   510  C CA  . GLN A 1 61  ? -1.518  -10.621 -8.961  1.00 24.02 ? 61   GLN A CA  1 
ATOM   511  C C   . GLN A 1 61  ? -1.459  -10.017 -7.562  1.00 21.40 ? 61   GLN A C   1 
ATOM   512  O O   . GLN A 1 61  ? -0.954  -8.911  -7.380  1.00 21.88 ? 61   GLN A O   1 
ATOM   513  C CB  . GLN A 1 61  ? -0.147  -10.526 -9.635  1.00 27.49 ? 61   GLN A CB  1 
ATOM   514  C CG  . GLN A 1 61  ? -0.160  -10.907 -11.114 1.00 35.15 ? 61   GLN A CG  1 
ATOM   515  C CD  . GLN A 1 61  ? 1.233   -10.983 -11.726 1.00 40.67 ? 61   GLN A CD  1 
ATOM   516  O OE1 . GLN A 1 61  ? 1.385   -11.277 -12.918 1.00 44.62 ? 61   GLN A OE1 1 
ATOM   517  N NE2 . GLN A 1 61  ? 2.257   -10.724 -10.917 1.00 41.19 ? 61   GLN A NE2 1 
ATOM   518  N N   . PRO A 1 62  ? -1.995  -10.728 -6.558  1.00 19.78 ? 62   PRO A N   1 
ATOM   519  C CA  . PRO A 1 62  ? -2.003  -10.241 -5.180  1.00 19.56 ? 62   PRO A CA  1 
ATOM   520  C C   . PRO A 1 62  ? -0.867  -10.731 -4.286  1.00 19.46 ? 62   PRO A C   1 
ATOM   521  O O   . PRO A 1 62  ? -0.325  -11.823 -4.480  1.00 17.54 ? 62   PRO A O   1 
ATOM   522  C CB  . PRO A 1 62  ? -3.350  -10.732 -4.670  1.00 20.83 ? 62   PRO A CB  1 
ATOM   523  C CG  . PRO A 1 62  ? -3.398  -12.110 -5.254  1.00 19.81 ? 62   PRO A CG  1 
ATOM   524  C CD  . PRO A 1 62  ? -2.856  -11.921 -6.686  1.00 21.09 ? 62   PRO A CD  1 
ATOM   525  N N   . LEU A 1 63  ? -0.512  -9.902  -3.312  1.00 17.76 ? 63   LEU A N   1 
ATOM   526  C CA  . LEU A 1 63  ? 0.509   -10.249 -2.330  1.00 18.53 ? 63   LEU A CA  1 
ATOM   527  C C   . LEU A 1 63  ? -0.049  -9.757  -1.005  1.00 17.63 ? 63   LEU A C   1 
ATOM   528  O O   . LEU A 1 63  ? -0.279  -8.557  -0.824  1.00 16.45 ? 63   LEU A O   1 
ATOM   529  C CB  . LEU A 1 63  ? 1.840   -9.560  -2.620  1.00 17.71 ? 63   LEU A CB  1 
ATOM   530  C CG  . LEU A 1 63  ? 2.941   -10.059 -1.674  1.00 21.72 ? 63   LEU A CG  1 
ATOM   531  C CD1 . LEU A 1 63  ? 3.279   -11.524 -1.996  1.00 18.43 ? 63   LEU A CD1 1 
ATOM   532  C CD2 . LEU A 1 63  ? 4.170   -9.188  -1.815  1.00 18.79 ? 63   LEU A CD2 1 
ATOM   533  N N   . HIS A 1 64  ? -0.283  -10.684 -0.087  1.00 17.03 ? 64   HIS A N   1 
ATOM   534  C CA  . HIS A 1 64  ? -0.848  -10.336 1.213   1.00 17.92 ? 64   HIS A CA  1 
ATOM   535  C C   . HIS A 1 64  ? 0.224   -10.120 2.281   1.00 18.99 ? 64   HIS A C   1 
ATOM   536  O O   . HIS A 1 64  ? 0.937   -11.051 2.669   1.00 16.55 ? 64   HIS A O   1 
ATOM   537  C CB  . HIS A 1 64  ? -1.825  -11.440 1.640   1.00 17.16 ? 64   HIS A CB  1 
ATOM   538  C CG  . HIS A 1 64  ? -2.574  -11.149 2.907   1.00 18.31 ? 64   HIS A CG  1 
ATOM   539  N ND1 . HIS A 1 64  ? -2.741  -9.872  3.403   1.00 21.23 ? 64   HIS A ND1 1 
ATOM   540  C CD2 . HIS A 1 64  ? -3.241  -11.970 3.752   1.00 15.77 ? 64   HIS A CD2 1 
ATOM   541  C CE1 . HIS A 1 64  ? -3.478  -9.921  4.500   1.00 20.02 ? 64   HIS A CE1 1 
ATOM   542  N NE2 . HIS A 1 64  ? -3.796  -11.183 4.732   1.00 21.13 ? 64   HIS A NE2 1 
ATOM   543  N N   . ILE A 1 65  ? 0.347   -8.876  2.731   1.00 18.17 ? 65   ILE A N   1 
ATOM   544  C CA  . ILE A 1 65  ? 1.304   -8.527  3.778   1.00 20.60 ? 65   ILE A CA  1 
ATOM   545  C C   . ILE A 1 65  ? 0.535   -7.832  4.901   1.00 20.59 ? 65   ILE A C   1 
ATOM   546  O O   . ILE A 1 65  ? 0.400   -6.610  4.916   1.00 22.53 ? 65   ILE A O   1 
ATOM   547  C CB  . ILE A 1 65  ? 2.408   -7.595  3.246   1.00 22.75 ? 65   ILE A CB  1 
ATOM   548  C CG1 . ILE A 1 65  ? 3.166   -8.303  2.113   1.00 24.60 ? 65   ILE A CG1 1 
ATOM   549  C CG2 . ILE A 1 65  ? 3.370   -7.231  4.382   1.00 21.72 ? 65   ILE A CG2 1 
ATOM   550  C CD1 . ILE A 1 65  ? 4.224   -7.468  1.451   1.00 30.81 ? 65   ILE A CD1 1 
ATOM   551  N N   . PRO A 1 66  ? 0.018   -8.618  5.858   1.00 20.73 ? 66   PRO A N   1 
ATOM   552  C CA  . PRO A 1 66  ? -0.760  -8.176  7.020   1.00 21.80 ? 66   PRO A CA  1 
ATOM   553  C C   . PRO A 1 66  ? -0.067  -7.147  7.905   1.00 20.57 ? 66   PRO A C   1 
ATOM   554  O O   . PRO A 1 66  ? 1.030   -7.394  8.404   1.00 20.59 ? 66   PRO A O   1 
ATOM   555  C CB  . PRO A 1 66  ? -1.008  -9.477  7.792   1.00 20.16 ? 66   PRO A CB  1 
ATOM   556  C CG  . PRO A 1 66  ? -0.862  -10.530 6.789   1.00 23.48 ? 66   PRO A CG  1 
ATOM   557  C CD  . PRO A 1 66  ? 0.287   -10.061 5.952   1.00 20.52 ? 66   PRO A CD  1 
ATOM   558  N N   . ILE A 1 67  ? -0.712  -6.000  8.090   1.00 19.93 ? 67   ILE A N   1 
ATOM   559  C CA  . ILE A 1 67  ? -0.190  -4.946  8.956   1.00 18.22 ? 67   ILE A CA  1 
ATOM   560  C C   . ILE A 1 67  ? -1.335  -4.482  9.855   1.00 19.18 ? 67   ILE A C   1 
ATOM   561  O O   . ILE A 1 67  ? -2.419  -4.136  9.370   1.00 19.67 ? 67   ILE A O   1 
ATOM   562  C CB  . ILE A 1 67  ? 0.347   -3.739  8.159   1.00 19.38 ? 67   ILE A CB  1 
ATOM   563  C CG1 . ILE A 1 67  ? 1.484   -4.180  7.238   1.00 19.13 ? 67   ILE A CG1 1 
ATOM   564  C CG2 . ILE A 1 67  ? 0.850   -2.669  9.130   1.00 16.35 ? 67   ILE A CG2 1 
ATOM   565  C CD1 . ILE A 1 67  ? 2.058   -3.063  6.385   1.00 20.19 ? 67   ILE A CD1 1 
ATOM   566  N N   . PRO A 1 68  ? -1.115  -4.474  11.179  1.00 20.06 ? 68   PRO A N   1 
ATOM   567  C CA  . PRO A 1 68  ? -2.158  -4.050  12.121  1.00 19.70 ? 68   PRO A CA  1 
ATOM   568  C C   . PRO A 1 68  ? -2.667  -2.646  11.817  1.00 19.98 ? 68   PRO A C   1 
ATOM   569  O O   . PRO A 1 68  ? -1.899  -1.771  11.397  1.00 19.54 ? 68   PRO A O   1 
ATOM   570  C CB  . PRO A 1 68  ? -1.456  -4.126  13.479  1.00 18.59 ? 68   PRO A CB  1 
ATOM   571  C CG  . PRO A 1 68  ? -0.408  -5.177  13.271  1.00 20.68 ? 68   PRO A CG  1 
ATOM   572  C CD  . PRO A 1 68  ? 0.125   -4.829  11.894  1.00 19.38 ? 68   PRO A CD  1 
ATOM   573  N N   . ASP A 1 69  ? -3.961  -2.433  12.028  1.00 19.57 ? 69   ASP A N   1 
ATOM   574  C CA  . ASP A 1 69  ? -4.551  -1.125  11.773  1.00 20.46 ? 69   ASP A CA  1 
ATOM   575  C C   . ASP A 1 69  ? -3.812  -0.071  12.595  1.00 20.17 ? 69   ASP A C   1 
ATOM   576  O O   . ASP A 1 69  ? -3.499  -0.297  13.766  1.00 20.16 ? 69   ASP A O   1 
ATOM   577  C CB  . ASP A 1 69  ? -6.041  -1.157  12.120  1.00 22.22 ? 69   ASP A CB  1 
ATOM   578  C CG  . ASP A 1 69  ? -6.722  0.177   11.904  1.00 25.04 ? 69   ASP A CG  1 
ATOM   579  O OD1 . ASP A 1 69  ? -6.327  0.913   10.977  1.00 24.75 ? 69   ASP A OD1 1 
ATOM   580  O OD2 . ASP A 1 69  ? -7.664  0.485   12.660  1.00 28.28 ? 69   ASP A OD2 1 
ATOM   581  N N   . GLY A 1 70  ? -3.505  1.061   11.965  1.00 18.67 ? 70   GLY A N   1 
ATOM   582  C CA  . GLY A 1 70  ? -2.792  2.128   12.644  1.00 18.11 ? 70   GLY A CA  1 
ATOM   583  C C   . GLY A 1 70  ? -1.319  1.811   12.867  1.00 19.51 ? 70   GLY A C   1 
ATOM   584  O O   . GLY A 1 70  ? -0.595  2.595   13.480  1.00 18.69 ? 70   GLY A O   1 
ATOM   585  N N   . GLY A 1 71  ? -0.871  0.671   12.345  1.00 19.01 ? 71   GLY A N   1 
ATOM   586  C CA  . GLY A 1 71  ? 0.508   0.256   12.520  1.00 17.80 ? 71   GLY A CA  1 
ATOM   587  C C   . GLY A 1 71  ? 1.404   0.372   11.304  1.00 17.61 ? 71   GLY A C   1 
ATOM   588  O O   . GLY A 1 71  ? 1.074   1.051   10.327  1.00 18.04 ? 71   GLY A O   1 
ATOM   589  N N   . VAL A 1 72  ? 2.543   -0.315  11.369  1.00 16.53 ? 72   VAL A N   1 
ATOM   590  C CA  . VAL A 1 72  ? 3.536   -0.294  10.306  1.00 15.57 ? 72   VAL A CA  1 
ATOM   591  C C   . VAL A 1 72  ? 4.108   -1.694  10.063  1.00 16.07 ? 72   VAL A C   1 
ATOM   592  O O   . VAL A 1 72  ? 3.983   -2.584  10.906  1.00 16.12 ? 72   VAL A O   1 
ATOM   593  C CB  . VAL A 1 72  ? 4.708   0.657   10.679  1.00 18.49 ? 72   VAL A CB  1 
ATOM   594  C CG1 . VAL A 1 72  ? 4.162   2.034   11.090  1.00 17.59 ? 72   VAL A CG1 1 
ATOM   595  C CG2 . VAL A 1 72  ? 5.539   0.052   11.822  1.00 15.90 ? 72   VAL A CG2 1 
ATOM   596  N N   . PRO A 1 73  ? 4.748   -1.901  8.903   1.00 14.51 ? 73   PRO A N   1 
ATOM   597  C CA  . PRO A 1 73  ? 5.334   -3.201  8.575   1.00 14.75 ? 73   PRO A CA  1 
ATOM   598  C C   . PRO A 1 73  ? 6.620   -3.441  9.363   1.00 16.03 ? 73   PRO A C   1 
ATOM   599  O O   . PRO A 1 73  ? 7.299   -2.492  9.773   1.00 12.73 ? 73   PRO A O   1 
ATOM   600  C CB  . PRO A 1 73  ? 5.620   -3.076  7.088   1.00 15.19 ? 73   PRO A CB  1 
ATOM   601  C CG  . PRO A 1 73  ? 6.072   -1.625  6.984   1.00 15.58 ? 73   PRO A CG  1 
ATOM   602  C CD  . PRO A 1 73  ? 5.055   -0.904  7.856   1.00 15.98 ? 73   PRO A CD  1 
ATOM   603  N N   . SER A 1 74  ? 6.954   -4.708  9.575   1.00 17.19 ? 74   SER A N   1 
ATOM   604  C CA  . SER A 1 74  ? 8.190   -5.035  10.274  1.00 18.01 ? 74   SER A CA  1 
ATOM   605  C C   . SER A 1 74  ? 9.276   -4.771  9.233   1.00 18.74 ? 74   SER A C   1 
ATOM   606  O O   . SER A 1 74  ? 8.968   -4.465  8.080   1.00 17.46 ? 74   SER A O   1 
ATOM   607  C CB  . SER A 1 74  ? 8.195   -6.510  10.689  1.00 18.64 ? 74   SER A CB  1 
ATOM   608  O OG  . SER A 1 74  ? 8.170   -7.349  9.548   1.00 19.38 ? 74   SER A OG  1 
ATOM   609  N N   . ASP A 1 75  ? 10.543  -4.874  9.615   1.00 19.45 ? 75   ASP A N   1 
ATOM   610  C CA  . ASP A 1 75  ? 11.592  -4.631  8.641   1.00 20.19 ? 75   ASP A CA  1 
ATOM   611  C C   . ASP A 1 75  ? 11.507  -5.654  7.514   1.00 20.38 ? 75   ASP A C   1 
ATOM   612  O O   . ASP A 1 75  ? 11.675  -5.312  6.339   1.00 20.18 ? 75   ASP A O   1 
ATOM   613  C CB  . ASP A 1 75  ? 12.974  -4.676  9.301   1.00 22.65 ? 75   ASP A CB  1 
ATOM   614  C CG  . ASP A 1 75  ? 13.226  -3.482  10.195  1.00 27.69 ? 75   ASP A CG  1 
ATOM   615  O OD1 . ASP A 1 75  ? 12.418  -2.523  10.158  1.00 29.21 ? 75   ASP A OD1 1 
ATOM   616  O OD2 . ASP A 1 75  ? 14.235  -3.494  10.931  1.00 29.51 ? 75   ASP A OD2 1 
ATOM   617  N N   . SER A 1 76  ? 11.226  -6.904  7.870   1.00 19.39 ? 76   SER A N   1 
ATOM   618  C CA  . SER A 1 76  ? 11.117  -7.965  6.875   1.00 19.42 ? 76   SER A CA  1 
ATOM   619  C C   . SER A 1 76  ? 9.957   -7.705  5.920   1.00 17.79 ? 76   SER A C   1 
ATOM   620  O O   . SER A 1 76  ? 10.100  -7.827  4.703   1.00 17.34 ? 76   SER A O   1 
ATOM   621  C CB  . SER A 1 76  ? 10.939  -9.316  7.564   1.00 17.15 ? 76   SER A CB  1 
ATOM   622  O OG  . SER A 1 76  ? 12.129  -9.681  8.240   1.00 20.50 ? 76   SER A OG  1 
ATOM   623  N N   . GLN A 1 77  ? 8.805   -7.347  6.471   1.00 19.08 ? 77   GLN A N   1 
ATOM   624  C CA  . GLN A 1 77  ? 7.655   -7.055  5.628   1.00 19.43 ? 77   GLN A CA  1 
ATOM   625  C C   . GLN A 1 77  ? 7.957   -5.874  4.700   1.00 19.75 ? 77   GLN A C   1 
ATOM   626  O O   . GLN A 1 77  ? 7.533   -5.864  3.548   1.00 19.90 ? 77   GLN A O   1 
ATOM   627  C CB  . GLN A 1 77  ? 6.433   -6.725  6.481   1.00 19.13 ? 77   GLN A CB  1 
ATOM   628  C CG  . GLN A 1 77  ? 5.844   -7.897  7.240   1.00 17.99 ? 77   GLN A CG  1 
ATOM   629  C CD  . GLN A 1 77  ? 4.633   -7.488  8.050   1.00 15.87 ? 77   GLN A CD  1 
ATOM   630  O OE1 . GLN A 1 77  ? 4.682   -6.514  8.790   1.00 22.54 ? 77   GLN A OE1 1 
ATOM   631  N NE2 . GLN A 1 77  ? 3.540   -8.230  7.914   1.00 17.51 ? 77   GLN A NE2 1 
ATOM   632  N N   . PHE A 1 78  ? 8.701   -4.887  5.196   1.00 19.25 ? 78   PHE A N   1 
ATOM   633  C CA  . PHE A 1 78  ? 9.008   -3.711  4.386   1.00 18.35 ? 78   PHE A CA  1 
ATOM   634  C C   . PHE A 1 78  ? 9.967   -4.015  3.252   1.00 18.89 ? 78   PHE A C   1 
ATOM   635  O O   . PHE A 1 78  ? 9.764   -3.570  2.118   1.00 18.32 ? 78   PHE A O   1 
ATOM   636  C CB  . PHE A 1 78  ? 9.567   -2.582  5.251   1.00 19.17 ? 78   PHE A CB  1 
ATOM   637  C CG  . PHE A 1 78  ? 9.667   -1.266  4.526   1.00 20.42 ? 78   PHE A CG  1 
ATOM   638  C CD1 . PHE A 1 78  ? 8.552   -0.733  3.876   1.00 21.40 ? 78   PHE A CD1 1 
ATOM   639  C CD2 . PHE A 1 78  ? 10.867  -0.565  4.488   1.00 19.74 ? 78   PHE A CD2 1 
ATOM   640  C CE1 . PHE A 1 78  ? 8.629   0.479   3.199   1.00 20.37 ? 78   PHE A CE1 1 
ATOM   641  C CE2 . PHE A 1 78  ? 10.959  0.644   3.816   1.00 20.25 ? 78   PHE A CE2 1 
ATOM   642  C CZ  . PHE A 1 78  ? 9.830   1.170   3.165   1.00 22.28 ? 78   PHE A CZ  1 
ATOM   643  N N   . LEU A 1 79  ? 11.018  -4.771  3.543   1.00 18.39 ? 79   LEU A N   1 
ATOM   644  C CA  . LEU A 1 79  ? 11.951  -5.132  2.493   1.00 18.85 ? 79   LEU A CA  1 
ATOM   645  C C   . LEU A 1 79  ? 11.140  -5.886  1.450   1.00 18.64 ? 79   LEU A C   1 
ATOM   646  O O   . LEU A 1 79  ? 11.274  -5.649  0.253   1.00 19.55 ? 79   LEU A O   1 
ATOM   647  C CB  . LEU A 1 79  ? 13.066  -6.034  3.036   1.00 19.66 ? 79   LEU A CB  1 
ATOM   648  C CG  . LEU A 1 79  ? 14.001  -6.610  1.967   1.00 19.89 ? 79   LEU A CG  1 
ATOM   649  C CD1 . LEU A 1 79  ? 14.634  -5.471  1.187   1.00 22.96 ? 79   LEU A CD1 1 
ATOM   650  C CD2 . LEU A 1 79  ? 15.087  -7.480  2.617   1.00 21.20 ? 79   LEU A CD2 1 
ATOM   651  N N   . THR A 1 80  ? 10.288  -6.792  1.922   1.00 20.14 ? 80   THR A N   1 
ATOM   652  C CA  . THR A 1 80  ? 9.438   -7.587  1.039   1.00 21.27 ? 80   THR A CA  1 
ATOM   653  C C   . THR A 1 80  ? 8.521   -6.665  0.232   1.00 20.11 ? 80   THR A C   1 
ATOM   654  O O   . THR A 1 80  ? 8.378   -6.822  -0.980  1.00 21.10 ? 80   THR A O   1 
ATOM   655  C CB  . THR A 1 80  ? 8.562   -8.582  1.844   1.00 21.83 ? 80   THR A CB  1 
ATOM   656  O OG1 . THR A 1 80  ? 9.399   -9.514  2.546   1.00 25.98 ? 80   THR A OG1 1 
ATOM   657  C CG2 . THR A 1 80  ? 7.623   -9.351  0.911   1.00 21.28 ? 80   THR A CG2 1 
ATOM   658  N N   . ILE A 1 81  ? 7.901   -5.704  0.909   1.00 19.84 ? 81   ILE A N   1 
ATOM   659  C CA  . ILE A 1 81  ? 7.000   -4.769  0.240   1.00 20.24 ? 81   ILE A CA  1 
ATOM   660  C C   . ILE A 1 81  ? 7.714   -3.966  -0.844  1.00 21.14 ? 81   ILE A C   1 
ATOM   661  O O   . ILE A 1 81  ? 7.234   -3.880  -1.975  1.00 23.30 ? 81   ILE A O   1 
ATOM   662  C CB  . ILE A 1 81  ? 6.342   -3.804  1.260   1.00 19.98 ? 81   ILE A CB  1 
ATOM   663  C CG1 . ILE A 1 81  ? 5.281   -4.562  2.060   1.00 19.54 ? 81   ILE A CG1 1 
ATOM   664  C CG2 . ILE A 1 81  ? 5.708   -2.620  0.545   1.00 20.64 ? 81   ILE A CG2 1 
ATOM   665  C CD1 . ILE A 1 81  ? 4.600   -3.746  3.135   1.00 21.76 ? 81   ILE A CD1 1 
ATOM   666  N N   . MET A 1 82  ? 8.866   -3.397  -0.509  1.00 21.18 ? 82   MET A N   1 
ATOM   667  C CA  . MET A 1 82  ? 9.620   -2.598  -1.476  1.00 23.72 ? 82   MET A CA  1 
ATOM   668  C C   . MET A 1 82  ? 10.129  -3.409  -2.662  1.00 24.15 ? 82   MET A C   1 
ATOM   669  O O   . MET A 1 82  ? 10.111  -2.922  -3.796  1.00 22.27 ? 82   MET A O   1 
ATOM   670  C CB  . MET A 1 82  ? 10.787  -1.881  -0.788  1.00 23.82 ? 82   MET A CB  1 
ATOM   671  C CG  . MET A 1 82  ? 10.350  -0.725  0.092   1.00 26.51 ? 82   MET A CG  1 
ATOM   672  S SD  . MET A 1 82  ? 9.586   0.603   -0.881  1.00 28.86 ? 82   MET A SD  1 
ATOM   673  C CE  . MET A 1 82  ? 7.912   0.120   -0.867  1.00 32.74 ? 82   MET A CE  1 
ATOM   674  N N   . LYS A 1 83  ? 10.587  -4.635  -2.413  1.00 24.51 ? 83   LYS A N   1 
ATOM   675  C CA  . LYS A 1 83  ? 11.060  -5.471  -3.514  1.00 25.51 ? 83   LYS A CA  1 
ATOM   676  C C   . LYS A 1 83  ? 9.881   -5.823  -4.431  1.00 24.66 ? 83   LYS A C   1 
ATOM   677  O O   . LYS A 1 83  ? 10.017  -5.852  -5.650  1.00 26.30 ? 83   LYS A O   1 
ATOM   678  C CB  . LYS A 1 83  ? 11.710  -6.759  -2.992  1.00 27.35 ? 83   LYS A CB  1 
ATOM   679  C CG  . LYS A 1 83  ? 13.073  -6.577  -2.332  1.00 29.19 ? 83   LYS A CG  1 
ATOM   680  C CD  . LYS A 1 83  ? 13.738  -7.931  -2.114  1.00 31.37 ? 83   LYS A CD  1 
ATOM   681  C CE  . LYS A 1 83  ? 15.118  -7.797  -1.493  1.00 34.02 ? 83   LYS A CE  1 
ATOM   682  N NZ  . LYS A 1 83  ? 16.050  -7.001  -2.342  1.00 37.06 ? 83   LYS A NZ  1 
ATOM   683  N N   . TRP A 1 84  ? 8.723   -6.091  -3.841  1.00 23.97 ? 84   TRP A N   1 
ATOM   684  C CA  . TRP A 1 84  ? 7.536   -6.428  -4.626  1.00 23.82 ? 84   TRP A CA  1 
ATOM   685  C C   . TRP A 1 84  ? 7.110   -5.263  -5.511  1.00 23.28 ? 84   TRP A C   1 
ATOM   686  O O   . TRP A 1 84  ? 6.908   -5.427  -6.711  1.00 24.56 ? 84   TRP A O   1 
ATOM   687  C CB  . TRP A 1 84  ? 6.386   -6.837  -3.697  1.00 22.11 ? 84   TRP A CB  1 
ATOM   688  C CG  . TRP A 1 84  ? 5.010   -6.818  -4.330  1.00 22.29 ? 84   TRP A CG  1 
ATOM   689  C CD1 . TRP A 1 84  ? 4.124   -5.770  -4.349  1.00 19.39 ? 84   TRP A CD1 1 
ATOM   690  C CD2 . TRP A 1 84  ? 4.361   -7.901  -5.004  1.00 21.43 ? 84   TRP A CD2 1 
ATOM   691  N NE1 . TRP A 1 84  ? 2.963   -6.140  -4.986  1.00 19.50 ? 84   TRP A NE1 1 
ATOM   692  C CE2 . TRP A 1 84  ? 3.081   -7.442  -5.400  1.00 21.55 ? 84   TRP A CE2 1 
ATOM   693  C CE3 . TRP A 1 84  ? 4.736   -9.218  -5.312  1.00 21.33 ? 84   TRP A CE3 1 
ATOM   694  C CZ2 . TRP A 1 84  ? 2.170   -8.255  -6.089  1.00 22.64 ? 84   TRP A CZ2 1 
ATOM   695  C CZ3 . TRP A 1 84  ? 3.829   -10.028 -5.998  1.00 24.71 ? 84   TRP A CZ3 1 
ATOM   696  C CH2 . TRP A 1 84  ? 2.559   -9.539  -6.378  1.00 24.20 ? 84   TRP A CH2 1 
ATOM   697  N N   . LEU A 1 85  ? 6.980   -4.087  -4.915  1.00 23.49 ? 85   LEU A N   1 
ATOM   698  C CA  . LEU A 1 85  ? 6.574   -2.901  -5.660  1.00 23.70 ? 85   LEU A CA  1 
ATOM   699  C C   . LEU A 1 85  ? 7.557   -2.524  -6.766  1.00 25.67 ? 85   LEU A C   1 
ATOM   700  O O   . LEU A 1 85  ? 7.153   -2.027  -7.818  1.00 24.36 ? 85   LEU A O   1 
ATOM   701  C CB  . LEU A 1 85  ? 6.410   -1.723  -4.703  1.00 19.62 ? 85   LEU A CB  1 
ATOM   702  C CG  . LEU A 1 85  ? 5.280   -1.867  -3.688  1.00 19.21 ? 85   LEU A CG  1 
ATOM   703  C CD1 . LEU A 1 85  ? 5.323   -0.712  -2.701  1.00 14.10 ? 85   LEU A CD1 1 
ATOM   704  C CD2 . LEU A 1 85  ? 3.949   -1.908  -4.413  1.00 17.59 ? 85   LEU A CD2 1 
ATOM   705  N N   . LEU A 1 86  ? 8.843   -2.764  -6.521  1.00 28.51 ? 86   LEU A N   1 
ATOM   706  C CA  . LEU A 1 86  ? 9.898   -2.437  -7.479  1.00 30.76 ? 86   LEU A CA  1 
ATOM   707  C C   . LEU A 1 86  ? 10.188  -3.494  -8.553  1.00 31.53 ? 86   LEU A C   1 
ATOM   708  O O   . LEU A 1 86  ? 10.748  -3.170  -9.601  1.00 31.10 ? 86   LEU A O   1 
ATOM   709  C CB  . LEU A 1 86  ? 11.193  -2.115  -6.721  1.00 31.83 ? 86   LEU A CB  1 
ATOM   710  C CG  . LEU A 1 86  ? 11.580  -0.649  -6.472  1.00 32.95 ? 86   LEU A CG  1 
ATOM   711  C CD1 . LEU A 1 86  ? 10.354  0.252   -6.472  1.00 33.16 ? 86   LEU A CD1 1 
ATOM   712  C CD2 . LEU A 1 86  ? 12.335  -0.553  -5.152  1.00 30.44 ? 86   LEU A CD2 1 
ATOM   713  N N   . SER A 1 87  ? 9.807   -4.743  -8.311  1.00 32.47 ? 87   SER A N   1 
ATOM   714  C CA  . SER A 1 87  ? 10.073  -5.796  -9.288  1.00 34.84 ? 87   SER A CA  1 
ATOM   715  C C   . SER A 1 87  ? 9.238   -5.640  -10.564 1.00 36.11 ? 87   SER A C   1 
ATOM   716  O O   . SER A 1 87  ? 9.581   -6.191  -11.607 1.00 35.99 ? 87   SER A O   1 
ATOM   717  C CB  . SER A 1 87  ? 9.851   -7.179  -8.662  1.00 34.66 ? 87   SER A CB  1 
ATOM   718  O OG  . SER A 1 87  ? 8.500   -7.384  -8.295  1.00 38.41 ? 87   SER A OG  1 
ATOM   719  N N   . GLU A 1 88  ? 8.148   -4.884  -10.473 1.00 37.32 ? 88   GLU A N   1 
ATOM   720  C CA  . GLU A 1 88  ? 7.271   -4.611  -11.615 1.00 38.00 ? 88   GLU A CA  1 
ATOM   721  C C   . GLU A 1 88  ? 6.737   -3.196  -11.416 1.00 38.05 ? 88   GLU A C   1 
ATOM   722  O O   . GLU A 1 88  ? 5.852   -2.959  -10.593 1.00 37.48 ? 88   GLU A O   1 
ATOM   723  C CB  . GLU A 1 88  ? 6.120   -5.621  -11.670 1.00 40.00 ? 88   GLU A CB  1 
ATOM   724  C CG  . GLU A 1 88  ? 6.542   -7.019  -12.103 1.00 42.73 ? 88   GLU A CG  1 
ATOM   725  C CD  . GLU A 1 88  ? 6.920   -7.094  -13.578 1.00 45.04 ? 88   GLU A CD  1 
ATOM   726  O OE1 . GLU A 1 88  ? 7.756   -6.281  -14.033 1.00 44.94 ? 88   GLU A OE1 1 
ATOM   727  O OE2 . GLU A 1 88  ? 6.383   -7.975  -14.284 1.00 47.43 ? 88   GLU A OE2 1 
ATOM   728  N N   . LYS A 1 89  ? 7.285   -2.263  -12.185 1.00 37.95 ? 89   LYS A N   1 
ATOM   729  C CA  . LYS A 1 89  ? 6.940   -0.848  -12.079 1.00 38.70 ? 89   LYS A CA  1 
ATOM   730  C C   . LYS A 1 89  ? 5.502   -0.379  -12.301 1.00 37.22 ? 89   LYS A C   1 
ATOM   731  O O   . LYS A 1 89  ? 4.979   0.394   -11.500 1.00 35.93 ? 89   LYS A O   1 
ATOM   732  C CB  . LYS A 1 89  ? 7.859   -0.032  -12.994 1.00 39.49 ? 89   LYS A CB  1 
ATOM   733  C CG  . LYS A 1 89  ? 7.592   1.463   -12.953 1.00 41.07 ? 89   LYS A CG  1 
ATOM   734  C CD  . LYS A 1 89  ? 8.633   2.238   -13.744 1.00 44.00 ? 89   LYS A CD  1 
ATOM   735  C CE  . LYS A 1 89  ? 8.381   3.737   -13.662 1.00 44.70 ? 89   LYS A CE  1 
ATOM   736  N NZ  . LYS A 1 89  ? 9.462   4.518   -14.326 1.00 46.27 ? 89   LYS A NZ  1 
ATOM   737  N N   . GLU A 1 90  ? 4.861   -0.833  -13.370 1.00 36.08 ? 90   GLU A N   1 
ATOM   738  C CA  . GLU A 1 90  ? 3.515   -0.360  -13.668 1.00 35.34 ? 90   GLU A CA  1 
ATOM   739  C C   . GLU A 1 90  ? 2.309   -1.104  -13.101 1.00 32.59 ? 90   GLU A C   1 
ATOM   740  O O   . GLU A 1 90  ? 2.333   -2.315  -12.891 1.00 30.56 ? 90   GLU A O   1 
ATOM   741  C CB  . GLU A 1 90  ? 3.358   -0.224  -15.181 1.00 39.48 ? 90   GLU A CB  1 
ATOM   742  C CG  . GLU A 1 90  ? 4.441   0.638   -15.813 1.00 45.50 ? 90   GLU A CG  1 
ATOM   743  C CD  . GLU A 1 90  ? 4.180   0.925   -17.277 1.00 48.85 ? 90   GLU A CD  1 
ATOM   744  O OE1 . GLU A 1 90  ? 5.101   1.431   -17.958 1.00 51.05 ? 90   GLU A OE1 1 
ATOM   745  O OE2 . GLU A 1 90  ? 3.052   0.648   -17.744 1.00 50.97 ? 90   GLU A OE2 1 
ATOM   746  N N   . GLY A 1 91  ? 1.252   -0.337  -12.851 1.00 29.05 ? 91   GLY A N   1 
ATOM   747  C CA  . GLY A 1 91  ? 0.016   -0.888  -12.334 1.00 27.63 ? 91   GLY A CA  1 
ATOM   748  C C   . GLY A 1 91  ? 0.046   -1.428  -10.920 1.00 25.24 ? 91   GLY A C   1 
ATOM   749  O O   . GLY A 1 91  ? -0.592  -2.439  -10.641 1.00 26.32 ? 91   GLY A O   1 
ATOM   750  N N   . ASN A 1 92  ? 0.778   -0.772  -10.026 1.00 23.70 ? 92   ASN A N   1 
ATOM   751  C CA  . ASN A 1 92  ? 0.838   -1.225  -8.641  1.00 23.70 ? 92   ASN A CA  1 
ATOM   752  C C   . ASN A 1 92  ? -0.219  -0.563  -7.782  1.00 23.48 ? 92   ASN A C   1 
ATOM   753  O O   . ASN A 1 92  ? -0.336  0.665   -7.757  1.00 24.30 ? 92   ASN A O   1 
ATOM   754  C CB  . ASN A 1 92  ? 2.202   -0.932  -8.024  1.00 22.51 ? 92   ASN A CB  1 
ATOM   755  C CG  . ASN A 1 92  ? 3.264   -1.883  -8.503  1.00 23.68 ? 92   ASN A CG  1 
ATOM   756  O OD1 . ASN A 1 92  ? 3.219   -3.074  -8.205  1.00 24.18 ? 92   ASN A OD1 1 
ATOM   757  N ND2 . ASN A 1 92  ? 4.222   -1.368  -9.258  1.00 25.03 ? 92   ASN A ND2 1 
ATOM   758  N N   . LEU A 1 93  ? -0.984  -1.380  -7.072  1.00 21.65 ? 93   LEU A N   1 
ATOM   759  C CA  . LEU A 1 93  ? -2.006  -0.857  -6.184  1.00 21.26 ? 93   LEU A CA  1 
ATOM   760  C C   . LEU A 1 93  ? -1.723  -1.339  -4.769  1.00 21.01 ? 93   LEU A C   1 
ATOM   761  O O   . LEU A 1 93  ? -1.397  -2.510  -4.550  1.00 23.02 ? 93   LEU A O   1 
ATOM   762  C CB  . LEU A 1 93  ? -3.402  -1.323  -6.610  1.00 19.98 ? 93   LEU A CB  1 
ATOM   763  C CG  . LEU A 1 93  ? -4.537  -0.809  -5.712  1.00 22.32 ? 93   LEU A CG  1 
ATOM   764  C CD1 . LEU A 1 93  ? -4.593  0.716   -5.762  1.00 19.44 ? 93   LEU A CD1 1 
ATOM   765  C CD2 . LEU A 1 93  ? -5.861  -1.395  -6.164  1.00 21.66 ? 93   LEU A CD2 1 
ATOM   766  N N   . VAL A 1 94  ? -1.831  -0.419  -3.819  1.00 19.99 ? 94   VAL A N   1 
ATOM   767  C CA  . VAL A 1 94  ? -1.632  -0.716  -2.410  1.00 18.32 ? 94   VAL A CA  1 
ATOM   768  C C   . VAL A 1 94  ? -2.969  -0.407  -1.745  1.00 17.48 ? 94   VAL A C   1 
ATOM   769  O O   . VAL A 1 94  ? -3.572  0.632   -2.022  1.00 17.02 ? 94   VAL A O   1 
ATOM   770  C CB  . VAL A 1 94  ? -0.552  0.202   -1.786  1.00 20.13 ? 94   VAL A CB  1 
ATOM   771  C CG1 . VAL A 1 94  ? -0.442  -0.066  -0.279  1.00 20.03 ? 94   VAL A CG1 1 
ATOM   772  C CG2 . VAL A 1 94  ? 0.788   -0.019  -2.474  1.00 20.05 ? 94   VAL A CG2 1 
ATOM   773  N N   . HIS A 1 95  ? -3.462  -1.301  -0.895  1.00 17.81 ? 95   HIS A N   1 
ATOM   774  C CA  . HIS A 1 95  ? -4.722  -1.015  -0.223  1.00 15.75 ? 95   HIS A CA  1 
ATOM   775  C C   . HIS A 1 95  ? -4.785  -1.540  1.193   1.00 16.83 ? 95   HIS A C   1 
ATOM   776  O O   . HIS A 1 95  ? -4.179  -2.564  1.540   1.00 14.68 ? 95   HIS A O   1 
ATOM   777  C CB  . HIS A 1 95  ? -5.912  -1.540  -1.043  1.00 17.01 ? 95   HIS A CB  1 
ATOM   778  C CG  . HIS A 1 95  ? -6.333  -2.934  -0.701  1.00 16.03 ? 95   HIS A CG  1 
ATOM   779  N ND1 . HIS A 1 95  ? -7.073  -3.231  0.421   1.00 16.83 ? 95   HIS A ND1 1 
ATOM   780  C CD2 . HIS A 1 95  ? -6.154  -4.107  -1.357  1.00 17.46 ? 95   HIS A CD2 1 
ATOM   781  C CE1 . HIS A 1 95  ? -7.335  -4.528  0.442   1.00 20.02 ? 95   HIS A CE1 1 
ATOM   782  N NE2 . HIS A 1 95  ? -6.789  -5.083  -0.625  1.00 17.85 ? 95   HIS A NE2 1 
ATOM   783  N N   . SER A 1 96  ? -5.507  -0.797  2.017   1.00 16.55 ? 96   SER A N   1 
ATOM   784  C CA  . SER A 1 96  ? -5.710  -1.147  3.408   1.00 16.62 ? 96   SER A CA  1 
ATOM   785  C C   . SER A 1 96  ? -7.220  -1.313  3.545   1.00 17.08 ? 96   SER A C   1 
ATOM   786  O O   . SER A 1 96  ? -7.860  -1.900  2.667   1.00 16.07 ? 96   SER A O   1 
ATOM   787  C CB  . SER A 1 96  ? -5.178  -0.022  4.311   1.00 19.04 ? 96   SER A CB  1 
ATOM   788  O OG  . SER A 1 96  ? -5.584  1.267   3.860   1.00 17.99 ? 96   SER A OG  1 
ATOM   789  N N   . VAL A 1 97  ? -7.790  -0.821  4.640   1.00 16.08 ? 97   VAL A N   1 
ATOM   790  C CA  . VAL A 1 97  ? -9.229  -0.896  4.821   1.00 16.96 ? 97   VAL A CA  1 
ATOM   791  C C   . VAL A 1 97  ? -9.823  0.428   4.339   1.00 17.06 ? 97   VAL A C   1 
ATOM   792  O O   . VAL A 1 97  ? -10.721 0.451   3.497   1.00 17.00 ? 97   VAL A O   1 
ATOM   793  C CB  . VAL A 1 97  ? -9.612  -1.111  6.304   1.00 20.24 ? 97   VAL A CB  1 
ATOM   794  C CG1 . VAL A 1 97  ? -11.103 -0.857  6.503   1.00 19.74 ? 97   VAL A CG1 1 
ATOM   795  C CG2 . VAL A 1 97  ? -9.259  -2.536  6.732   1.00 19.89 ? 97   VAL A CG2 1 
ATOM   796  N N   . GLY A 1 98  ? -9.301  1.531   4.866   1.00 15.68 ? 98   GLY A N   1 
ATOM   797  C CA  . GLY A 1 98  ? -9.796  2.834   4.473   1.00 18.35 ? 98   GLY A CA  1 
ATOM   798  C C   . GLY A 1 98  ? -8.996  3.452   3.344   1.00 19.59 ? 98   GLY A C   1 
ATOM   799  O O   . GLY A 1 98  ? -9.420  4.449   2.766   1.00 19.86 ? 98   GLY A O   1 
ATOM   800  N N   . GLY A 1 99  ? -7.839  2.861   3.038   1.00 18.25 ? 99   GLY A N   1 
ATOM   801  C CA  . GLY A 1 99  ? -6.986  3.374   1.978   1.00 17.82 ? 99   GLY A CA  1 
ATOM   802  C C   . GLY A 1 99  ? -6.264  4.647   2.367   1.00 19.75 ? 99   GLY A C   1 
ATOM   803  O O   . GLY A 1 99  ? -5.743  5.362   1.507   1.00 18.68 ? 99   GLY A O   1 
ATOM   804  N N   . ILE A 1 100 ? -6.203  4.904   3.672   1.00 20.38 ? 100  ILE A N   1 
ATOM   805  C CA  . ILE A 1 100 ? -5.594  6.114   4.213   1.00 20.54 ? 100  ILE A CA  1 
ATOM   806  C C   . ILE A 1 100 ? -4.374  5.973   5.135   1.00 22.11 ? 100  ILE A C   1 
ATOM   807  O O   . ILE A 1 100 ? -3.346  6.614   4.915   1.00 20.87 ? 100  ILE A O   1 
ATOM   808  C CB  . ILE A 1 100 ? -6.672  6.922   4.977   1.00 19.71 ? 100  ILE A CB  1 
ATOM   809  C CG1 . ILE A 1 100 ? -7.699  7.477   3.980   1.00 19.65 ? 100  ILE A CG1 1 
ATOM   810  C CG2 . ILE A 1 100 ? -6.024  8.029   5.793   1.00 19.66 ? 100  ILE A CG2 1 
ATOM   811  C CD1 . ILE A 1 100 ? -8.950  8.002   4.626   1.00 19.93 ? 100  ILE A CD1 1 
ATOM   812  N N   . GLY A 1 101 ? -4.499  5.149   6.173   1.00 20.73 ? 101  GLY A N   1 
ATOM   813  C CA  . GLY A 1 101 ? -3.419  4.996   7.140   1.00 20.65 ? 101  GLY A CA  1 
ATOM   814  C C   . GLY A 1 101 ? -2.234  4.162   6.709   1.00 18.47 ? 101  GLY A C   1 
ATOM   815  O O   . GLY A 1 101 ? -1.163  4.685   6.419   1.00 18.99 ? 101  GLY A O   1 
ATOM   816  N N   . ARG A 1 102 ? -2.431  2.854   6.671   1.00 18.44 ? 102  ARG A N   1 
ATOM   817  C CA  . ARG A 1 102 ? -1.377  1.936   6.280   1.00 17.27 ? 102  ARG A CA  1 
ATOM   818  C C   . ARG A 1 102 ? -0.972  2.150   4.830   1.00 17.36 ? 102  ARG A C   1 
ATOM   819  O O   . ARG A 1 102 ? 0.208   2.083   4.480   1.00 15.09 ? 102  ARG A O   1 
ATOM   820  C CB  . ARG A 1 102 ? -1.860  0.505   6.507   1.00 17.30 ? 102  ARG A CB  1 
ATOM   821  C CG  . ARG A 1 102 ? -2.030  0.187   7.986   1.00 15.69 ? 102  ARG A CG  1 
ATOM   822  C CD  . ARG A 1 102 ? -2.830  -1.084  8.203   1.00 17.68 ? 102  ARG A CD  1 
ATOM   823  N NE  . ARG A 1 102 ? -4.264  -0.840  8.113   1.00 13.32 ? 102  ARG A NE  1 
ATOM   824  C CZ  . ARG A 1 102 ? -5.185  -1.766  8.335   1.00 14.51 ? 102  ARG A CZ  1 
ATOM   825  N NH1 . ARG A 1 102 ? -4.819  -3.000  8.657   1.00 11.74 ? 102  ARG A NH1 1 
ATOM   826  N NH2 . ARG A 1 102 ? -6.474  -1.460  8.251   1.00 12.30 ? 102  ARG A NH2 1 
ATOM   827  N N   . THR A 1 103 ? -1.958  2.428   3.988   1.00 16.41 ? 103  THR A N   1 
ATOM   828  C CA  . THR A 1 103 ? -1.691  2.659   2.585   1.00 16.63 ? 103  THR A CA  1 
ATOM   829  C C   . THR A 1 103 ? -0.862  3.921   2.386   1.00 16.43 ? 103  THR A C   1 
ATOM   830  O O   . THR A 1 103 ? 0.123   3.911   1.645   1.00 17.18 ? 103  THR A O   1 
ATOM   831  C CB  . THR A 1 103 ? -3.004  2.765   1.791   1.00 16.20 ? 103  THR A CB  1 
ATOM   832  O OG1 . THR A 1 103 ? -3.652  1.484   1.782   1.00 16.33 ? 103  THR A OG1 1 
ATOM   833  C CG2 . THR A 1 103 ? -2.729  3.199   0.354   1.00 15.57 ? 103  THR A CG2 1 
ATOM   834  N N   . GLY A 1 104 ? -1.258  5.005   3.043   1.00 17.30 ? 104  GLY A N   1 
ATOM   835  C CA  . GLY A 1 104 ? -0.513  6.247   2.917   1.00 18.08 ? 104  GLY A CA  1 
ATOM   836  C C   . GLY A 1 104 ? 0.916   6.082   3.409   1.00 19.46 ? 104  GLY A C   1 
ATOM   837  O O   . GLY A 1 104 ? 1.856   6.612   2.817   1.00 19.02 ? 104  GLY A O   1 
ATOM   838  N N   . THR A 1 105 ? 1.082   5.339   4.497   1.00 18.93 ? 105  THR A N   1 
ATOM   839  C CA  . THR A 1 105 ? 2.407   5.106   5.059   1.00 21.11 ? 105  THR A CA  1 
ATOM   840  C C   . THR A 1 105 ? 3.334   4.406   4.068   1.00 20.07 ? 105  THR A C   1 
ATOM   841  O O   . THR A 1 105 ? 4.477   4.822   3.883   1.00 21.26 ? 105  THR A O   1 
ATOM   842  C CB  . THR A 1 105 ? 2.312   4.266   6.336   1.00 20.34 ? 105  THR A CB  1 
ATOM   843  O OG1 . THR A 1 105 ? 1.506   4.965   7.288   1.00 22.24 ? 105  THR A OG1 1 
ATOM   844  C CG2 . THR A 1 105 ? 3.699   4.012   6.919   1.00 21.85 ? 105  THR A CG2 1 
ATOM   845  N N   . ILE A 1 106 ? 2.841   3.347   3.428   1.00 20.67 ? 106  ILE A N   1 
ATOM   846  C CA  . ILE A 1 106 ? 3.646   2.608   2.453   1.00 18.72 ? 106  ILE A CA  1 
ATOM   847  C C   . ILE A 1 106 ? 3.955   3.447   1.205   1.00 19.54 ? 106  ILE A C   1 
ATOM   848  O O   . ILE A 1 106 ? 5.078   3.432   0.706   1.00 19.02 ? 106  ILE A O   1 
ATOM   849  C CB  . ILE A 1 106 ? 2.938   1.303   2.002   1.00 18.15 ? 106  ILE A CB  1 
ATOM   850  C CG1 . ILE A 1 106 ? 2.710   0.379   3.205   1.00 16.60 ? 106  ILE A CG1 1 
ATOM   851  C CG2 . ILE A 1 106 ? 3.767   0.600   0.936   1.00 16.59 ? 106  ILE A CG2 1 
ATOM   852  C CD1 . ILE A 1 106 ? 3.991   -0.004  3.964   1.00 15.73 ? 106  ILE A CD1 1 
ATOM   853  N N   . LEU A 1 107 ? 2.959   4.174   0.701   1.00 18.34 ? 107  LEU A N   1 
ATOM   854  C CA  . LEU A 1 107 ? 3.155   4.990   -0.492  1.00 18.19 ? 107  LEU A CA  1 
ATOM   855  C C   . LEU A 1 107 ? 4.178   6.092   -0.245  1.00 19.05 ? 107  LEU A C   1 
ATOM   856  O O   . LEU A 1 107 ? 5.011   6.390   -1.110  1.00 19.49 ? 107  LEU A O   1 
ATOM   857  C CB  . LEU A 1 107 ? 1.825   5.602   -0.937  1.00 18.55 ? 107  LEU A CB  1 
ATOM   858  C CG  . LEU A 1 107 ? 0.743   4.591   -1.329  1.00 21.87 ? 107  LEU A CG  1 
ATOM   859  C CD1 . LEU A 1 107 ? -0.540  5.324   -1.692  1.00 22.65 ? 107  LEU A CD1 1 
ATOM   860  C CD2 . LEU A 1 107 ? 1.228   3.749   -2.507  1.00 23.41 ? 107  LEU A CD2 1 
ATOM   861  N N   . ALA A 1 108 ? 4.106   6.700   0.936   1.00 18.98 ? 108  ALA A N   1 
ATOM   862  C CA  . ALA A 1 108 ? 5.030   7.756   1.318   1.00 19.83 ? 108  ALA A CA  1 
ATOM   863  C C   . ALA A 1 108 ? 6.427   7.153   1.501   1.00 20.84 ? 108  ALA A C   1 
ATOM   864  O O   . ALA A 1 108 ? 7.435   7.809   1.220   1.00 20.41 ? 108  ALA A O   1 
ATOM   865  C CB  . ALA A 1 108 ? 4.563   8.417   2.614   1.00 19.38 ? 108  ALA A CB  1 
ATOM   866  N N   . SER A 1 109 ? 6.479   5.910   1.985   1.00 20.45 ? 109  SER A N   1 
ATOM   867  C CA  . SER A 1 109 ? 7.754   5.214   2.179   1.00 22.50 ? 109  SER A CA  1 
ATOM   868  C C   . SER A 1 109 ? 8.366   5.053   0.802   1.00 22.39 ? 109  SER A C   1 
ATOM   869  O O   . SER A 1 109 ? 9.556   5.282   0.596   1.00 20.92 ? 109  SER A O   1 
ATOM   870  C CB  . SER A 1 109 ? 7.539   3.812   2.769   1.00 21.48 ? 109  SER A CB  1 
ATOM   871  O OG  . SER A 1 109 ? 7.058   3.862   4.101   1.00 29.01 ? 109  SER A OG  1 
ATOM   872  N N   . TYR A 1 110 ? 7.516   4.652   -0.135  1.00 23.21 ? 110  TYR A N   1 
ATOM   873  C CA  . TYR A 1 110 ? 7.911   4.423   -1.510  1.00 25.02 ? 110  TYR A CA  1 
ATOM   874  C C   . TYR A 1 110 ? 8.622   5.633   -2.106  1.00 25.70 ? 110  TYR A C   1 
ATOM   875  O O   . TYR A 1 110 ? 9.678   5.502   -2.730  1.00 26.03 ? 110  TYR A O   1 
ATOM   876  C CB  . TYR A 1 110 ? 6.672   4.097   -2.342  1.00 25.58 ? 110  TYR A CB  1 
ATOM   877  C CG  . TYR A 1 110 ? 6.968   3.704   -3.770  1.00 27.59 ? 110  TYR A CG  1 
ATOM   878  C CD1 . TYR A 1 110 ? 7.365   2.403   -4.089  1.00 26.10 ? 110  TYR A CD1 1 
ATOM   879  C CD2 . TYR A 1 110 ? 6.843   4.630   -4.804  1.00 26.00 ? 110  TYR A CD2 1 
ATOM   880  C CE1 . TYR A 1 110 ? 7.623   2.036   -5.404  1.00 28.28 ? 110  TYR A CE1 1 
ATOM   881  C CE2 . TYR A 1 110 ? 7.099   4.273   -6.120  1.00 27.61 ? 110  TYR A CE2 1 
ATOM   882  C CZ  . TYR A 1 110 ? 7.487   2.977   -6.414  1.00 27.83 ? 110  TYR A CZ  1 
ATOM   883  O OH  . TYR A 1 110 ? 7.730   2.624   -7.721  1.00 31.33 ? 110  TYR A OH  1 
ATOM   884  N N   . LEU A 1 111 ? 8.037   6.808   -1.909  1.00 24.31 ? 111  LEU A N   1 
ATOM   885  C CA  . LEU A 1 111 ? 8.594   8.042   -2.450  1.00 23.88 ? 111  LEU A CA  1 
ATOM   886  C C   . LEU A 1 111 ? 9.883   8.463   -1.754  1.00 25.39 ? 111  LEU A C   1 
ATOM   887  O O   . LEU A 1 111 ? 10.808  8.953   -2.400  1.00 23.35 ? 111  LEU A O   1 
ATOM   888  C CB  . LEU A 1 111 ? 7.559   9.165   -2.350  1.00 23.51 ? 111  LEU A CB  1 
ATOM   889  C CG  . LEU A 1 111 ? 6.248   8.863   -3.084  1.00 22.99 ? 111  LEU A CG  1 
ATOM   890  C CD1 . LEU A 1 111 ? 5.235   9.969   -2.828  1.00 21.46 ? 111  LEU A CD1 1 
ATOM   891  C CD2 . LEU A 1 111 ? 6.528   8.714   -4.567  1.00 23.83 ? 111  LEU A CD2 1 
ATOM   892  N N   . ILE A 1 112 ? 9.933   8.287   -0.436  1.00 25.85 ? 112  ILE A N   1 
ATOM   893  C CA  . ILE A 1 112 ? 11.120  8.643   0.329   1.00 26.49 ? 112  ILE A CA  1 
ATOM   894  C C   . ILE A 1 112 ? 12.329  7.917   -0.246  1.00 27.59 ? 112  ILE A C   1 
ATOM   895  O O   . ILE A 1 112 ? 13.407  8.498   -0.387  1.00 28.05 ? 112  ILE A O   1 
ATOM   896  C CB  . ILE A 1 112 ? 10.978  8.235   1.812   1.00 25.65 ? 112  ILE A CB  1 
ATOM   897  C CG1 . ILE A 1 112 ? 9.937   9.120   2.497   1.00 23.09 ? 112  ILE A CG1 1 
ATOM   898  C CG2 . ILE A 1 112 ? 12.337  8.330   2.526   1.00 24.20 ? 112  ILE A CG2 1 
ATOM   899  C CD1 . ILE A 1 112 ? 9.565   8.644   3.893   1.00 21.11 ? 112  ILE A CD1 1 
ATOM   900  N N   . LEU A 1 113 ? 12.130  6.648   -0.595  1.00 27.79 ? 113  LEU A N   1 
ATOM   901  C CA  . LEU A 1 113 ? 13.202  5.814   -1.122  1.00 27.59 ? 113  LEU A CA  1 
ATOM   902  C C   . LEU A 1 113 ? 13.493  5.946   -2.617  1.00 27.82 ? 113  LEU A C   1 
ATOM   903  O O   . LEU A 1 113 ? 14.658  6.014   -3.017  1.00 28.52 ? 113  LEU A O   1 
ATOM   904  C CB  . LEU A 1 113 ? 12.928  4.343   -0.778  1.00 27.68 ? 113  LEU A CB  1 
ATOM   905  C CG  . LEU A 1 113 ? 12.952  3.986   0.713   1.00 27.01 ? 113  LEU A CG  1 
ATOM   906  C CD1 . LEU A 1 113 ? 12.751  2.492   0.883   1.00 27.01 ? 113  LEU A CD1 1 
ATOM   907  C CD2 . LEU A 1 113 ? 14.286  4.405   1.333   1.00 27.06 ? 113  LEU A CD2 1 
ATOM   908  N N   . THR A 1 114 ? 12.450  5.982   -3.440  1.00 27.08 ? 114  THR A N   1 
ATOM   909  C CA  . THR A 1 114 ? 12.634  6.084   -4.883  1.00 28.16 ? 114  THR A CA  1 
ATOM   910  C C   . THR A 1 114 ? 12.833  7.510   -5.389  1.00 30.24 ? 114  THR A C   1 
ATOM   911  O O   . THR A 1 114 ? 13.373  7.715   -6.476  1.00 31.34 ? 114  THR A O   1 
ATOM   912  C CB  . THR A 1 114 ? 11.442  5.472   -5.646  1.00 28.48 ? 114  THR A CB  1 
ATOM   913  O OG1 . THR A 1 114 ? 10.246  6.210   -5.355  1.00 27.02 ? 114  THR A OG1 1 
ATOM   914  C CG2 . THR A 1 114 ? 11.257  4.018   -5.244  1.00 28.14 ? 114  THR A CG2 1 
ATOM   915  N N   . GLU A 1 115 ? 12.400  8.496   -4.612  1.00 30.45 ? 115  GLU A N   1 
ATOM   916  C CA  . GLU A 1 115 ? 12.547  9.884   -5.028  1.00 31.93 ? 115  GLU A CA  1 
ATOM   917  C C   . GLU A 1 115 ? 13.376  10.714  -4.049  1.00 32.98 ? 115  GLU A C   1 
ATOM   918  O O   . GLU A 1 115 ? 13.518  11.928  -4.214  1.00 33.83 ? 115  GLU A O   1 
ATOM   919  C CB  . GLU A 1 115 ? 11.161  10.509  -5.236  1.00 32.27 ? 115  GLU A CB  1 
ATOM   920  C CG  . GLU A 1 115 ? 10.507  10.088  -6.552  1.00 32.46 ? 115  GLU A CG  1 
ATOM   921  C CD  . GLU A 1 115 ? 9.068   10.558  -6.693  1.00 32.92 ? 115  GLU A CD  1 
ATOM   922  O OE1 . GLU A 1 115 ? 8.725   11.628  -6.148  1.00 34.31 ? 115  GLU A OE1 1 
ATOM   923  O OE2 . GLU A 1 115 ? 8.278   9.858   -7.364  1.00 33.47 ? 115  GLU A OE2 1 
ATOM   924  N N   . GLY A 1 116 ? 13.928  10.047  -3.038  1.00 33.54 ? 116  GLY A N   1 
ATOM   925  C CA  . GLY A 1 116 ? 14.751  10.720  -2.046  1.00 33.36 ? 116  GLY A CA  1 
ATOM   926  C C   . GLY A 1 116 ? 14.097  11.919  -1.386  1.00 33.77 ? 116  GLY A C   1 
ATOM   927  O O   . GLY A 1 116 ? 14.729  12.957  -1.204  1.00 33.62 ? 116  GLY A O   1 
ATOM   928  N N   . LEU A 1 117 ? 12.831  11.781  -1.013  1.00 34.26 ? 117  LEU A N   1 
ATOM   929  C CA  . LEU A 1 117 ? 12.122  12.885  -0.380  1.00 34.28 ? 117  LEU A CA  1 
ATOM   930  C C   . LEU A 1 117 ? 12.182  12.785  1.134   1.00 34.57 ? 117  LEU A C   1 
ATOM   931  O O   . LEU A 1 117 ? 12.392  11.705  1.681   1.00 34.74 ? 117  LEU A O   1 
ATOM   932  C CB  . LEU A 1 117 ? 10.653  12.895  -0.813  1.00 33.39 ? 117  LEU A CB  1 
ATOM   933  C CG  . LEU A 1 117 ? 10.336  12.916  -2.308  1.00 33.89 ? 117  LEU A CG  1 
ATOM   934  C CD1 . LEU A 1 117 ? 8.840   13.125  -2.491  1.00 33.40 ? 117  LEU A CD1 1 
ATOM   935  C CD2 . LEU A 1 117 ? 11.120  14.023  -2.999  1.00 32.35 ? 117  LEU A CD2 1 
ATOM   936  N N   . GLU A 1 118 ? 12.008  13.916  1.809   1.00 34.78 ? 118  GLU A N   1 
ATOM   937  C CA  . GLU A 1 118 ? 11.988  13.915  3.265   1.00 35.73 ? 118  GLU A CA  1 
ATOM   938  C C   . GLU A 1 118 ? 10.614  13.348  3.604   1.00 34.14 ? 118  GLU A C   1 
ATOM   939  O O   . GLU A 1 118 ? 9.783   13.169  2.713   1.00 33.58 ? 118  GLU A O   1 
ATOM   940  C CB  . GLU A 1 118 ? 12.104  15.335  3.821   1.00 37.89 ? 118  GLU A CB  1 
ATOM   941  C CG  . GLU A 1 118 ? 13.344  16.098  3.377   1.00 43.52 ? 118  GLU A CG  1 
ATOM   942  C CD  . GLU A 1 118 ? 13.440  17.470  4.025   1.00 46.69 ? 118  GLU A CD  1 
ATOM   943  O OE1 . GLU A 1 118 ? 12.425  18.200  4.027   1.00 47.32 ? 118  GLU A OE1 1 
ATOM   944  O OE2 . GLU A 1 118 ? 14.531  17.821  4.525   1.00 48.67 ? 118  GLU A OE2 1 
ATOM   945  N N   . VAL A 1 119 ? 10.367  13.077  4.879   1.00 31.75 ? 119  VAL A N   1 
ATOM   946  C CA  . VAL A 1 119 ? 9.087   12.523  5.291   1.00 30.54 ? 119  VAL A CA  1 
ATOM   947  C C   . VAL A 1 119 ? 7.932   13.452  4.956   1.00 31.63 ? 119  VAL A C   1 
ATOM   948  O O   . VAL A 1 119 ? 6.979   13.060  4.288   1.00 32.10 ? 119  VAL A O   1 
ATOM   949  C CB  . VAL A 1 119 ? 9.067   12.241  6.802   1.00 29.94 ? 119  VAL A CB  1 
ATOM   950  C CG1 . VAL A 1 119 ? 7.684   11.774  7.222   1.00 25.37 ? 119  VAL A CG1 1 
ATOM   951  C CG2 . VAL A 1 119 ? 10.118  11.184  7.148   1.00 27.67 ? 119  VAL A CG2 1 
ATOM   952  N N   . GLU A 1 120 ? 8.025   14.688  5.434   1.00 32.43 ? 120  GLU A N   1 
ATOM   953  C CA  . GLU A 1 120 ? 6.997   15.691  5.213   1.00 31.19 ? 120  GLU A CA  1 
ATOM   954  C C   . GLU A 1 120 ? 6.613   15.829  3.744   1.00 29.59 ? 120  GLU A C   1 
ATOM   955  O O   . GLU A 1 120 ? 5.429   15.893  3.409   1.00 27.08 ? 120  GLU A O   1 
ATOM   956  C CB  . GLU A 1 120 ? 7.461   17.042  5.770   1.00 34.06 ? 120  GLU A CB  1 
ATOM   957  C CG  . GLU A 1 120 ? 8.900   17.444  5.394   1.00 38.93 ? 120  GLU A CG  1 
ATOM   958  C CD  . GLU A 1 120 ? 9.992   16.675  6.158   1.00 41.13 ? 120  GLU A CD  1 
ATOM   959  O OE1 . GLU A 1 120 ? 11.184  17.005  5.970   1.00 44.34 ? 120  GLU A OE1 1 
ATOM   960  O OE2 . GLU A 1 120 ? 9.676   15.752  6.942   1.00 39.50 ? 120  GLU A OE2 1 
ATOM   961  N N   . SER A 1 121 ? 7.609   15.864  2.868   1.00 27.86 ? 121  SER A N   1 
ATOM   962  C CA  . SER A 1 121 ? 7.348   15.999  1.443   1.00 28.18 ? 121  SER A CA  1 
ATOM   963  C C   . SER A 1 121 ? 6.645   14.775  0.869   1.00 27.14 ? 121  SER A C   1 
ATOM   964  O O   . SER A 1 121 ? 5.733   14.901  0.048   1.00 25.92 ? 121  SER A O   1 
ATOM   965  C CB  . SER A 1 121 ? 8.652   16.235  0.683   1.00 28.14 ? 121  SER A CB  1 
ATOM   966  O OG  . SER A 1 121 ? 9.276   17.425  1.124   1.00 35.23 ? 121  SER A OG  1 
ATOM   967  N N   . ALA A 1 122 ? 7.074   13.591  1.294   1.00 26.41 ? 122  ALA A N   1 
ATOM   968  C CA  . ALA A 1 122 ? 6.473   12.354  0.797   1.00 26.06 ? 122  ALA A CA  1 
ATOM   969  C C   . ALA A 1 122 ? 5.003   12.289  1.201   1.00 23.83 ? 122  ALA A C   1 
ATOM   970  O O   . ALA A 1 122 ? 4.136   12.017  0.369   1.00 24.42 ? 122  ALA A O   1 
ATOM   971  C CB  . ALA A 1 122 ? 7.240   11.128  1.335   1.00 24.58 ? 122  ALA A CB  1 
ATOM   972  N N   . ILE A 1 123 ? 4.720   12.548  2.474   1.00 22.16 ? 123  ILE A N   1 
ATOM   973  C CA  . ILE A 1 123 ? 3.345   12.519  2.959   1.00 21.77 ? 123  ILE A CA  1 
ATOM   974  C C   . ILE A 1 123 ? 2.509   13.570  2.225   1.00 21.89 ? 123  ILE A C   1 
ATOM   975  O O   . ILE A 1 123 ? 1.348   13.332  1.903   1.00 19.60 ? 123  ILE A O   1 
ATOM   976  C CB  . ILE A 1 123 ? 3.267   12.810  4.474   1.00 21.73 ? 123  ILE A CB  1 
ATOM   977  C CG1 . ILE A 1 123 ? 4.073   11.770  5.255   1.00 21.80 ? 123  ILE A CG1 1 
ATOM   978  C CG2 . ILE A 1 123 ? 1.808   12.794  4.928   1.00 23.15 ? 123  ILE A CG2 1 
ATOM   979  C CD1 . ILE A 1 123 ? 4.083   12.012  6.751   1.00 20.30 ? 123  ILE A CD1 1 
ATOM   980  N N   . ASP A 1 124 ? 3.109   14.730  1.972   1.00 23.28 ? 124  ASP A N   1 
ATOM   981  C CA  . ASP A 1 124 ? 2.428   15.811  1.266   1.00 25.60 ? 124  ASP A CA  1 
ATOM   982  C C   . ASP A 1 124 ? 2.077   15.352  -0.148  1.00 24.45 ? 124  ASP A C   1 
ATOM   983  O O   . ASP A 1 124 ? 0.993   15.641  -0.651  1.00 22.84 ? 124  ASP A O   1 
ATOM   984  C CB  . ASP A 1 124 ? 3.328   17.050  1.201   1.00 30.08 ? 124  ASP A CB  1 
ATOM   985  C CG  . ASP A 1 124 ? 2.689   18.195  0.438   1.00 36.13 ? 124  ASP A CG  1 
ATOM   986  O OD1 . ASP A 1 124 ? 1.753   18.826  0.976   1.00 39.89 ? 124  ASP A OD1 1 
ATOM   987  O OD2 . ASP A 1 124 ? 3.118   18.464  -0.710  1.00 40.50 ? 124  ASP A OD2 1 
ATOM   988  N N   . GLU A 1 125 ? 3.003   14.634  -0.784  1.00 22.76 ? 125  GLU A N   1 
ATOM   989  C CA  . GLU A 1 125 ? 2.790   14.122  -2.136  1.00 23.03 ? 125  GLU A CA  1 
ATOM   990  C C   . GLU A 1 125 ? 1.595   13.181  -2.193  1.00 21.90 ? 125  GLU A C   1 
ATOM   991  O O   . GLU A 1 125 ? 0.788   13.240  -3.124  1.00 21.40 ? 125  GLU A O   1 
ATOM   992  C CB  . GLU A 1 125 ? 4.042   13.389  -2.636  1.00 25.15 ? 125  GLU A CB  1 
ATOM   993  C CG  . GLU A 1 125 ? 5.140   14.324  -3.092  1.00 28.99 ? 125  GLU A CG  1 
ATOM   994  C CD  . GLU A 1 125 ? 4.707   15.156  -4.284  1.00 29.90 ? 125  GLU A CD  1 
ATOM   995  O OE1 . GLU A 1 125 ? 4.528   14.588  -5.382  1.00 29.99 ? 125  GLU A OE1 1 
ATOM   996  O OE2 . GLU A 1 125 ? 4.533   16.378  -4.117  1.00 33.85 ? 125  GLU A OE2 1 
ATOM   997  N N   . VAL A 1 126 ? 1.494   12.306  -1.199  1.00 19.62 ? 126  VAL A N   1 
ATOM   998  C CA  . VAL A 1 126 ? 0.394   11.353  -1.132  1.00 18.68 ? 126  VAL A CA  1 
ATOM   999  C C   . VAL A 1 126 ? -0.919  12.068  -0.803  1.00 17.85 ? 126  VAL A C   1 
ATOM   1000 O O   . VAL A 1 126 ? -1.972  11.714  -1.321  1.00 17.15 ? 126  VAL A O   1 
ATOM   1001 C CB  . VAL A 1 126 ? 0.661   10.264  -0.055  1.00 17.78 ? 126  VAL A CB  1 
ATOM   1002 C CG1 . VAL A 1 126 ? -0.486  9.264   -0.035  1.00 16.01 ? 126  VAL A CG1 1 
ATOM   1003 C CG2 . VAL A 1 126 ? 1.998   9.546   -0.344  1.00 17.17 ? 126  VAL A CG2 1 
ATOM   1004 N N   . ARG A 1 127 ? -0.849  13.078  0.058   1.00 18.82 ? 127  ARG A N   1 
ATOM   1005 C CA  . ARG A 1 127 ? -2.043  13.817  0.449   1.00 21.34 ? 127  ARG A CA  1 
ATOM   1006 C C   . ARG A 1 127 ? -2.670  14.636  -0.671  1.00 21.47 ? 127  ARG A C   1 
ATOM   1007 O O   . ARG A 1 127 ? -3.830  15.036  -0.574  1.00 23.56 ? 127  ARG A O   1 
ATOM   1008 C CB  . ARG A 1 127 ? -1.745  14.695  1.671   1.00 18.96 ? 127  ARG A CB  1 
ATOM   1009 C CG  . ARG A 1 127 ? -1.654  13.844  2.934   1.00 19.66 ? 127  ARG A CG  1 
ATOM   1010 C CD  . ARG A 1 127 ? -1.627  14.642  4.221   1.00 19.96 ? 127  ARG A CD  1 
ATOM   1011 N NE  . ARG A 1 127 ? -1.646  13.752  5.381   1.00 19.37 ? 127  ARG A NE  1 
ATOM   1012 C CZ  . ARG A 1 127 ? -1.547  14.160  6.642   1.00 20.70 ? 127  ARG A CZ  1 
ATOM   1013 N NH1 . ARG A 1 127 ? -1.424  15.456  6.908   1.00 21.21 ? 127  ARG A NH1 1 
ATOM   1014 N NH2 . ARG A 1 127 ? -1.554  13.274  7.638   1.00 18.73 ? 127  ARG A NH2 1 
ATOM   1015 N N   . LEU A 1 128 ? -1.911  14.874  -1.733  1.00 23.49 ? 128  LEU A N   1 
ATOM   1016 C CA  . LEU A 1 128 ? -2.426  15.614  -2.875  1.00 24.70 ? 128  LEU A CA  1 
ATOM   1017 C C   . LEU A 1 128 ? -3.560  14.799  -3.490  1.00 24.68 ? 128  LEU A C   1 
ATOM   1018 O O   . LEU A 1 128 ? -4.550  15.358  -3.955  1.00 24.38 ? 128  LEU A O   1 
ATOM   1019 C CB  . LEU A 1 128 ? -1.324  15.843  -3.912  1.00 26.50 ? 128  LEU A CB  1 
ATOM   1020 C CG  . LEU A 1 128 ? -0.234  16.851  -3.531  1.00 30.52 ? 128  LEU A CG  1 
ATOM   1021 C CD1 . LEU A 1 128 ? 0.931   16.753  -4.508  1.00 30.13 ? 128  LEU A CD1 1 
ATOM   1022 C CD2 . LEU A 1 128 ? -0.817  18.263  -3.516  1.00 30.92 ? 128  LEU A CD2 1 
ATOM   1023 N N   . VAL A 1 129 ? -3.419  13.475  -3.482  1.00 23.57 ? 129  VAL A N   1 
ATOM   1024 C CA  . VAL A 1 129 ? -4.463  12.616  -4.033  1.00 22.99 ? 129  VAL A CA  1 
ATOM   1025 C C   . VAL A 1 129 ? -5.242  11.856  -2.958  1.00 23.45 ? 129  VAL A C   1 
ATOM   1026 O O   . VAL A 1 129 ? -6.352  11.400  -3.209  1.00 23.25 ? 129  VAL A O   1 
ATOM   1027 C CB  . VAL A 1 129 ? -3.897  11.593  -5.044  1.00 23.05 ? 129  VAL A CB  1 
ATOM   1028 C CG1 . VAL A 1 129 ? -3.368  12.324  -6.285  1.00 21.85 ? 129  VAL A CG1 1 
ATOM   1029 C CG2 . VAL A 1 129 ? -2.797  10.759  -4.389  1.00 23.72 ? 129  VAL A CG2 1 
ATOM   1030 N N   . ARG A 1 130 ? -4.668  11.713  -1.765  1.00 23.24 ? 130  ARG A N   1 
ATOM   1031 C CA  . ARG A 1 130 ? -5.357  11.009  -0.684  1.00 20.39 ? 130  ARG A CA  1 
ATOM   1032 C C   . ARG A 1 130 ? -5.314  11.815  0.605   1.00 19.33 ? 130  ARG A C   1 
ATOM   1033 O O   . ARG A 1 130 ? -4.452  11.610  1.461   1.00 19.12 ? 130  ARG A O   1 
ATOM   1034 C CB  . ARG A 1 130 ? -4.755  9.605   -0.472  1.00 22.36 ? 130  ARG A CB  1 
ATOM   1035 C CG  . ARG A 1 130 ? -5.231  8.842   0.797   1.00 22.81 ? 130  ARG A CG  1 
ATOM   1036 C CD  . ARG A 1 130 ? -6.514  9.428   1.427   1.00 25.41 ? 130  ARG A CD  1 
ATOM   1037 N NE  . ARG A 1 130 ? -7.730  8.855   0.882   1.00 23.30 ? 130  ARG A NE  1 
ATOM   1038 C CZ  . ARG A 1 130 ? -8.958  9.302   1.130   1.00 22.68 ? 130  ARG A CZ  1 
ATOM   1039 N NH1 . ARG A 1 130 ? -9.163  10.354  1.915   1.00 20.49 ? 130  ARG A NH1 1 
ATOM   1040 N NH2 . ARG A 1 130 ? -9.992  8.667   0.608   1.00 21.23 ? 130  ARG A NH2 1 
ATOM   1041 N N   . PRO A 1 131 ? -6.271  12.743  0.765   1.00 19.28 ? 131  PRO A N   1 
ATOM   1042 C CA  . PRO A 1 131 ? -6.344  13.586  1.962   1.00 18.68 ? 131  PRO A CA  1 
ATOM   1043 C C   . PRO A 1 131 ? -6.226  12.770  3.248   1.00 17.13 ? 131  PRO A C   1 
ATOM   1044 O O   . PRO A 1 131 ? -6.847  11.727  3.383   1.00 17.12 ? 131  PRO A O   1 
ATOM   1045 C CB  . PRO A 1 131 ? -7.716  14.256  1.828   1.00 18.98 ? 131  PRO A CB  1 
ATOM   1046 C CG  . PRO A 1 131 ? -7.866  14.394  0.321   1.00 19.88 ? 131  PRO A CG  1 
ATOM   1047 C CD  . PRO A 1 131 ? -7.386  13.031  -0.161  1.00 18.73 ? 131  PRO A CD  1 
ATOM   1048 N N   . GLY A 1 132 ? -5.411  13.248  4.181   1.00 17.06 ? 132  GLY A N   1 
ATOM   1049 C CA  . GLY A 1 132 ? -5.256  12.566  5.457   1.00 17.13 ? 132  GLY A CA  1 
ATOM   1050 C C   . GLY A 1 132 ? -4.321  11.368  5.518   1.00 17.85 ? 132  GLY A C   1 
ATOM   1051 O O   . GLY A 1 132 ? -4.122  10.805  6.602   1.00 18.07 ? 132  GLY A O   1 
ATOM   1052 N N   . ALA A 1 133 ? -3.743  10.977  4.384   1.00 15.72 ? 133  ALA A N   1 
ATOM   1053 C CA  . ALA A 1 133 ? -2.838  9.823   4.339   1.00 16.37 ? 133  ALA A CA  1 
ATOM   1054 C C   . ALA A 1 133 ? -1.835  9.861   5.501   1.00 17.15 ? 133  ALA A C   1 
ATOM   1055 O O   . ALA A 1 133 ? -1.245  10.905  5.770   1.00 16.73 ? 133  ALA A O   1 
ATOM   1056 C CB  . ALA A 1 133 ? -2.102  9.798   3.004   1.00 14.88 ? 133  ALA A CB  1 
ATOM   1057 N N   . VAL A 1 134 ? -1.656  8.713   6.162   1.00 18.91 ? 134  VAL A N   1 
ATOM   1058 C CA  . VAL A 1 134 ? -0.766  8.528   7.318   1.00 18.21 ? 134  VAL A CA  1 
ATOM   1059 C C   . VAL A 1 134 ? -1.479  9.045   8.560   1.00 18.89 ? 134  VAL A C   1 
ATOM   1060 O O   . VAL A 1 134 ? -1.549  10.250  8.779   1.00 18.90 ? 134  VAL A O   1 
ATOM   1061 C CB  . VAL A 1 134 ? 0.575   9.283   7.185   1.00 21.15 ? 134  VAL A CB  1 
ATOM   1062 C CG1 . VAL A 1 134 ? 1.446   8.994   8.416   1.00 19.79 ? 134  VAL A CG1 1 
ATOM   1063 C CG2 . VAL A 1 134 ? 1.294   8.864   5.917   1.00 19.50 ? 134  VAL A CG2 1 
ATOM   1064 N N   . GLN A 1 135 ? -1.976  8.132   9.388   1.00 18.71 ? 135  GLN A N   1 
ATOM   1065 C CA  . GLN A 1 135 ? -2.745  8.507   10.569  1.00 19.09 ? 135  GLN A CA  1 
ATOM   1066 C C   . GLN A 1 135 ? -2.084  8.578   11.938  1.00 21.43 ? 135  GLN A C   1 
ATOM   1067 O O   . GLN A 1 135 ? -2.393  9.476   12.725  1.00 19.49 ? 135  GLN A O   1 
ATOM   1068 C CB  . GLN A 1 135 ? -3.947  7.573   10.705  1.00 20.19 ? 135  GLN A CB  1 
ATOM   1069 C CG  . GLN A 1 135 ? -4.957  7.646   9.579   1.00 21.89 ? 135  GLN A CG  1 
ATOM   1070 C CD  . GLN A 1 135 ? -6.015  6.559   9.701   1.00 22.79 ? 135  GLN A CD  1 
ATOM   1071 O OE1 . GLN A 1 135 ? -5.698  5.366   9.678   1.00 23.28 ? 135  GLN A OE1 1 
ATOM   1072 N NE2 . GLN A 1 135 ? -7.277  6.966   9.829   1.00 22.48 ? 135  GLN A NE2 1 
ATOM   1073 N N   . THR A 1 136 ? -1.191  7.639   12.231  1.00 20.55 ? 136  THR A N   1 
ATOM   1074 C CA  . THR A 1 136 ? -0.593  7.575   13.556  1.00 21.16 ? 136  THR A CA  1 
ATOM   1075 C C   . THR A 1 136 ? 0.834   8.032   13.790  1.00 21.59 ? 136  THR A C   1 
ATOM   1076 O O   . THR A 1 136 ? 1.626   8.227   12.866  1.00 18.75 ? 136  THR A O   1 
ATOM   1077 C CB  . THR A 1 136 ? -0.655  6.142   14.100  1.00 23.39 ? 136  THR A CB  1 
ATOM   1078 O OG1 . THR A 1 136 ? 0.230   5.309   13.327  1.00 18.31 ? 136  THR A OG1 1 
ATOM   1079 C CG2 . THR A 1 136 ? -2.094  5.606   14.043  1.00 22.55 ? 136  THR A CG2 1 
ATOM   1080 N N   . TYR A 1 137 ? 1.141   8.166   15.076  1.00 23.15 ? 137  TYR A N   1 
ATOM   1081 C CA  . TYR A 1 137 ? 2.461   8.548   15.536  1.00 24.86 ? 137  TYR A CA  1 
ATOM   1082 C C   . TYR A 1 137 ? 3.405   7.421   15.122  1.00 23.17 ? 137  TYR A C   1 
ATOM   1083 O O   . TYR A 1 137 ? 4.477   7.666   14.586  1.00 24.15 ? 137  TYR A O   1 
ATOM   1084 C CB  . TYR A 1 137 ? 2.444   8.701   17.059  1.00 28.92 ? 137  TYR A CB  1 
ATOM   1085 C CG  . TYR A 1 137 ? 3.796   8.975   17.676  1.00 35.54 ? 137  TYR A CG  1 
ATOM   1086 C CD1 . TYR A 1 137 ? 4.447   10.188  17.462  1.00 38.55 ? 137  TYR A CD1 1 
ATOM   1087 C CD2 . TYR A 1 137 ? 4.428   8.018   18.474  1.00 38.31 ? 137  TYR A CD2 1 
ATOM   1088 C CE1 . TYR A 1 137 ? 5.691   10.446  18.027  1.00 41.93 ? 137  TYR A CE1 1 
ATOM   1089 C CE2 . TYR A 1 137 ? 5.674   8.264   19.044  1.00 41.40 ? 137  TYR A CE2 1 
ATOM   1090 C CZ  . TYR A 1 137 ? 6.300   9.481   18.817  1.00 42.56 ? 137  TYR A CZ  1 
ATOM   1091 O OH  . TYR A 1 137 ? 7.530   9.742   19.381  1.00 44.72 ? 137  TYR A OH  1 
ATOM   1092 N N   . GLU A 1 138 ? 2.989   6.179   15.354  1.00 23.72 ? 138  GLU A N   1 
ATOM   1093 C CA  . GLU A 1 138 ? 3.810   5.028   14.993  1.00 24.08 ? 138  GLU A CA  1 
ATOM   1094 C C   . GLU A 1 138 ? 4.152   5.044   13.501  1.00 23.10 ? 138  GLU A C   1 
ATOM   1095 O O   . GLU A 1 138 ? 5.259   4.695   13.102  1.00 20.63 ? 138  GLU A O   1 
ATOM   1096 C CB  . GLU A 1 138 ? 3.080   3.727   15.344  1.00 28.77 ? 138  GLU A CB  1 
ATOM   1097 C CG  . GLU A 1 138 ? 3.884   2.472   15.040  1.00 35.44 ? 138  GLU A CG  1 
ATOM   1098 C CD  . GLU A 1 138 ? 3.169   1.187   15.439  1.00 39.59 ? 138  GLU A CD  1 
ATOM   1099 O OE1 . GLU A 1 138 ? 3.726   0.098   15.181  1.00 41.79 ? 138  GLU A OE1 1 
ATOM   1100 O OE2 . GLU A 1 138 ? 2.058   1.263   16.009  1.00 43.59 ? 138  GLU A OE2 1 
ATOM   1101 N N   . GLN A 1 139 ? 3.197   5.454   12.671  1.00 22.32 ? 139  GLN A N   1 
ATOM   1102 C CA  . GLN A 1 139 ? 3.437   5.498   11.239  1.00 20.22 ? 139  GLN A CA  1 
ATOM   1103 C C   . GLN A 1 139 ? 4.402   6.629   10.918  1.00 21.50 ? 139  GLN A C   1 
ATOM   1104 O O   . GLN A 1 139 ? 5.293   6.472   10.085  1.00 20.54 ? 139  GLN A O   1 
ATOM   1105 C CB  . GLN A 1 139 ? 2.105   5.638   10.487  1.00 20.85 ? 139  GLN A CB  1 
ATOM   1106 C CG  . GLN A 1 139 ? 1.251   4.371   10.616  1.00 19.87 ? 139  GLN A CG  1 
ATOM   1107 C CD  . GLN A 1 139 ? -0.180  4.524   10.132  1.00 21.62 ? 139  GLN A CD  1 
ATOM   1108 O OE1 . GLN A 1 139 ? -0.713  5.640   10.035  1.00 17.32 ? 139  GLN A OE1 1 
ATOM   1109 N NE2 . GLN A 1 139 ? -0.823  3.392   9.845   1.00 16.45 ? 139  GLN A NE2 1 
ATOM   1110 N N   . GLU A 1 140 ? 4.245   7.759   11.603  1.00 22.84 ? 140  GLU A N   1 
ATOM   1111 C CA  . GLU A 1 140 ? 5.135   8.898   11.402  1.00 24.73 ? 140  GLU A CA  1 
ATOM   1112 C C   . GLU A 1 140 ? 6.569   8.492   11.758  1.00 25.34 ? 140  GLU A C   1 
ATOM   1113 O O   . GLU A 1 140 ? 7.513   8.775   11.016  1.00 25.29 ? 140  GLU A O   1 
ATOM   1114 C CB  . GLU A 1 140 ? 4.736   10.069  12.300  1.00 25.58 ? 140  GLU A CB  1 
ATOM   1115 C CG  . GLU A 1 140 ? 3.325   10.586  12.109  1.00 30.46 ? 140  GLU A CG  1 
ATOM   1116 C CD  . GLU A 1 140 ? 3.064   11.840  12.931  1.00 32.67 ? 140  GLU A CD  1 
ATOM   1117 O OE1 . GLU A 1 140 ? 3.671   12.888  12.623  1.00 33.05 ? 140  GLU A OE1 1 
ATOM   1118 O OE2 . GLU A 1 140 ? 2.260   11.773  13.887  1.00 34.31 ? 140  GLU A OE2 1 
ATOM   1119 N N   . MET A 1 141 ? 6.724   7.835   12.903  1.00 26.11 ? 141  MET A N   1 
ATOM   1120 C CA  . MET A 1 141 ? 8.044   7.406   13.352  1.00 28.21 ? 141  MET A CA  1 
ATOM   1121 C C   . MET A 1 141 ? 8.664   6.418   12.375  1.00 25.95 ? 141  MET A C   1 
ATOM   1122 O O   . MET A 1 141 ? 9.866   6.450   12.127  1.00 26.83 ? 141  MET A O   1 
ATOM   1123 C CB  . MET A 1 141 ? 7.952   6.800   14.754  1.00 31.82 ? 141  MET A CB  1 
ATOM   1124 C CG  . MET A 1 141 ? 7.634   7.823   15.837  1.00 36.56 ? 141  MET A CG  1 
ATOM   1125 S SD  . MET A 1 141 ? 8.839   9.191   15.866  1.00 44.71 ? 141  MET A SD  1 
ATOM   1126 C CE  . MET A 1 141 ? 7.845   10.544  15.198  1.00 42.67 ? 141  MET A CE  1 
ATOM   1127 N N   . PHE A 1 142 ? 7.839   5.544   11.809  1.00 25.47 ? 142  PHE A N   1 
ATOM   1128 C CA  . PHE A 1 142 ? 8.327   4.575   10.835  1.00 24.39 ? 142  PHE A CA  1 
ATOM   1129 C C   . PHE A 1 142 ? 8.939   5.315   9.643   1.00 24.37 ? 142  PHE A C   1 
ATOM   1130 O O   . PHE A 1 142 ? 10.080  5.058   9.256   1.00 23.67 ? 142  PHE A O   1 
ATOM   1131 C CB  . PHE A 1 142 ? 7.177   3.687   10.347  1.00 22.72 ? 142  PHE A CB  1 
ATOM   1132 C CG  . PHE A 1 142 ? 7.553   2.776   9.215   1.00 23.58 ? 142  PHE A CG  1 
ATOM   1133 C CD1 . PHE A 1 142 ? 8.376   1.672   9.432   1.00 23.81 ? 142  PHE A CD1 1 
ATOM   1134 C CD2 . PHE A 1 142 ? 7.113   3.040   7.923   1.00 22.71 ? 142  PHE A CD2 1 
ATOM   1135 C CE1 . PHE A 1 142 ? 8.754   0.846   8.377   1.00 24.42 ? 142  PHE A CE1 1 
ATOM   1136 C CE2 . PHE A 1 142 ? 7.487   2.222   6.858   1.00 22.67 ? 142  PHE A CE2 1 
ATOM   1137 C CZ  . PHE A 1 142 ? 8.312   1.120   7.087   1.00 24.14 ? 142  PHE A CZ  1 
ATOM   1138 N N   . LEU A 1 143 ? 8.173   6.237   9.064   1.00 23.36 ? 143  LEU A N   1 
ATOM   1139 C CA  . LEU A 1 143 ? 8.637   7.003   7.910   1.00 23.69 ? 143  LEU A CA  1 
ATOM   1140 C C   . LEU A 1 143 ? 9.924   7.780   8.210   1.00 24.53 ? 143  LEU A C   1 
ATOM   1141 O O   . LEU A 1 143 ? 10.781  7.925   7.347   1.00 23.44 ? 143  LEU A O   1 
ATOM   1142 C CB  . LEU A 1 143 ? 7.544   7.976   7.451   1.00 22.32 ? 143  LEU A CB  1 
ATOM   1143 C CG  . LEU A 1 143 ? 6.265   7.355   6.882   1.00 22.90 ? 143  LEU A CG  1 
ATOM   1144 C CD1 . LEU A 1 143 ? 5.230   8.444   6.642   1.00 22.38 ? 143  LEU A CD1 1 
ATOM   1145 C CD2 . LEU A 1 143 ? 6.583   6.608   5.577   1.00 19.57 ? 143  LEU A CD2 1 
ATOM   1146 N N   . LEU A 1 144 ? 10.043  8.275   9.436   1.00 25.53 ? 144  LEU A N   1 
ATOM   1147 C CA  . LEU A 1 144 ? 11.214  9.031   9.856   1.00 28.64 ? 144  LEU A CA  1 
ATOM   1148 C C   . LEU A 1 144 ? 12.400  8.079   9.944   1.00 30.09 ? 144  LEU A C   1 
ATOM   1149 O O   . LEU A 1 144 ? 13.496  8.370   9.465   1.00 29.78 ? 144  LEU A O   1 
ATOM   1150 C CB  . LEU A 1 144 ? 10.953  9.656   11.222  1.00 29.99 ? 144  LEU A CB  1 
ATOM   1151 C CG  . LEU A 1 144 ? 11.253  11.141  11.405  1.00 32.82 ? 144  LEU A CG  1 
ATOM   1152 C CD1 . LEU A 1 144 ? 10.538  11.960  10.338  1.00 32.45 ? 144  LEU A CD1 1 
ATOM   1153 C CD2 . LEU A 1 144 ? 10.802  11.558  12.799  1.00 33.36 ? 144  LEU A CD2 1 
ATOM   1154 N N   . ARG A 1 145 ? 12.156  6.935   10.566  1.00 31.22 ? 145  ARG A N   1 
ATOM   1155 C CA  . ARG A 1 145 ? 13.168  5.907   10.726  1.00 32.63 ? 145  ARG A CA  1 
ATOM   1156 C C   . ARG A 1 145 ? 13.636  5.461   9.341   1.00 32.87 ? 145  ARG A C   1 
ATOM   1157 O O   . ARG A 1 145 ? 14.823  5.204   9.129   1.00 32.52 ? 145  ARG A O   1 
ATOM   1158 C CB  . ARG A 1 145 ? 12.557  4.744   11.511  1.00 34.87 ? 145  ARG A CB  1 
ATOM   1159 C CG  . ARG A 1 145 ? 13.436  3.531   11.724  1.00 39.90 ? 145  ARG A CG  1 
ATOM   1160 C CD  . ARG A 1 145 ? 12.758  2.587   12.712  1.00 41.38 ? 145  ARG A CD  1 
ATOM   1161 N NE  . ARG A 1 145 ? 13.407  1.284   12.793  1.00 46.46 ? 145  ARG A NE  1 
ATOM   1162 C CZ  . ARG A 1 145 ? 13.326  0.345   11.854  1.00 47.85 ? 145  ARG A CZ  1 
ATOM   1163 N NH1 . ARG A 1 145 ? 12.617  0.559   10.752  1.00 48.21 ? 145  ARG A NH1 1 
ATOM   1164 N NH2 . ARG A 1 145 ? 13.960  -0.809  12.016  1.00 49.28 ? 145  ARG A NH2 1 
ATOM   1165 N N   . VAL A 1 146 ? 12.700  5.390   8.394   1.00 30.98 ? 146  VAL A N   1 
ATOM   1166 C CA  . VAL A 1 146 ? 13.028  4.981   7.031   1.00 31.13 ? 146  VAL A CA  1 
ATOM   1167 C C   . VAL A 1 146 ? 13.866  6.037   6.318   1.00 31.96 ? 146  VAL A C   1 
ATOM   1168 O O   . VAL A 1 146 ? 14.875  5.715   5.687   1.00 31.89 ? 146  VAL A O   1 
ATOM   1169 C CB  . VAL A 1 146 ? 11.753  4.704   6.197   1.00 30.82 ? 146  VAL A CB  1 
ATOM   1170 C CG1 . VAL A 1 146 ? 12.112  4.544   4.725   1.00 28.55 ? 146  VAL A CG1 1 
ATOM   1171 C CG2 . VAL A 1 146 ? 11.076  3.440   6.700   1.00 28.32 ? 146  VAL A CG2 1 
ATOM   1172 N N   . GLU A 1 147 ? 13.449  7.295   6.409   1.00 31.96 ? 147  GLU A N   1 
ATOM   1173 C CA  . GLU A 1 147 ? 14.205  8.363   5.769   1.00 33.22 ? 147  GLU A CA  1 
ATOM   1174 C C   . GLU A 1 147 ? 15.635  8.329   6.296   1.00 32.90 ? 147  GLU A C   1 
ATOM   1175 O O   . GLU A 1 147 ? 16.589  8.446   5.534   1.00 31.71 ? 147  GLU A O   1 
ATOM   1176 C CB  . GLU A 1 147 ? 13.598  9.734   6.076   1.00 33.20 ? 147  GLU A CB  1 
ATOM   1177 C CG  . GLU A 1 147 ? 14.377  10.876  5.430   1.00 36.56 ? 147  GLU A CG  1 
ATOM   1178 C CD  . GLU A 1 147 ? 13.802  12.254  5.720   1.00 40.38 ? 147  GLU A CD  1 
ATOM   1179 O OE1 . GLU A 1 147 ? 14.292  13.230  5.112   1.00 44.36 ? 147  GLU A OE1 1 
ATOM   1180 O OE2 . GLU A 1 147 ? 12.872  12.376  6.545   1.00 39.25 ? 147  GLU A OE2 1 
ATOM   1181 N N   . GLY A 1 148 ? 15.760  8.161   7.609   1.00 34.17 ? 148  GLY A N   1 
ATOM   1182 C CA  . GLY A 1 148 ? 17.062  8.129   8.250   1.00 36.71 ? 148  GLY A CA  1 
ATOM   1183 C C   . GLY A 1 148 ? 18.007  7.061   7.740   1.00 38.93 ? 148  GLY A C   1 
ATOM   1184 O O   . GLY A 1 148 ? 19.200  7.310   7.583   1.00 40.22 ? 148  GLY A O   1 
ATOM   1185 N N   . MET A 1 149 ? 17.482  5.871   7.473   1.00 41.25 ? 149  MET A N   1 
ATOM   1186 C CA  . MET A 1 149 ? 18.311  4.771   6.994   1.00 42.85 ? 149  MET A CA  1 
ATOM   1187 C C   . MET A 1 149 ? 18.091  4.499   5.510   1.00 42.27 ? 149  MET A C   1 
ATOM   1188 O O   . MET A 1 149 ? 18.154  3.357   5.055   1.00 42.05 ? 149  MET A O   1 
ATOM   1189 C CB  . MET A 1 149 ? 18.017  3.516   7.819   1.00 45.04 ? 149  MET A CB  1 
ATOM   1190 C CG  . MET A 1 149 ? 18.194  3.736   9.317   1.00 48.70 ? 149  MET A CG  1 
ATOM   1191 S SD  . MET A 1 149 ? 18.021  2.238   10.307  1.00 54.13 ? 149  MET A SD  1 
ATOM   1192 C CE  . MET A 1 149 ? 16.234  2.157   10.492  1.00 52.28 ? 149  MET A CE  1 
ATOM   1193 N N   . ARG A 1 150 ? 17.854  5.568   4.761   1.00 42.62 ? 150  ARG A N   1 
ATOM   1194 C CA  . ARG A 1 150 ? 17.603  5.481   3.328   1.00 43.55 ? 150  ARG A CA  1 
ATOM   1195 C C   . ARG A 1 150 ? 18.618  4.644   2.548   1.00 43.55 ? 150  ARG A C   1 
ATOM   1196 O O   . ARG A 1 150 ? 18.240  3.685   1.875   1.00 42.98 ? 150  ARG A O   1 
ATOM   1197 C CB  . ARG A 1 150 ? 17.523  6.891   2.733   1.00 44.39 ? 150  ARG A CB  1 
ATOM   1198 C CG  . ARG A 1 150 ? 17.056  6.929   1.288   1.00 46.84 ? 150  ARG A CG  1 
ATOM   1199 C CD  . ARG A 1 150 ? 16.742  8.352   0.855   1.00 50.27 ? 150  ARG A CD  1 
ATOM   1200 N NE  . ARG A 1 150 ? 16.250  8.413   -0.517  1.00 53.01 ? 150  ARG A NE  1 
ATOM   1201 C CZ  . ARG A 1 150 ? 16.982  8.115   -1.586  1.00 54.68 ? 150  ARG A CZ  1 
ATOM   1202 N NH1 . ARG A 1 150 ? 18.245  7.736   -1.444  1.00 56.91 ? 150  ARG A NH1 1 
ATOM   1203 N NH2 . ARG A 1 150 ? 16.451  8.188   -2.799  1.00 54.97 ? 150  ARG A NH2 1 
ATOM   1204 N N   . LYS A 1 151 ? 19.899  5.005   2.626   1.00 44.03 ? 151  LYS A N   1 
ATOM   1205 C CA  . LYS A 1 151 ? 20.935  4.267   1.904   1.00 44.80 ? 151  LYS A CA  1 
ATOM   1206 C C   . LYS A 1 151 ? 20.961  2.797   2.290   1.00 43.45 ? 151  LYS A C   1 
ATOM   1207 O O   . LYS A 1 151 ? 21.161  1.928   1.442   1.00 42.92 ? 151  LYS A O   1 
ATOM   1208 C CB  . LYS A 1 151 ? 22.313  4.885   2.152   1.00 47.04 ? 151  LYS A CB  1 
ATOM   1209 C CG  . LYS A 1 151 ? 22.643  6.035   1.218   1.00 50.26 ? 151  LYS A CG  1 
ATOM   1210 C CD  . LYS A 1 151 ? 22.643  5.583   -0.245  1.00 52.86 ? 151  LYS A CD  1 
ATOM   1211 C CE  . LYS A 1 151 ? 23.703  4.512   -0.506  1.00 54.21 ? 151  LYS A CE  1 
ATOM   1212 N NZ  . LYS A 1 151 ? 23.729  4.070   -1.930  1.00 54.23 ? 151  LYS A NZ  1 
ATOM   1213 N N   . SER A 1 152 ? 20.761  2.531   3.575   1.00 43.22 ? 152  SER A N   1 
ATOM   1214 C CA  . SER A 1 152 ? 20.743  1.167   4.085   1.00 41.85 ? 152  SER A CA  1 
ATOM   1215 C C   . SER A 1 152 ? 19.638  0.375   3.386   1.00 40.63 ? 152  SER A C   1 
ATOM   1216 O O   . SER A 1 152 ? 19.855  -0.758  2.944   1.00 39.16 ? 152  SER A O   1 
ATOM   1217 C CB  . SER A 1 152 ? 20.497  1.180   5.595   1.00 43.41 ? 152  SER A CB  1 
ATOM   1218 O OG  . SER A 1 152 ? 20.490  -0.133  6.131   1.00 45.93 ? 152  SER A OG  1 
ATOM   1219 N N   . TRP A 1 153 ? 18.456  0.977   3.280   1.00 39.55 ? 153  TRP A N   1 
ATOM   1220 C CA  . TRP A 1 153 ? 17.331  0.313   2.631   1.00 38.51 ? 153  TRP A CA  1 
ATOM   1221 C C   . TRP A 1 153 ? 17.588  0.107   1.148   1.00 38.93 ? 153  TRP A C   1 
ATOM   1222 O O   . TRP A 1 153 ? 17.290  -0.956  0.603   1.00 39.18 ? 153  TRP A O   1 
ATOM   1223 C CB  . TRP A 1 153 ? 16.035  1.106   2.839   1.00 36.04 ? 153  TRP A CB  1 
ATOM   1224 C CG  . TRP A 1 153 ? 15.404  0.848   4.179   1.00 34.95 ? 153  TRP A CG  1 
ATOM   1225 C CD1 . TRP A 1 153 ? 15.339  1.705   5.240   1.00 34.62 ? 153  TRP A CD1 1 
ATOM   1226 C CD2 . TRP A 1 153 ? 14.797  -0.375  4.615   1.00 34.10 ? 153  TRP A CD2 1 
ATOM   1227 N NE1 . TRP A 1 153 ? 14.734  1.092   6.311   1.00 32.62 ? 153  TRP A NE1 1 
ATOM   1228 C CE2 . TRP A 1 153 ? 14.391  -0.185  5.955   1.00 33.12 ? 153  TRP A CE2 1 
ATOM   1229 C CE3 . TRP A 1 153 ? 14.561  -1.613  4.005   1.00 33.86 ? 153  TRP A CE3 1 
ATOM   1230 C CZ2 . TRP A 1 153 ? 13.761  -1.189  6.697   1.00 33.85 ? 153  TRP A CZ2 1 
ATOM   1231 C CZ3 . TRP A 1 153 ? 13.933  -2.616  4.744   1.00 33.90 ? 153  TRP A CZ3 1 
ATOM   1232 C CH2 . TRP A 1 153 ? 13.541  -2.395  6.077   1.00 32.43 ? 153  TRP A CH2 1 
ATOM   1233 N N   . LEU A 1 154 ? 18.149  1.118   0.497   1.00 39.69 ? 154  LEU A N   1 
ATOM   1234 C CA  . LEU A 1 154 ? 18.439  1.013   -0.927  1.00 41.77 ? 154  LEU A CA  1 
ATOM   1235 C C   . LEU A 1 154 ? 19.487  -0.071  -1.180  1.00 42.26 ? 154  LEU A C   1 
ATOM   1236 O O   . LEU A 1 154 ? 19.391  -0.824  -2.148  1.00 41.53 ? 154  LEU A O   1 
ATOM   1237 C CB  . LEU A 1 154 ? 18.916  2.361   -1.471  1.00 40.50 ? 154  LEU A CB  1 
ATOM   1238 C CG  . LEU A 1 154 ? 17.872  3.483   -1.413  1.00 41.57 ? 154  LEU A CG  1 
ATOM   1239 C CD1 . LEU A 1 154 ? 18.454  4.750   -2.010  1.00 41.07 ? 154  LEU A CD1 1 
ATOM   1240 C CD2 . LEU A 1 154 ? 16.616  3.067   -2.176  1.00 40.10 ? 154  LEU A CD2 1 
ATOM   1241 N N   . LYS A 1 155 ? 20.480  -0.151  -0.298  1.00 44.41 ? 155  LYS A N   1 
ATOM   1242 C CA  . LYS A 1 155 ? 21.532  -1.156  -0.420  1.00 45.64 ? 155  LYS A CA  1 
ATOM   1243 C C   . LYS A 1 155 ? 20.914  -2.551  -0.363  1.00 45.32 ? 155  LYS A C   1 
ATOM   1244 O O   . LYS A 1 155 ? 21.353  -3.459  -1.067  1.00 46.02 ? 155  LYS A O   1 
ATOM   1245 C CB  . LYS A 1 155 ? 22.557  -0.991  0.709   1.00 46.99 ? 155  LYS A CB  1 
ATOM   1246 C CG  . LYS A 1 155 ? 23.741  -1.964  0.657   1.00 50.72 ? 155  LYS A CG  1 
ATOM   1247 C CD  . LYS A 1 155 ? 23.350  -3.385  1.060   1.00 52.34 ? 155  LYS A CD  1 
ATOM   1248 C CE  . LYS A 1 155 ? 24.521  -4.351  0.930   1.00 53.38 ? 155  LYS A CE  1 
ATOM   1249 N NZ  . LYS A 1 155 ? 24.144  -5.749  1.296   1.00 54.32 ? 155  LYS A NZ  1 
ATOM   1250 N N   . ASN A 1 156 ? 19.897  -2.714  0.480   1.00 44.38 ? 156  ASN A N   1 
ATOM   1251 C CA  . ASN A 1 156 ? 19.217  -3.997  0.630   1.00 44.66 ? 156  ASN A CA  1 
ATOM   1252 C C   . ASN A 1 156 ? 18.171  -4.252  -0.450  1.00 44.12 ? 156  ASN A C   1 
ATOM   1253 O O   . ASN A 1 156 ? 18.050  -5.372  -0.946  1.00 43.95 ? 156  ASN A O   1 
ATOM   1254 C CB  . ASN A 1 156 ? 18.565  -4.085  2.010   1.00 45.55 ? 156  ASN A CB  1 
ATOM   1255 C CG  . ASN A 1 156 ? 19.568  -4.377  3.105   1.00 47.58 ? 156  ASN A CG  1 
ATOM   1256 O OD1 . ASN A 1 156 ? 20.041  -5.506  3.244   1.00 49.29 ? 156  ASN A OD1 1 
ATOM   1257 N ND2 . ASN A 1 156 ? 19.911  -3.356  3.881   1.00 47.41 ? 156  ASN A ND2 1 
ATOM   1258 N N   . ILE A 1 157 ? 17.417  -3.217  -0.810  1.00 43.93 ? 157  ILE A N   1 
ATOM   1259 C CA  . ILE A 1 157 ? 16.390  -3.346  -1.839  1.00 44.41 ? 157  ILE A CA  1 
ATOM   1260 C C   . ILE A 1 157 ? 16.990  -3.836  -3.152  1.00 44.89 ? 157  ILE A C   1 
ATOM   1261 O O   . ILE A 1 157 ? 16.448  -4.740  -3.786  1.00 44.28 ? 157  ILE A O   1 
ATOM   1262 C CB  . ILE A 1 157 ? 15.677  -1.999  -2.104  1.00 44.39 ? 157  ILE A CB  1 
ATOM   1263 C CG1 . ILE A 1 157 ? 14.727  -1.675  -0.951  1.00 43.98 ? 157  ILE A CG1 1 
ATOM   1264 C CG2 . ILE A 1 157 ? 14.928  -2.054  -3.430  1.00 43.98 ? 157  ILE A CG2 1 
ATOM   1265 C CD1 . ILE A 1 157 ? 13.980  -0.378  -1.134  1.00 44.53 ? 157  ILE A CD1 1 
ATOM   1266 N N   . TYR A 1 158 ? 18.100  -3.232  -3.560  1.00 45.56 ? 158  TYR A N   1 
ATOM   1267 C CA  . TYR A 1 158 ? 18.758  -3.629  -4.799  1.00 47.72 ? 158  TYR A CA  1 
ATOM   1268 C C   . TYR A 1 158 ? 19.913  -4.582  -4.529  1.00 48.21 ? 158  TYR A C   1 
ATOM   1269 O O   . TYR A 1 158 ? 20.107  -4.964  -3.356  1.00 49.02 ? 158  TYR A O   1 
ATOM   1270 C CB  . TYR A 1 158 ? 19.270  -2.401  -5.553  1.00 47.67 ? 158  TYR A CB  1 
ATOM   1271 C CG  . TYR A 1 158 ? 18.183  -1.419  -5.914  1.00 48.53 ? 158  TYR A CG  1 
ATOM   1272 C CD1 . TYR A 1 158 ? 17.782  -0.433  -5.017  1.00 48.69 ? 158  TYR A CD1 1 
ATOM   1273 C CD2 . TYR A 1 158 ? 17.529  -1.499  -7.142  1.00 49.08 ? 158  TYR A CD2 1 
ATOM   1274 C CE1 . TYR A 1 158 ? 16.755  0.451   -5.334  1.00 49.34 ? 158  TYR A CE1 1 
ATOM   1275 C CE2 . TYR A 1 158 ? 16.500  -0.621  -7.469  1.00 48.83 ? 158  TYR A CE2 1 
ATOM   1276 C CZ  . TYR A 1 158 ? 16.117  0.349   -6.561  1.00 49.05 ? 158  TYR A CZ  1 
ATOM   1277 O OH  . TYR A 1 158 ? 15.094  1.212   -6.879  1.00 49.15 ? 158  TYR A OH  1 
ATOM   1278 N N   . ALA B 2 1   ? -9.343  5.022   12.897  1.00 49.36 ? 170  ALA B N   1 
ATOM   1279 C CA  . ALA B 2 1   ? -10.337 4.342   12.029  1.00 47.70 ? 170  ALA B CA  1 
ATOM   1280 C C   . ALA B 2 1   ? -10.770 5.207   10.881  1.00 46.35 ? 170  ALA B C   1 
ATOM   1281 O O   . ALA B 2 1   ? -10.141 6.217   10.555  1.00 45.83 ? 170  ALA B O   1 
ATOM   1282 C CB  . ALA B 2 1   ? -11.556 3.940   12.830  1.00 49.09 ? 170  ALA B CB  1 
HETATM 1283 N N   . PTR B 2 2   ? -11.886 4.791   10.300  1.00 45.16 ? 171  PTR B N   1 
HETATM 1284 C CA  . PTR B 2 2   ? -12.433 5.474   9.154   1.00 44.82 ? 171  PTR B CA  1 
HETATM 1285 C C   . PTR B 2 2   ? -13.921 5.700   9.219   1.00 48.69 ? 171  PTR B C   1 
HETATM 1286 O O   . PTR B 2 2   ? -14.640 5.094   10.023  1.00 49.25 ? 171  PTR B O   1 
HETATM 1287 C CB  . PTR B 2 2   ? -12.137 4.663   7.900   1.00 37.49 ? 171  PTR B CB  1 
HETATM 1288 C CG  . PTR B 2 2   ? -10.729 4.161   7.876   1.00 30.10 ? 171  PTR B CG  1 
HETATM 1289 C CD1 . PTR B 2 2   ? -9.681  5.012   7.553   1.00 27.39 ? 171  PTR B CD1 1 
HETATM 1290 C CD2 . PTR B 2 2   ? -10.434 2.858   8.254   1.00 28.16 ? 171  PTR B CD2 1 
HETATM 1291 C CE1 . PTR B 2 2   ? -8.372  4.584   7.611   1.00 26.58 ? 171  PTR B CE1 1 
HETATM 1292 C CE2 . PTR B 2 2   ? -9.125  2.415   8.318   1.00 27.49 ? 171  PTR B CE2 1 
HETATM 1293 C CZ  . PTR B 2 2   ? -8.101  3.287   7.996   1.00 24.96 ? 171  PTR B CZ  1 
HETATM 1294 O OH  . PTR B 2 2   ? -6.802  2.873   8.076   1.00 23.57 ? 171  PTR B OH  1 
HETATM 1295 P P   . PTR B 2 2   ? -6.183  2.081   6.953   1.00 19.90 ? 171  PTR B P   1 
HETATM 1296 O O1P . PTR B 2 2   ? -4.818  1.654   7.358   1.00 20.10 ? 171  PTR B O1P 1 
HETATM 1297 O O2P . PTR B 2 2   ? -7.015  0.888   6.664   1.00 20.16 ? 171  PTR B O2P 1 
HETATM 1298 O O3P . PTR B 2 2   ? -6.102  2.928   5.741   1.00 19.89 ? 171  PTR B O3P 1 
ATOM   1299 N N   . ARG B 2 3   ? -14.364 6.595   8.349   1.00 51.60 ? 172  ARG B N   1 
ATOM   1300 C CA  . ARG B 2 3   ? -15.771 6.888   8.208   1.00 55.89 ? 172  ARG B CA  1 
ATOM   1301 C C   . ARG B 2 3   ? -16.199 5.942   7.095   1.00 57.29 ? 172  ARG B C   1 
ATOM   1302 O O   . ARG B 2 3   ? -17.252 5.290   7.247   1.00 59.00 ? 172  ARG B O   1 
ATOM   1303 C CB  . ARG B 2 3   ? -15.993 8.349   7.803   1.00 56.59 ? 172  ARG B CB  1 
ATOM   1304 C CG  . ARG B 2 3   ? -14.749 9.080   7.348   1.00 58.66 ? 172  ARG B CG  1 
ATOM   1305 C CD  . ARG B 2 3   ? -14.884 10.580  7.562   1.00 59.54 ? 172  ARG B CD  1 
ATOM   1306 N NE  . ARG B 2 3   ? -15.041 11.370  6.339   1.00 61.24 ? 172  ARG B NE  1 
ATOM   1307 C CZ  . ARG B 2 3   ? -14.284 11.250  5.251   1.00 60.97 ? 172  ARG B CZ  1 
ATOM   1308 N NH1 . ARG B 2 3   ? -13.314 10.346  5.200   1.00 62.19 ? 172  ARG B NH1 1 
ATOM   1309 N NH2 . ARG B 2 3   ? -14.457 12.082  4.233   1.00 61.53 ? 172  ARG B NH2 1 
ATOM   1310 O OXT . ARG B 2 3   ? -15.454 5.852   6.091   1.00 58.72 ? 172  ARG B OXT 1 
HETATM 1311 O O   . HOH C 3 .   ? -3.881  3.020   9.825   1.00 15.30 ? 5201 HOH A O   1 
HETATM 1312 O O   . HOH C 3 .   ? 2.783   -12.623 3.653   1.00 19.35 ? 5202 HOH A O   1 
HETATM 1313 O O   . HOH C 3 .   ? -13.517 -4.858  6.921   1.00 29.59 ? 5203 HOH A O   1 
HETATM 1314 O O   . HOH C 3 .   ? -4.951  -18.347 -4.291  1.00 41.48 ? 5204 HOH A O   1 
HETATM 1315 O O   . HOH C 3 .   ? -3.749  11.812  9.851   1.00 23.02 ? 5205 HOH A O   1 
HETATM 1316 O O   . HOH C 3 .   ? -3.656  -11.381 9.395   1.00 20.72 ? 5206 HOH A O   1 
HETATM 1317 O O   . HOH C 3 .   ? 3.671   -10.978 6.394   1.00 21.64 ? 5207 HOH A O   1 
HETATM 1318 O O   . HOH C 3 .   ? -13.187 5.564   -3.708  1.00 36.98 ? 5208 HOH A O   1 
HETATM 1319 O O   . HOH C 3 .   ? 2.725   -2.094  13.988  1.00 27.07 ? 5209 HOH A O   1 
HETATM 1320 O O   . HOH C 3 .   ? 8.590   7.263   -7.630  1.00 28.60 ? 5210 HOH A O   1 
HETATM 1321 O O   . HOH C 3 .   ? 11.493  -8.416  10.783  1.00 15.70 ? 5211 HOH A O   1 
HETATM 1322 O O   . HOH C 3 .   ? -0.925  -15.257 -3.756  1.00 36.22 ? 5212 HOH A O   1 
HETATM 1323 O O   . HOH C 3 .   ? -5.780  9.168   -9.266  1.00 24.89 ? 5213 HOH A O   1 
HETATM 1324 O O   . HOH C 3 .   ? 1.363   17.530  3.365   1.00 27.94 ? 5214 HOH A O   1 
HETATM 1325 O O   . HOH C 3 .   ? -12.392 5.720   3.364   1.00 46.00 ? 5216 HOH A O   1 
HETATM 1326 O O   . HOH C 3 .   ? -7.251  3.483   11.389  1.00 30.77 ? 5219 HOH A O   1 
HETATM 1327 O O   . HOH C 3 .   ? -5.937  -4.699  11.916  1.00 20.67 ? 5221 HOH A O   1 
HETATM 1328 O O   . HOH C 3 .   ? -14.218 0.584   3.491   1.00 57.14 ? 5222 HOH A O   1 
HETATM 1329 O O   . HOH C 3 .   ? -9.083  -17.789 4.463   1.00 35.81 ? 5224 HOH A O   1 
HETATM 1330 O O   . HOH C 3 .   ? -6.469  -11.486 11.834  1.00 35.04 ? 5225 HOH A O   1 
HETATM 1331 O O   . HOH C 3 .   ? -7.208  -18.268 7.558   1.00 43.64 ? 5226 HOH A O   1 
HETATM 1332 O O   . HOH C 3 .   ? -11.778 1.146   -4.520  1.00 35.05 ? 5227 HOH A O   1 
HETATM 1333 O O   . HOH C 3 .   ? -17.364 -12.593 -4.963  1.00 20.62 ? 5228 HOH A O   1 
HETATM 1334 O O   . HOH C 3 .   ? 3.094   -5.393  10.712  1.00 29.80 ? 5230 HOH A O   1 
HETATM 1335 O O   . HOH C 3 .   ? 0.522   -8.869  10.834  1.00 45.63 ? 5231 HOH A O   1 
HETATM 1336 O O   . HOH C 3 .   ? -3.724  -17.540 6.573   1.00 51.93 ? 5232 HOH A O   1 
HETATM 1337 O O   . HOH C 3 .   ? 7.451   -10.188 9.859   1.00 26.34 ? 5233 HOH A O   1 
HETATM 1338 O O   . HOH C 3 .   ? 10.884  -4.580  12.243  1.00 31.51 ? 5234 HOH A O   1 
HETATM 1339 O O   . HOH C 3 .   ? 5.663   -3.091  -15.332 1.00 36.85 ? 5237 HOH A O   1 
HETATM 1340 O O   . HOH C 3 .   ? 0.659   -12.724 -6.775  1.00 31.53 ? 5238 HOH A O   1 
HETATM 1341 O O   . HOH C 3 .   ? 6.911   3.045   14.500  1.00 25.93 ? 5239 HOH A O   1 
HETATM 1342 O O   . HOH C 3 .   ? 9.751   2.453   13.516  1.00 44.64 ? 5240 HOH A O   1 
HETATM 1343 O O   . HOH C 3 .   ? 16.097  10.714  2.212   1.00 45.92 ? 5241 HOH A O   1 
HETATM 1344 O O   . HOH C 3 .   ? 11.319  -2.157  14.974  1.00 57.52 ? 5242 HOH A O   1 
HETATM 1345 O O   . HOH C 3 .   ? 9.656   -1.626  10.617  1.00 30.19 ? 5243 HOH A O   1 
HETATM 1346 O O   . HOH C 3 .   ? 13.754  13.126  13.533  1.00 54.44 ? 5244 HOH A O   1 
HETATM 1347 O O   . HOH C 3 .   ? 1.612   13.421  -5.883  1.00 33.37 ? 5245 HOH A O   1 
HETATM 1348 O O   . HOH C 3 .   ? -5.496  4.373   13.016  1.00 41.81 ? 5246 HOH A O   1 
HETATM 1349 O O   . HOH C 3 .   ? 10.429  14.196  -7.540  1.00 68.71 ? 5247 HOH A O   1 
HETATM 1350 O O   . HOH C 3 .   ? -11.502 -9.056  -16.594 1.00 57.76 ? 5248 HOH A O   1 
HETATM 1351 O O   . HOH C 3 .   ? -12.647 -3.716  10.192  1.00 52.61 ? 5249 HOH A O   1 
HETATM 1352 O O   . HOH C 3 .   ? -11.627 2.057   -1.625  1.00 42.66 ? 5250 HOH A O   1 
HETATM 1353 O O   . HOH C 3 .   ? -2.405  -14.804 3.417   1.00 25.47 ? 5251 HOH A O   1 
HETATM 1354 O O   . HOH C 3 .   ? -2.372  -13.229 7.707   1.00 36.59 ? 5252 HOH A O   1 
HETATM 1355 O O   . HOH C 3 .   ? 7.101   -10.627 4.460   1.00 17.74 ? 5253 HOH A O   1 
HETATM 1356 O O   . HOH C 3 .   ? 12.008  -2.086  -13.348 1.00 60.53 ? 5254 HOH A O   1 
HETATM 1357 O O   . HOH C 3 .   ? 7.113   -10.323 -17.075 1.00 41.53 ? 5255 HOH A O   1 
HETATM 1358 O O   . HOH C 3 .   ? 2.185   -8.327  -14.639 1.00 49.31 ? 5256 HOH A O   1 
HETATM 1359 O O   . HOH C 3 .   ? 10.216  -8.397  -15.871 1.00 51.72 ? 5257 HOH A O   1 
HETATM 1360 O O   . HOH C 3 .   ? -19.764 -0.852  -2.169  1.00 40.55 ? 5259 HOH A O   1 
HETATM 1361 O O   . HOH C 3 .   ? -9.505  8.984   -7.297  1.00 33.02 ? 5260 HOH A O   1 
HETATM 1362 O O   . HOH C 3 .   ? -9.500  6.389   -10.067 1.00 37.50 ? 5261 HOH A O   1 
HETATM 1363 O O   . HOH C 3 .   ? -16.529 -1.347  -14.993 1.00 56.59 ? 5262 HOH A O   1 
HETATM 1364 O O   . HOH C 3 .   ? -12.836 0.442   -7.578  1.00 29.66 ? 5263 HOH A O   1 
HETATM 1365 O O   . HOH C 3 .   ? 1.245   -4.002  -6.095  1.00 24.12 ? 5264 HOH A O   1 
HETATM 1366 O O   . HOH C 3 .   ? -8.242  -12.184 -16.483 1.00 39.88 ? 5265 HOH A O   1 
HETATM 1367 O O   . HOH C 3 .   ? 25.428  1.039   4.455   1.00 65.35 ? 5266 HOH A O   1 
HETATM 1368 O O   . HOH C 3 .   ? 11.294  4.220   -10.159 1.00 50.14 ? 5267 HOH A O   1 
HETATM 1369 O O   . HOH C 3 .   ? -10.324 4.306   -2.272  1.00 49.10 ? 5268 HOH A O   1 
HETATM 1370 O O   . HOH C 3 .   ? -18.643 -0.993  -9.005  1.00 42.59 ? 5269 HOH A O   1 
HETATM 1371 O O   . HOH C 3 .   ? -16.946 -0.299  -0.897  1.00 50.38 ? 5270 HOH A O   1 
HETATM 1372 O O   . HOH C 3 .   ? -13.415 -18.025 6.749   1.00 51.76 ? 5271 HOH A O   1 
HETATM 1373 O O   . HOH C 3 .   ? 14.095  -5.421  -7.900  1.00 58.66 ? 5272 HOH A O   1 
HETATM 1374 O O   . HOH C 3 .   ? -7.898  14.869  -4.036  1.00 54.13 ? 5273 HOH A O   1 
HETATM 1375 O O   . HOH C 3 .   ? 5.005   21.078  3.137   1.00 40.49 ? 5274 HOH A O   1 
HETATM 1376 O O   . HOH C 3 .   ? -17.543 -12.816 8.284   1.00 44.93 ? 5275 HOH A O   1 
HETATM 1377 O O   . HOH C 3 .   ? -10.732 -2.021  10.065  1.00 30.17 ? 5277 HOH A O   1 
HETATM 1378 O O   . HOH C 3 .   ? -8.742  5.924   0.426   1.00 31.14 ? 5280 HOH A O   1 
HETATM 1379 O O   . HOH C 3 .   ? -19.284 -0.176  3.023   1.00 54.50 ? 5281 HOH A O   1 
HETATM 1380 O O   . HOH C 3 .   ? 2.789   -12.441 -8.803  1.00 39.15 ? 5284 HOH A O   1 
HETATM 1381 O O   . HOH C 3 .   ? 18.516  12.359  -1.883  1.00 45.15 ? 5285 HOH A O   1 
HETATM 1382 O O   . HOH C 3 .   ? 19.241  9.922   4.913   1.00 39.92 ? 5286 HOH A O   1 
HETATM 1383 O O   . HOH C 3 .   ? -16.223 -1.543  1.819   1.00 46.91 ? 5287 HOH A O   1 
HETATM 1384 O O   . HOH C 3 .   ? 2.805   -12.482 9.255   0.00 1.05  ? 5288 HOH A O   1 
HETATM 1385 O O   . HOH D 3 .   ? -14.011 1.003   8.917   1.00 42.11 ? 5215 HOH B O   1 
HETATM 1386 O O   . HOH D 3 .   ? -12.193 10.105  2.768   1.00 27.99 ? 5217 HOH B O   1 
HETATM 1387 O O   . HOH D 3 .   ? -10.308 9.016   7.952   1.00 29.83 ? 5218 HOH B O   1 
HETATM 1388 O O   . HOH D 3 .   ? -9.742  7.177   14.063  1.00 50.01 ? 5220 HOH B O   1 
HETATM 1389 O O   . HOH D 3 .   ? -12.515 6.771   15.689  1.00 42.22 ? 5223 HOH B O   1 
HETATM 1390 O O   . HOH D 3 .   ? -14.480 14.559  2.896   1.00 39.73 ? 5229 HOH B O   1 
HETATM 1391 O O   . HOH D 3 .   ? -14.468 3.391   12.929  1.00 66.59 ? 5235 HOH B O   1 
HETATM 1392 O O   . HOH D 3 .   ? -12.190 8.060   6.598   1.00 42.04 ? 5236 HOH B O   1 
HETATM 1393 O O   . HOH D 3 .   ? -14.586 0.177   13.490  1.00 52.35 ? 5258 HOH B O   1 
HETATM 1394 O O   . HOH D 3 .   ? -12.291 13.554  0.722   1.00 60.54 ? 5276 HOH B O   1 
HETATM 1395 O O   . HOH D 3 .   ? -13.347 3.191   17.962  1.00 58.41 ? 5278 HOH B O   1 
HETATM 1396 O O   . HOH D 3 .   ? -8.079  4.543   16.833  1.00 62.42 ? 5279 HOH B O   1 
HETATM 1397 O O   . HOH D 3 .   ? -19.337 0.939   6.685   1.00 56.55 ? 5282 HOH B O   1 
HETATM 1398 O O   . HOH D 3 .   ? -20.752 2.321   3.754   1.00 55.73 ? 5283 HOH B O   1 
# 
